data_9EYQ
#
_entry.id   9EYQ
#
_cell.length_a   1.00
_cell.length_b   1.00
_cell.length_c   1.00
_cell.angle_alpha   90.00
_cell.angle_beta   90.00
_cell.angle_gamma   90.00
#
_symmetry.space_group_name_H-M   'P 1'
#
loop_
_entity.id
_entity.type
_entity.pdbx_description
1 polymer Actinoporin
2 non-polymer 'Sphingomyelin C18'
#
_entity_poly.entity_id   1
_entity_poly.type   'polypeptide(L)'
_entity_poly.pdbx_seq_one_letter_code
;SELDSENDAADIAAGTIIAGAELTFGLLQNLLYFFANVNRKCAVGVDNESGFRWQEGSTYFFSGTADENLPYSVSDGYAV
LYGPRKTNGPVATGVVGVLAYYIPSIGKTLAVMWSVPFDYNFYQNWWNAKLYSGNQRADYDHYVDLYYNANPFKANGWHE
RSLGSGLKFCGSMSSSGQATLEIHVLKESETCM
;
_entity_poly.pdbx_strand_id   A,B,C,D,E,F,G,H,I
#
loop_
_chem_comp.id
_chem_comp.type
_chem_comp.name
_chem_comp.formula
A1H8M non-polymer 'Sphingomyelin C18' 'C41 H84 N2 O6 P 1'
#
# COMPACT_ATOMS: atom_id res chain seq x y z
N ALA A 13 13.11 13.46 -46.96
CA ALA A 13 12.44 14.62 -46.33
C ALA A 13 12.65 14.63 -44.81
N ALA A 14 12.38 15.76 -44.16
CA ALA A 14 12.68 15.99 -42.74
C ALA A 14 11.96 15.06 -41.75
N GLY A 15 10.85 14.42 -42.13
CA GLY A 15 10.16 13.43 -41.29
C GLY A 15 11.04 12.24 -40.90
N THR A 16 11.97 11.84 -41.77
CA THR A 16 12.99 10.82 -41.47
C THR A 16 13.95 11.29 -40.37
N ILE A 17 14.39 12.55 -40.42
CA ILE A 17 15.32 13.11 -39.42
C ILE A 17 14.63 13.22 -38.05
N ILE A 18 13.36 13.62 -38.01
CA ILE A 18 12.57 13.67 -36.76
C ILE A 18 12.39 12.26 -36.16
N ALA A 19 12.03 11.26 -36.97
CA ALA A 19 11.97 9.88 -36.49
C ALA A 19 13.34 9.35 -36.03
N GLY A 20 14.42 9.73 -36.72
CA GLY A 20 15.79 9.46 -36.30
C GLY A 20 16.16 10.09 -34.96
N ALA A 21 15.65 11.30 -34.65
CA ALA A 21 15.80 11.93 -33.34
C ALA A 21 15.06 11.16 -32.24
N GLU A 22 13.81 10.74 -32.48
CA GLU A 22 13.06 9.92 -31.51
C GLU A 22 13.81 8.62 -31.15
N LEU A 23 14.38 7.93 -32.14
CA LEU A 23 15.23 6.76 -31.91
C LEU A 23 16.52 7.14 -31.17
N THR A 24 17.19 8.22 -31.56
CA THR A 24 18.46 8.64 -30.97
C THR A 24 18.33 8.96 -29.49
N PHE A 25 17.38 9.83 -29.12
CA PHE A 25 17.20 10.21 -27.72
C PHE A 25 16.50 9.12 -26.89
N GLY A 26 15.67 8.27 -27.52
CA GLY A 26 15.13 7.06 -26.89
C GLY A 26 16.22 6.07 -26.46
N LEU A 27 17.22 5.81 -27.32
CA LEU A 27 18.39 4.99 -26.97
C LEU A 27 19.29 5.70 -25.94
N LEU A 28 19.60 6.98 -26.13
CA LEU A 28 20.50 7.71 -25.23
C LEU A 28 19.98 7.77 -23.79
N GLN A 29 18.68 8.02 -23.57
CA GLN A 29 18.10 7.99 -22.23
C GLN A 29 18.31 6.64 -21.54
N ASN A 30 18.11 5.53 -22.25
CA ASN A 30 18.34 4.18 -21.71
C ASN A 30 19.83 3.89 -21.46
N LEU A 31 20.74 4.34 -22.33
CA LEU A 31 22.18 4.17 -22.13
C LEU A 31 22.70 4.94 -20.90
N LEU A 32 22.29 6.21 -20.74
CA LEU A 32 22.66 7.00 -19.56
C LEU A 32 22.03 6.43 -18.28
N TYR A 33 20.77 5.97 -18.34
CA TYR A 33 20.13 5.29 -17.21
C TYR A 33 20.86 4.00 -16.81
N PHE A 34 21.36 3.22 -17.77
CA PHE A 34 22.18 2.05 -17.48
C PHE A 34 23.48 2.41 -16.74
N PHE A 35 24.28 3.36 -17.23
CA PHE A 35 25.50 3.77 -16.52
C PHE A 35 25.24 4.41 -15.16
N ALA A 36 24.10 5.09 -14.97
CA ALA A 36 23.69 5.64 -13.68
C ALA A 36 23.22 4.56 -12.68
N ASN A 37 22.72 3.44 -13.14
CA ASN A 37 22.15 2.35 -12.32
C ASN A 37 23.06 1.12 -12.19
N VAL A 38 24.36 1.24 -12.47
CA VAL A 38 25.35 0.19 -12.19
C VAL A 38 26.06 0.59 -10.92
N ASN A 39 26.01 -0.25 -9.89
CA ASN A 39 26.54 0.09 -8.57
C ASN A 39 27.92 -0.51 -8.36
N ARG A 40 28.89 0.32 -8.02
CA ARG A 40 30.16 -0.06 -7.42
C ARG A 40 30.23 0.58 -6.05
N LYS A 41 30.57 -0.21 -5.05
CA LYS A 41 30.52 0.12 -3.62
C LYS A 41 31.66 -0.59 -2.94
N CYS A 42 32.12 -0.04 -1.84
CA CYS A 42 33.09 -0.67 -0.96
C CYS A 42 32.63 -0.44 0.48
N ALA A 43 32.98 -1.32 1.42
CA ALA A 43 32.71 -1.12 2.84
C ALA A 43 33.90 -1.59 3.65
N VAL A 44 34.71 -0.65 4.17
CA VAL A 44 36.04 -0.91 4.72
C VAL A 44 36.00 -0.95 6.24
N GLY A 45 36.37 -2.09 6.83
CA GLY A 45 36.46 -2.28 8.28
C GLY A 45 37.90 -2.49 8.70
N VAL A 46 38.46 -1.63 9.55
CA VAL A 46 39.86 -1.73 10.02
C VAL A 46 39.87 -1.73 11.54
N ASP A 47 39.90 -2.91 12.13
CA ASP A 47 39.88 -3.11 13.57
C ASP A 47 41.27 -2.83 14.18
N ASN A 48 41.36 -1.84 15.06
CA ASN A 48 42.58 -1.58 15.83
C ASN A 48 42.62 -2.43 17.09
N GLU A 49 43.46 -3.46 17.10
CA GLU A 49 43.90 -4.13 18.33
C GLU A 49 45.43 -4.12 18.45
N SER A 50 46.07 -3.09 17.87
CA SER A 50 47.52 -2.89 17.80
C SER A 50 48.16 -2.46 19.13
N GLY A 51 47.37 -2.10 20.13
CA GLY A 51 47.87 -1.58 21.42
C GLY A 51 48.33 -0.11 21.40
N PHE A 52 48.18 0.58 20.26
CA PHE A 52 48.50 2.00 20.10
C PHE A 52 47.29 2.82 19.67
N ARG A 53 47.24 4.09 20.08
CA ARG A 53 46.27 5.09 19.58
C ARG A 53 46.57 5.44 18.13
N TRP A 54 45.55 5.53 17.27
CA TRP A 54 45.65 6.06 15.91
C TRP A 54 44.92 7.40 15.82
N GLN A 55 45.42 8.37 15.06
CA GLN A 55 44.82 9.71 14.94
C GLN A 55 45.11 10.38 13.59
N GLU A 56 44.45 11.51 13.32
CA GLU A 56 44.64 12.32 12.10
C GLU A 56 44.19 11.62 10.82
N GLY A 57 43.06 10.92 10.91
CA GLY A 57 42.51 10.08 9.84
C GLY A 57 42.31 10.84 8.54
N SER A 58 42.89 10.38 7.44
CA SER A 58 42.91 11.10 6.16
C SER A 58 42.66 10.14 4.99
N THR A 59 42.31 10.68 3.82
CA THR A 59 41.88 9.88 2.66
C THR A 59 42.33 10.47 1.33
N TYR A 60 42.26 9.69 0.27
CA TYR A 60 42.39 10.13 -1.11
C TYR A 60 41.53 9.25 -2.01
N PHE A 61 40.96 9.79 -3.09
CA PHE A 61 40.27 9.01 -4.10
C PHE A 61 40.84 9.27 -5.49
N PHE A 62 41.25 8.20 -6.18
CA PHE A 62 41.50 8.23 -7.61
C PHE A 62 40.17 8.16 -8.38
N SER A 63 39.14 7.51 -7.84
CA SER A 63 37.76 7.54 -8.32
C SER A 63 36.79 7.17 -7.20
N GLY A 64 35.54 7.61 -7.30
CA GLY A 64 34.54 7.42 -6.25
C GLY A 64 34.66 8.42 -5.10
N THR A 65 33.75 8.33 -4.13
CA THR A 65 33.57 9.28 -3.02
C THR A 65 32.93 8.61 -1.81
N ALA A 66 33.05 9.19 -0.61
CA ALA A 66 32.35 8.76 0.59
C ALA A 66 31.52 9.91 1.18
N ASP A 67 30.29 9.64 1.65
CA ASP A 67 29.40 10.68 2.19
C ASP A 67 29.73 11.08 3.65
N GLU A 68 30.14 10.15 4.49
CA GLU A 68 30.48 10.38 5.91
C GLU A 68 31.97 10.74 6.15
N ASN A 69 32.28 11.22 7.35
CA ASN A 69 33.66 11.43 7.80
C ASN A 69 34.29 10.12 8.32
N LEU A 70 35.62 10.05 8.35
CA LEU A 70 36.32 9.14 9.26
C LEU A 70 36.20 9.59 10.73
N PRO A 71 36.35 8.70 11.71
CA PRO A 71 36.76 9.09 13.06
C PRO A 71 38.08 9.86 13.05
N TYR A 72 38.24 10.92 13.84
CA TYR A 72 39.52 11.62 13.97
C TYR A 72 40.58 10.69 14.57
N SER A 73 40.16 9.79 15.47
CA SER A 73 41.05 8.84 16.15
C SER A 73 40.42 7.47 16.34
N VAL A 74 41.25 6.45 16.54
CA VAL A 74 40.84 5.08 16.83
C VAL A 74 41.70 4.56 17.98
N SER A 75 41.15 4.59 19.19
CA SER A 75 41.77 4.02 20.39
C SER A 75 41.79 2.49 20.32
N ASP A 76 42.55 1.85 21.21
CA ASP A 76 42.72 0.39 21.23
C ASP A 76 41.37 -0.34 21.46
N GLY A 77 41.04 -1.33 20.65
CA GLY A 77 39.80 -2.11 20.77
C GLY A 77 38.59 -1.52 20.03
N TYR A 78 38.79 -0.63 19.07
CA TYR A 78 37.74 0.00 18.26
C TYR A 78 38.09 -0.06 16.77
N ALA A 79 37.11 0.11 15.89
CA ALA A 79 37.27 -0.11 14.45
C ALA A 79 36.87 1.11 13.61
N VAL A 80 37.62 1.38 12.54
CA VAL A 80 37.15 2.23 11.43
C VAL A 80 36.07 1.46 10.67
N LEU A 81 34.89 2.04 10.47
CA LEU A 81 33.93 1.60 9.46
C LEU A 81 33.76 2.78 8.48
N TYR A 82 33.96 2.55 7.18
CA TYR A 82 34.00 3.62 6.19
C TYR A 82 33.54 3.11 4.81
N GLY A 83 32.54 3.74 4.19
CA GLY A 83 31.85 3.19 3.01
C GLY A 83 31.92 4.02 1.72
N PRO A 84 33.04 4.00 0.99
CA PRO A 84 33.13 4.54 -0.37
C PRO A 84 32.08 4.01 -1.35
N ARG A 85 31.82 4.74 -2.43
CA ARG A 85 30.94 4.35 -3.54
C ARG A 85 31.34 5.04 -4.84
N LYS A 86 30.87 4.59 -6.00
CA LYS A 86 31.17 5.27 -7.28
C LYS A 86 30.62 6.69 -7.30
N THR A 87 31.19 7.52 -8.16
CA THR A 87 30.63 8.83 -8.47
C THR A 87 29.25 8.68 -9.12
N ASN A 88 28.27 9.45 -8.65
CA ASN A 88 26.86 9.30 -9.00
C ASN A 88 26.56 9.77 -10.44
N GLY A 89 25.44 9.32 -11.00
CA GLY A 89 25.05 9.64 -12.39
C GLY A 89 25.85 8.87 -13.44
N PRO A 90 25.66 9.17 -14.74
CA PRO A 90 26.16 8.38 -15.87
C PRO A 90 27.68 8.18 -16.02
N VAL A 91 28.50 8.64 -15.05
CA VAL A 91 29.96 8.48 -15.15
C VAL A 91 30.38 7.03 -14.90
N ALA A 92 31.10 6.43 -15.90
CA ALA A 92 31.51 5.02 -15.92
C ALA A 92 32.91 4.78 -15.31
N THR A 93 33.07 5.06 -14.01
CA THR A 93 34.28 4.76 -13.24
C THR A 93 33.94 4.20 -11.85
N GLY A 94 34.86 3.43 -11.28
CA GLY A 94 34.63 2.64 -10.07
C GLY A 94 35.03 3.35 -8.77
N VAL A 95 35.34 2.59 -7.72
CA VAL A 95 35.97 3.12 -6.51
C VAL A 95 37.44 2.76 -6.50
N VAL A 96 38.32 3.72 -6.30
CA VAL A 96 39.75 3.48 -6.08
C VAL A 96 40.27 4.54 -5.14
N GLY A 97 40.88 4.17 -4.02
CA GLY A 97 41.23 5.15 -2.99
C GLY A 97 42.18 4.65 -1.93
N VAL A 98 42.58 5.56 -1.04
CA VAL A 98 43.52 5.34 0.06
C VAL A 98 42.94 5.93 1.35
N LEU A 99 43.27 5.31 2.46
CA LEU A 99 42.95 5.70 3.82
C LEU A 99 44.27 5.74 4.61
N ALA A 100 44.44 6.64 5.56
CA ALA A 100 45.63 6.65 6.40
C ALA A 100 45.35 7.18 7.81
N TYR A 101 46.20 6.82 8.75
CA TYR A 101 46.21 7.31 10.13
C TYR A 101 47.65 7.43 10.62
N TYR A 102 47.93 8.34 11.56
CA TYR A 102 49.23 8.48 12.20
C TYR A 102 49.19 7.81 13.59
N ILE A 103 50.26 7.10 13.95
CA ILE A 103 50.36 6.29 15.17
C ILE A 103 51.47 6.87 16.06
N PRO A 104 51.17 7.87 16.91
CA PRO A 104 52.20 8.63 17.61
C PRO A 104 53.04 7.81 18.60
N SER A 105 52.55 6.65 19.06
CA SER A 105 53.30 5.75 19.94
C SER A 105 54.46 5.00 19.25
N ILE A 106 54.50 4.98 17.92
CA ILE A 106 55.51 4.27 17.11
C ILE A 106 56.11 5.13 15.98
N GLY A 107 55.66 6.37 15.81
CA GLY A 107 56.28 7.35 14.91
C GLY A 107 56.06 7.08 13.42
N LYS A 108 54.98 6.39 13.04
CA LYS A 108 54.68 5.93 11.68
C LYS A 108 53.22 6.12 11.30
N THR A 109 52.93 6.11 10.00
CA THR A 109 51.56 6.19 9.48
C THR A 109 51.12 4.89 8.81
N LEU A 110 50.05 4.27 9.35
CA LEU A 110 49.35 3.19 8.69
C LEU A 110 48.63 3.74 7.46
N ALA A 111 48.78 3.10 6.30
CA ALA A 111 48.01 3.39 5.09
C ALA A 111 47.32 2.12 4.60
N VAL A 112 46.09 2.25 4.09
CA VAL A 112 45.26 1.17 3.55
C VAL A 112 44.75 1.59 2.17
N MET A 113 44.71 0.70 1.20
CA MET A 113 44.28 1.00 -0.16
C MET A 113 43.33 -0.07 -0.66
N TRP A 114 42.39 0.30 -1.53
CA TRP A 114 41.50 -0.65 -2.18
C TRP A 114 41.17 -0.20 -3.60
N SER A 115 40.72 -1.13 -4.43
CA SER A 115 40.15 -0.84 -5.74
C SER A 115 38.95 -1.75 -6.01
N VAL A 116 37.90 -1.19 -6.58
CA VAL A 116 36.66 -1.85 -7.01
C VAL A 116 36.28 -1.24 -8.36
N PRO A 117 36.88 -1.69 -9.48
CA PRO A 117 36.80 -1.02 -10.77
C PRO A 117 35.42 -1.10 -11.43
N PHE A 118 35.18 -0.29 -12.45
CA PHE A 118 33.95 -0.34 -13.24
C PHE A 118 34.01 -1.44 -14.30
N ASP A 119 35.07 -1.47 -15.11
CA ASP A 119 35.23 -2.42 -16.21
C ASP A 119 36.02 -3.68 -15.82
N TYR A 120 35.30 -4.73 -15.42
CA TYR A 120 35.88 -6.02 -15.06
C TYR A 120 36.46 -6.82 -16.24
N ASN A 121 36.30 -6.38 -17.49
CA ASN A 121 36.96 -7.05 -18.63
C ASN A 121 38.48 -6.84 -18.63
N PHE A 122 39.02 -5.83 -17.90
CA PHE A 122 40.45 -5.49 -17.87
C PHE A 122 41.06 -5.38 -16.46
N TYR A 123 40.23 -5.28 -15.43
CA TYR A 123 40.66 -5.02 -14.05
C TYR A 123 39.94 -5.94 -13.04
N GLN A 124 40.44 -6.00 -11.81
CA GLN A 124 39.88 -6.80 -10.71
C GLN A 124 39.99 -6.05 -9.38
N ASN A 125 39.29 -6.51 -8.33
CA ASN A 125 39.41 -5.93 -7.00
C ASN A 125 40.80 -6.21 -6.40
N TRP A 126 41.39 -5.22 -5.73
CA TRP A 126 42.68 -5.31 -5.03
C TRP A 126 42.60 -4.58 -3.70
N TRP A 127 43.51 -4.89 -2.79
CA TRP A 127 43.74 -4.13 -1.56
C TRP A 127 45.19 -4.23 -1.11
N ASN A 128 45.62 -3.37 -0.20
CA ASN A 128 46.95 -3.42 0.39
C ASN A 128 46.98 -2.63 1.71
N ALA A 129 48.03 -2.79 2.50
CA ALA A 129 48.33 -1.89 3.61
C ALA A 129 49.85 -1.80 3.86
N LYS A 130 50.32 -0.67 4.41
CA LYS A 130 51.72 -0.43 4.81
C LYS A 130 51.81 0.49 6.01
N LEU A 131 52.96 0.50 6.67
CA LEU A 131 53.27 1.36 7.81
C LEU A 131 54.49 2.23 7.45
N TYR A 132 54.24 3.42 6.88
CA TYR A 132 55.27 4.36 6.39
C TYR A 132 55.93 5.20 7.49
N SER A 133 57.15 5.66 7.24
CA SER A 133 57.93 6.52 8.15
C SER A 133 57.32 7.91 8.33
N GLY A 134 57.30 8.41 9.57
CA GLY A 134 56.83 9.76 9.89
C GLY A 134 55.33 9.97 9.68
N ASN A 135 54.91 11.22 9.50
CA ASN A 135 53.52 11.60 9.24
C ASN A 135 53.37 12.07 7.78
N GLN A 136 52.54 11.38 7.01
CA GLN A 136 52.27 11.61 5.59
C GLN A 136 50.81 11.21 5.30
N ARG A 137 49.93 12.17 5.05
CA ARG A 137 48.51 11.90 4.74
C ARG A 137 48.33 11.30 3.35
N ALA A 138 47.27 10.52 3.17
CA ALA A 138 46.97 9.79 1.94
C ALA A 138 46.94 10.69 0.69
N ASP A 139 47.57 10.25 -0.41
CA ASP A 139 47.71 11.00 -1.65
C ASP A 139 47.99 10.07 -2.85
N TYR A 140 48.21 10.64 -4.04
CA TYR A 140 48.46 9.86 -5.25
C TYR A 140 49.77 9.04 -5.19
N ASP A 141 50.80 9.51 -4.48
CA ASP A 141 52.02 8.72 -4.29
C ASP A 141 51.76 7.50 -3.39
N HIS A 142 50.95 7.62 -2.33
CA HIS A 142 50.53 6.44 -1.56
C HIS A 142 49.71 5.47 -2.43
N TYR A 143 48.81 5.96 -3.29
CA TYR A 143 48.08 5.08 -4.19
C TYR A 143 49.02 4.31 -5.13
N VAL A 144 49.91 4.99 -5.84
CA VAL A 144 50.83 4.34 -6.79
C VAL A 144 51.81 3.40 -6.08
N ASP A 145 52.31 3.77 -4.90
CA ASP A 145 53.14 2.86 -4.12
C ASP A 145 52.39 1.63 -3.62
N LEU A 146 51.16 1.76 -3.13
CA LEU A 146 50.38 0.60 -2.65
C LEU A 146 49.84 -0.27 -3.80
N TYR A 147 49.62 0.27 -5.00
CA TYR A 147 48.99 -0.44 -6.11
C TYR A 147 49.97 -0.95 -7.17
N TYR A 148 51.09 -0.28 -7.41
CA TYR A 148 52.08 -0.68 -8.43
C TYR A 148 53.44 -1.08 -7.83
N ASN A 149 54.02 -0.29 -6.93
CA ASN A 149 55.40 -0.52 -6.49
C ASN A 149 55.53 -1.58 -5.36
N ALA A 150 54.57 -1.64 -4.44
CA ALA A 150 54.40 -2.74 -3.51
C ALA A 150 53.71 -3.95 -4.19
N ASN A 151 53.58 -5.07 -3.47
CA ASN A 151 52.86 -6.26 -3.94
C ASN A 151 51.45 -6.30 -3.33
N PRO A 152 50.40 -5.85 -4.05
CA PRO A 152 49.04 -5.82 -3.53
C PRO A 152 48.41 -7.21 -3.46
N PHE A 153 47.37 -7.36 -2.65
CA PHE A 153 46.57 -8.58 -2.58
C PHE A 153 45.37 -8.46 -3.52
N LYS A 154 45.04 -9.54 -4.21
CA LYS A 154 43.76 -9.67 -4.94
C LYS A 154 42.64 -10.08 -4.00
N ALA A 155 41.39 -9.88 -4.42
CA ALA A 155 40.23 -10.14 -3.58
C ALA A 155 39.81 -11.62 -3.61
N ASN A 156 40.53 -12.48 -2.90
CA ASN A 156 40.14 -13.87 -2.71
C ASN A 156 40.51 -14.39 -1.31
N GLY A 157 39.74 -13.99 -0.30
CA GLY A 157 39.86 -14.49 1.06
C GLY A 157 41.11 -14.02 1.80
N TRP A 158 41.34 -14.59 2.98
CA TRP A 158 42.24 -14.01 3.98
C TRP A 158 43.73 -14.08 3.61
N HIS A 159 44.43 -12.97 3.79
CA HIS A 159 45.89 -12.79 3.70
C HIS A 159 46.43 -12.18 4.99
N GLU A 160 47.67 -12.48 5.35
CA GLU A 160 48.32 -11.96 6.57
C GLU A 160 49.78 -11.58 6.30
N ARG A 161 50.24 -10.43 6.80
CA ARG A 161 51.60 -9.90 6.60
C ARG A 161 52.07 -9.05 7.77
N SER A 162 53.37 -9.05 8.05
CA SER A 162 53.99 -8.11 8.99
C SER A 162 53.98 -6.68 8.44
N LEU A 163 53.72 -5.68 9.29
CA LEU A 163 53.94 -4.27 8.99
C LEU A 163 55.37 -3.82 9.33
N GLY A 164 56.13 -4.63 10.07
CA GLY A 164 57.30 -4.19 10.82
C GLY A 164 56.92 -3.45 12.10
N SER A 165 57.93 -2.95 12.84
CA SER A 165 57.76 -2.18 14.08
C SER A 165 56.85 -2.83 15.14
N GLY A 166 56.83 -4.17 15.20
CA GLY A 166 56.08 -4.96 16.18
C GLY A 166 54.63 -5.26 15.80
N LEU A 167 54.17 -4.83 14.63
CA LEU A 167 52.78 -4.97 14.18
C LEU A 167 52.65 -5.85 12.94
N LYS A 168 51.47 -6.46 12.79
CA LYS A 168 51.05 -7.19 11.58
C LYS A 168 49.58 -6.88 11.29
N PHE A 169 49.12 -7.32 10.13
CA PHE A 169 47.69 -7.32 9.84
C PHE A 169 47.26 -8.62 9.18
N CYS A 170 45.99 -8.96 9.35
CA CYS A 170 45.32 -10.04 8.66
C CYS A 170 43.99 -9.53 8.16
N GLY A 171 43.64 -9.81 6.92
CA GLY A 171 42.45 -9.23 6.31
C GLY A 171 42.05 -9.92 5.02
N SER A 172 40.89 -9.55 4.49
CA SER A 172 40.30 -10.14 3.30
C SER A 172 39.46 -9.12 2.54
N MET A 173 39.20 -9.41 1.28
CA MET A 173 38.30 -8.60 0.45
C MET A 173 37.40 -9.49 -0.39
N SER A 174 36.13 -9.16 -0.48
CA SER A 174 35.17 -9.80 -1.38
C SER A 174 35.46 -9.50 -2.86
N SER A 175 35.29 -10.49 -3.73
CA SER A 175 35.46 -10.35 -5.19
C SER A 175 34.27 -9.68 -5.90
N SER A 176 33.20 -9.36 -5.19
CA SER A 176 31.98 -8.75 -5.71
C SER A 176 32.18 -7.32 -6.24
N GLY A 177 31.27 -6.85 -7.10
CA GLY A 177 31.18 -5.42 -7.47
C GLY A 177 30.68 -4.50 -6.36
N GLN A 178 30.04 -5.05 -5.31
CA GLN A 178 29.79 -4.35 -4.06
C GLN A 178 30.60 -5.04 -2.96
N ALA A 179 31.80 -4.55 -2.66
CA ALA A 179 32.80 -5.36 -1.97
C ALA A 179 32.85 -5.02 -0.48
N THR A 180 32.83 -6.04 0.38
CA THR A 180 33.20 -5.84 1.79
C THR A 180 34.69 -6.08 1.94
N LEU A 181 35.39 -5.24 2.71
CA LEU A 181 36.82 -5.33 2.98
C LEU A 181 37.01 -5.31 4.50
N GLU A 182 37.77 -6.24 5.05
CA GLU A 182 38.01 -6.33 6.48
C GLU A 182 39.48 -6.56 6.78
N ILE A 183 40.04 -5.80 7.71
CA ILE A 183 41.41 -5.92 8.18
C ILE A 183 41.41 -5.85 9.70
N HIS A 184 42.15 -6.73 10.36
CA HIS A 184 42.48 -6.63 11.78
C HIS A 184 43.96 -6.28 11.88
N VAL A 185 44.30 -5.20 12.59
CA VAL A 185 45.69 -4.76 12.78
C VAL A 185 46.08 -5.03 14.22
N LEU A 186 47.13 -5.83 14.42
CA LEU A 186 47.42 -6.47 15.72
C LEU A 186 48.91 -6.70 15.96
N LYS A 187 49.27 -6.92 17.22
CA LYS A 187 50.65 -7.21 17.64
C LYS A 187 51.13 -8.54 17.04
N GLU A 188 52.42 -8.65 16.71
CA GLU A 188 52.98 -9.87 16.09
C GLU A 188 52.92 -11.13 16.96
N SER A 189 52.65 -11.01 18.26
CA SER A 189 52.48 -12.13 19.20
C SER A 189 51.03 -12.61 19.38
N GLU A 190 50.08 -12.21 18.52
CA GLU A 190 48.64 -12.49 18.68
C GLU A 190 47.96 -13.08 17.42
N THR A 191 46.76 -13.65 17.58
CA THR A 191 46.06 -14.45 16.55
C THR A 191 44.70 -13.84 16.18
N CYS A 192 44.37 -13.85 14.89
CA CYS A 192 43.27 -13.10 14.30
C CYS A 192 41.86 -13.65 14.62
N MET A 193 40.84 -12.81 14.46
CA MET A 193 39.40 -13.12 14.65
C MET A 193 39.13 -13.97 15.88
N ALA B 13 6.18 21.52 -45.35
CA ALA B 13 4.86 21.95 -44.83
C ALA B 13 4.87 22.00 -43.30
N ALA B 14 3.88 22.67 -42.70
CA ALA B 14 3.82 22.95 -41.26
C ALA B 14 3.76 21.71 -40.34
N GLY B 15 3.36 20.54 -40.83
CA GLY B 15 3.37 19.28 -40.06
C GLY B 15 4.76 18.90 -39.56
N THR B 16 5.81 19.23 -40.31
CA THR B 16 7.22 19.08 -39.88
C THR B 16 7.53 19.97 -38.68
N ILE B 17 7.09 21.23 -38.69
CA ILE B 17 7.33 22.19 -37.61
C ILE B 17 6.61 21.76 -36.33
N ILE B 18 5.37 21.26 -36.44
CA ILE B 18 4.62 20.72 -35.30
C ILE B 18 5.31 19.49 -34.70
N ALA B 19 5.75 18.54 -35.52
CA ALA B 19 6.53 17.40 -35.03
C ALA B 19 7.87 17.83 -34.41
N GLY B 20 8.52 18.85 -34.98
CA GLY B 20 9.71 19.47 -34.39
C GLY B 20 9.45 20.12 -33.03
N ALA B 21 8.27 20.70 -32.81
CA ALA B 21 7.86 21.22 -31.51
C ALA B 21 7.67 20.09 -30.48
N GLU B 22 7.00 18.99 -30.85
CA GLU B 22 6.86 17.82 -29.96
C GLU B 22 8.21 17.27 -29.49
N LEU B 23 9.19 17.15 -30.40
CA LEU B 23 10.56 16.78 -30.05
C LEU B 23 11.23 17.84 -29.17
N THR B 24 11.09 19.12 -29.51
CA THR B 24 11.75 20.22 -28.78
C THR B 24 11.30 20.29 -27.33
N PHE B 25 9.99 20.33 -27.09
CA PHE B 25 9.46 20.43 -25.72
C PHE B 25 9.53 19.10 -24.96
N GLY B 26 9.50 17.96 -25.66
CA GLY B 26 9.79 16.64 -25.08
C GLY B 26 11.22 16.54 -24.51
N LEU B 27 12.24 17.02 -25.25
CA LEU B 27 13.61 17.10 -24.75
C LEU B 27 13.75 18.16 -23.65
N LEU B 28 13.20 19.36 -23.82
CA LEU B 28 13.33 20.44 -22.83
C LEU B 28 12.75 20.07 -21.46
N GLN B 29 11.58 19.42 -21.40
CA GLN B 29 11.01 18.96 -20.13
C GLN B 29 11.97 18.01 -19.40
N ASN B 30 12.58 17.06 -20.11
CA ASN B 30 13.57 16.14 -19.53
C ASN B 30 14.87 16.84 -19.10
N LEU B 31 15.36 17.81 -19.86
CA LEU B 31 16.56 18.58 -19.50
C LEU B 31 16.33 19.43 -18.23
N LEU B 32 15.21 20.14 -18.13
CA LEU B 32 14.87 20.92 -16.95
C LEU B 32 14.63 19.99 -15.73
N TYR B 33 13.97 18.85 -15.92
CA TYR B 33 13.79 17.85 -14.87
C TYR B 33 15.12 17.30 -14.36
N PHE B 34 16.10 17.06 -15.25
CA PHE B 34 17.45 16.67 -14.84
C PHE B 34 18.14 17.72 -13.97
N PHE B 35 18.19 18.99 -14.37
CA PHE B 35 18.80 20.03 -13.55
C PHE B 35 18.05 20.28 -12.23
N ALA B 36 16.73 20.07 -12.18
CA ALA B 36 15.95 20.16 -10.95
C ALA B 36 16.18 18.96 -9.99
N ASN B 37 16.54 17.80 -10.50
CA ASN B 37 16.71 16.57 -9.73
C ASN B 37 18.18 16.18 -9.47
N VAL B 38 19.13 17.11 -9.61
CA VAL B 38 20.52 16.91 -9.19
C VAL B 38 20.70 17.59 -7.86
N ASN B 39 21.09 16.85 -6.83
CA ASN B 39 21.14 17.37 -5.46
C ASN B 39 22.56 17.76 -5.08
N ARG B 40 22.74 18.99 -4.65
CA ARG B 40 23.90 19.46 -3.90
C ARG B 40 23.41 19.93 -2.54
N LYS B 41 24.06 19.47 -1.49
CA LYS B 41 23.68 19.61 -0.09
C LYS B 41 24.95 19.75 0.73
N CYS B 42 24.83 20.39 1.87
CA CYS B 42 25.89 20.46 2.86
C CYS B 42 25.25 20.26 4.24
N ALA B 43 25.97 19.74 5.22
CA ALA B 43 25.50 19.64 6.59
C ALA B 43 26.64 19.98 7.55
N VAL B 44 26.61 21.18 8.14
CA VAL B 44 27.74 21.79 8.85
C VAL B 44 27.58 21.65 10.35
N GLY B 45 28.52 20.97 11.00
CA GLY B 45 28.57 20.79 12.45
C GLY B 45 29.77 21.51 13.04
N VAL B 46 29.57 22.48 13.93
CA VAL B 46 30.65 23.25 14.56
C VAL B 46 30.51 23.17 16.08
N ASP B 47 31.23 22.24 16.69
CA ASP B 47 31.20 21.99 18.12
C ASP B 47 32.02 23.05 18.87
N ASN B 48 31.38 23.82 19.75
CA ASN B 48 32.07 24.74 20.64
C ASN B 48 32.52 24.03 21.92
N GLU B 49 33.81 23.77 22.04
CA GLU B 49 34.45 23.46 23.33
C GLU B 49 35.61 24.42 23.61
N SER B 50 35.50 25.65 23.09
CA SER B 50 36.50 26.72 23.19
C SER B 50 36.59 27.38 24.58
N GLY B 51 35.64 27.11 25.48
CA GLY B 51 35.56 27.74 26.80
C GLY B 51 34.99 29.17 26.81
N PHE B 52 34.55 29.68 25.66
CA PHE B 52 33.91 31.00 25.51
C PHE B 52 32.51 30.88 24.92
N ARG B 53 31.62 31.80 25.30
CA ARG B 53 30.29 32.00 24.68
C ARG B 53 30.44 32.55 23.27
N TRP B 54 29.70 32.02 22.30
CA TRP B 54 29.57 32.58 20.95
C TRP B 54 28.16 33.16 20.76
N GLN B 55 28.01 34.27 20.04
CA GLN B 55 26.71 34.93 19.83
C GLN B 55 26.64 35.71 18.52
N GLU B 56 25.45 36.19 18.15
CA GLU B 56 25.20 37.01 16.95
C GLU B 56 25.42 36.25 15.64
N GLY B 57 24.99 34.99 15.61
CA GLY B 57 25.21 34.08 14.49
C GLY B 57 24.70 34.61 13.16
N SER B 58 25.55 34.69 12.15
CA SER B 58 25.24 35.32 10.87
C SER B 58 25.76 34.51 9.70
N THR B 59 25.27 34.77 8.48
CA THR B 59 25.56 33.94 7.29
C THR B 59 25.68 34.77 6.02
N TYR B 60 26.22 34.18 4.97
CA TYR B 60 26.18 34.68 3.60
C TYR B 60 26.17 33.52 2.63
N PHE B 61 25.49 33.65 1.48
CA PHE B 61 25.56 32.67 0.40
C PHE B 61 25.97 33.31 -0.90
N PHE B 62 27.02 32.79 -1.53
CA PHE B 62 27.34 33.05 -2.92
C PHE B 62 26.45 32.21 -3.84
N SER B 63 26.02 31.02 -3.41
CA SER B 63 24.99 30.19 -4.05
C SER B 63 24.36 29.22 -3.04
N GLY B 64 23.14 28.78 -3.29
CA GLY B 64 22.39 27.95 -2.36
C GLY B 64 21.73 28.73 -1.22
N THR B 65 21.00 28.02 -0.36
CA THR B 65 20.15 28.57 0.71
C THR B 65 19.96 27.59 1.85
N ALA B 66 19.57 28.04 3.03
CA ALA B 66 19.18 27.18 4.16
C ALA B 66 17.75 27.51 4.63
N ASP B 67 16.94 26.51 4.96
CA ASP B 67 15.55 26.70 5.38
C ASP B 67 15.40 27.13 6.86
N GLU B 68 16.23 26.62 7.76
CA GLU B 68 16.20 26.93 9.20
C GLU B 68 17.08 28.13 9.60
N ASN B 69 16.89 28.63 10.83
CA ASN B 69 17.78 29.63 11.43
C ASN B 69 19.03 28.99 12.04
N LEU B 70 20.10 29.78 12.23
CA LEU B 70 21.13 29.47 13.23
C LEU B 70 20.60 29.65 14.65
N PRO B 71 21.18 28.99 15.67
CA PRO B 71 21.11 29.46 17.05
C PRO B 71 21.64 30.90 17.17
N TYR B 72 21.01 31.77 17.96
CA TYR B 72 21.54 33.12 18.23
C TYR B 72 22.87 33.03 18.96
N SER B 73 23.04 32.02 19.82
CA SER B 73 24.24 31.80 20.62
C SER B 73 24.61 30.33 20.75
N VAL B 74 25.89 30.07 21.07
CA VAL B 74 26.41 28.72 21.33
C VAL B 74 27.29 28.80 22.58
N SER B 75 26.72 28.41 23.71
CA SER B 75 27.44 28.28 24.98
C SER B 75 28.43 27.12 24.95
N ASP B 76 29.34 27.05 25.92
CA ASP B 76 30.39 26.03 25.99
C ASP B 76 29.80 24.61 26.07
N GLY B 77 30.26 23.66 25.25
CA GLY B 77 29.79 22.28 25.24
C GLY B 77 28.56 22.01 24.36
N TYR B 78 28.24 22.89 23.42
CA TYR B 78 27.12 22.76 22.48
C TYR B 78 27.58 23.02 21.04
N ALA B 79 26.80 22.58 20.04
CA ALA B 79 27.21 22.60 18.64
C ALA B 79 26.21 23.34 17.74
N VAL B 80 26.72 24.09 16.76
CA VAL B 80 25.93 24.50 15.59
C VAL B 80 25.67 23.29 14.72
N LEU B 81 24.42 22.99 14.38
CA LEU B 81 24.05 22.12 13.27
C LEU B 81 23.28 22.98 12.26
N TYR B 82 23.71 23.01 11.00
CA TYR B 82 23.15 23.92 10.00
C TYR B 82 23.27 23.33 8.58
N GLY B 83 22.16 23.21 7.83
CA GLY B 83 22.09 22.43 6.59
C GLY B 83 21.76 23.18 5.31
N PRO B 84 22.69 23.92 4.71
CA PRO B 84 22.56 24.47 3.37
C PRO B 84 22.19 23.45 2.28
N ARG B 85 21.63 23.92 1.17
CA ARG B 85 21.31 23.13 -0.03
C ARG B 85 21.31 24.00 -1.28
N LYS B 86 21.35 23.42 -2.49
CA LYS B 86 21.27 24.21 -3.73
C LYS B 86 19.95 24.96 -3.84
N THR B 87 19.95 26.02 -4.64
CA THR B 87 18.72 26.70 -5.04
C THR B 87 17.81 25.74 -5.84
N ASN B 88 16.53 25.70 -5.50
CA ASN B 88 15.58 24.72 -6.01
C ASN B 88 15.19 24.97 -7.47
N GLY B 89 14.68 23.95 -8.16
CA GLY B 89 14.32 24.03 -9.58
C GLY B 89 15.52 24.01 -10.52
N PRO B 90 15.32 24.20 -11.84
CA PRO B 90 16.32 23.96 -12.89
C PRO B 90 17.63 24.78 -12.87
N VAL B 91 17.86 25.59 -11.81
CA VAL B 91 19.09 26.40 -11.74
C VAL B 91 20.31 25.54 -11.42
N ALA B 92 21.34 25.58 -12.32
CA ALA B 92 22.55 24.76 -12.28
C ALA B 92 23.71 25.41 -11.50
N THR B 93 23.53 25.66 -10.20
CA THR B 93 24.58 26.15 -9.28
C THR B 93 24.53 25.42 -7.93
N GLY B 94 25.67 25.36 -7.25
CA GLY B 94 25.88 24.53 -6.06
C GLY B 94 25.61 25.26 -4.75
N VAL B 95 26.21 24.80 -3.65
CA VAL B 95 26.24 25.54 -2.38
C VAL B 95 27.59 26.19 -2.20
N VAL B 96 27.64 27.48 -1.91
CA VAL B 96 28.87 28.18 -1.53
C VAL B 96 28.50 29.28 -0.55
N GLY B 97 29.08 29.30 0.64
CA GLY B 97 28.63 30.22 1.68
C GLY B 97 29.57 30.37 2.86
N VAL B 98 29.21 31.28 3.76
CA VAL B 98 29.96 31.63 4.98
C VAL B 98 29.02 31.64 6.17
N LEU B 99 29.56 31.32 7.33
CA LEU B 99 28.93 31.33 8.64
C LEU B 99 29.84 32.14 9.57
N ALA B 100 29.30 32.88 10.52
CA ALA B 100 30.12 33.59 11.49
C ALA B 100 29.43 33.73 12.85
N TYR B 101 30.21 33.95 13.89
CA TYR B 101 29.78 34.25 15.26
C TYR B 101 30.75 35.23 15.91
N TYR B 102 30.30 36.05 16.85
CA TYR B 102 31.14 36.93 17.64
C TYR B 102 31.40 36.31 19.02
N ILE B 103 32.64 36.41 19.51
CA ILE B 103 33.10 35.77 20.75
C ILE B 103 33.50 36.88 21.74
N PRO B 104 32.55 37.40 22.55
CA PRO B 104 32.79 38.60 23.35
C PRO B 104 33.86 38.44 24.44
N SER B 105 34.17 37.21 24.86
CA SER B 105 35.23 36.93 25.84
C SER B 105 36.66 37.13 25.30
N ILE B 106 36.84 37.21 23.98
CA ILE B 106 38.15 37.36 23.31
C ILE B 106 38.17 38.47 22.24
N GLY B 107 37.05 39.15 22.00
CA GLY B 107 37.00 40.35 21.15
C GLY B 107 37.14 40.10 19.66
N LYS B 108 36.80 38.90 19.17
CA LYS B 108 36.99 38.45 17.79
C LYS B 108 35.78 37.69 17.24
N THR B 109 35.70 37.57 15.92
CA THR B 109 34.65 36.80 15.24
C THR B 109 35.20 35.56 14.55
N LEU B 110 34.73 34.38 14.97
CA LEU B 110 34.94 33.14 14.25
C LEU B 110 34.17 33.18 12.94
N ALA B 111 34.79 32.85 11.81
CA ALA B 111 34.14 32.66 10.53
C ALA B 111 34.46 31.27 9.97
N VAL B 112 33.50 30.63 9.32
CA VAL B 112 33.59 29.30 8.71
C VAL B 112 33.08 29.39 7.28
N MET B 113 33.71 28.73 6.32
CA MET B 113 33.33 28.78 4.91
C MET B 113 33.33 27.38 4.32
N TRP B 114 32.46 27.12 3.36
CA TRP B 114 32.44 25.86 2.60
C TRP B 114 32.04 26.09 1.15
N SER B 115 32.37 25.14 0.30
CA SER B 115 31.89 25.07 -1.07
C SER B 115 31.57 23.63 -1.46
N VAL B 116 30.45 23.44 -2.16
CA VAL B 116 29.97 22.17 -2.71
C VAL B 116 29.44 22.49 -4.11
N PRO B 117 30.29 22.57 -5.14
CA PRO B 117 29.93 23.12 -6.45
C PRO B 117 28.98 22.22 -7.26
N PHE B 118 28.39 22.77 -8.31
CA PHE B 118 27.55 22.00 -9.24
C PHE B 118 28.40 21.25 -10.26
N ASP B 119 29.31 21.95 -10.95
CA ASP B 119 30.14 21.38 -12.01
C ASP B 119 31.52 20.89 -11.51
N TYR B 120 31.60 19.59 -11.18
CA TYR B 120 32.82 18.95 -10.73
C TYR B 120 33.90 18.75 -11.83
N ASN B 121 33.62 19.07 -13.10
CA ASN B 121 34.65 19.04 -14.14
C ASN B 121 35.70 20.17 -13.97
N PHE B 122 35.39 21.24 -13.20
CA PHE B 122 36.26 22.41 -13.01
C PHE B 122 36.52 22.79 -11.54
N TYR B 123 35.72 22.27 -10.61
CA TYR B 123 35.74 22.66 -9.19
C TYR B 123 35.69 21.45 -8.26
N GLN B 124 35.99 21.64 -6.98
CA GLN B 124 35.95 20.60 -5.94
C GLN B 124 35.42 21.18 -4.61
N ASN B 125 35.08 20.31 -3.66
CA ASN B 125 34.67 20.75 -2.33
C ASN B 125 35.85 21.38 -1.56
N TRP B 126 35.61 22.48 -0.85
CA TRP B 126 36.58 23.18 0.00
C TRP B 126 35.93 23.61 1.30
N TRP B 127 36.74 23.89 2.31
CA TRP B 127 36.30 24.55 3.55
C TRP B 127 37.44 25.36 4.16
N ASN B 128 37.13 26.24 5.10
CA ASN B 128 38.13 27.02 5.84
C ASN B 128 37.51 27.56 7.13
N ALA B 129 38.34 28.05 8.05
CA ALA B 129 37.89 28.87 9.18
C ALA B 129 38.97 29.89 9.60
N LYS B 130 38.56 31.02 10.18
CA LYS B 130 39.43 32.07 10.73
C LYS B 130 38.80 32.77 11.92
N LEU B 131 39.62 33.46 12.70
CA LEU B 131 39.19 34.26 13.86
C LEU B 131 39.61 35.72 13.63
N TYR B 132 38.72 36.52 13.02
CA TYR B 132 38.96 37.91 12.63
C TYR B 132 38.83 38.92 13.79
N SER B 133 39.50 40.06 13.67
CA SER B 133 39.45 41.16 14.65
C SER B 133 38.09 41.85 14.73
N GLY B 134 37.63 42.15 15.96
CA GLY B 134 36.38 42.88 16.19
C GLY B 134 35.12 42.09 15.81
N ASN B 135 34.03 42.80 15.56
CA ASN B 135 32.74 42.24 15.14
C ASN B 135 32.48 42.60 13.66
N GLN B 136 32.35 41.57 12.81
CA GLN B 136 32.14 41.67 11.37
C GLN B 136 31.32 40.46 10.93
N ARG B 137 30.04 40.66 10.56
CA ARG B 137 29.16 39.57 10.09
C ARG B 137 29.54 39.08 8.70
N ALA B 138 29.23 37.81 8.41
CA ALA B 138 29.60 37.14 7.17
C ALA B 138 29.13 37.89 5.91
N ASP B 139 30.00 38.02 4.90
CA ASP B 139 29.75 38.76 3.66
C ASP B 139 30.68 38.28 2.52
N TYR B 140 30.60 38.93 1.36
CA TYR B 140 31.42 38.56 0.19
C TYR B 140 32.93 38.76 0.42
N ASP B 141 33.34 39.73 1.23
CA ASP B 141 34.76 39.87 1.58
C ASP B 141 35.25 38.72 2.46
N HIS B 142 34.45 38.24 3.42
CA HIS B 142 34.81 37.01 4.15
C HIS B 142 34.86 35.79 3.22
N TYR B 143 33.96 35.65 2.25
CA TYR B 143 34.04 34.56 1.28
C TYR B 143 35.35 34.62 0.47
N VAL B 144 35.67 35.76 -0.16
CA VAL B 144 36.87 35.89 -0.97
C VAL B 144 38.15 35.74 -0.13
N ASP B 145 38.19 36.27 1.08
CA ASP B 145 39.34 36.05 1.97
C ASP B 145 39.49 34.60 2.41
N LEU B 146 38.41 33.89 2.75
CA LEU B 146 38.51 32.48 3.14
C LEU B 146 38.76 31.53 1.96
N TYR B 147 38.36 31.88 0.74
CA TYR B 147 38.44 30.99 -0.43
C TYR B 147 39.62 31.28 -1.36
N TYR B 148 40.07 32.53 -1.49
CA TYR B 148 41.19 32.90 -2.37
C TYR B 148 42.42 33.42 -1.62
N ASN B 149 42.28 34.35 -0.66
CA ASN B 149 43.44 35.01 -0.06
C ASN B 149 44.09 34.21 1.08
N ALA B 150 43.31 33.51 1.89
CA ALA B 150 43.79 32.48 2.81
C ALA B 150 44.09 31.15 2.08
N ASN B 151 44.63 30.16 2.80
CA ASN B 151 44.89 28.82 2.27
C ASN B 151 43.77 27.86 2.71
N PRO B 152 42.75 27.58 1.87
CA PRO B 152 41.64 26.71 2.23
C PRO B 152 42.03 25.24 2.25
N PHE B 153 41.25 24.42 2.94
CA PHE B 153 41.40 22.97 2.93
C PHE B 153 40.50 22.36 1.87
N LYS B 154 41.00 21.35 1.15
CA LYS B 154 40.18 20.49 0.28
C LYS B 154 39.48 19.40 1.09
N ALA B 155 38.44 18.80 0.53
CA ALA B 155 37.64 17.81 1.23
C ALA B 155 38.25 16.41 1.18
N ASN B 156 39.28 16.16 1.98
CA ASN B 156 39.84 14.81 2.15
C ASN B 156 40.32 14.57 3.60
N GLY B 157 39.38 14.34 4.50
CA GLY B 157 39.65 13.95 5.88
C GLY B 157 40.24 15.04 6.75
N TRP B 158 40.66 14.70 7.96
CA TRP B 158 40.88 15.64 9.04
C TRP B 158 42.10 16.54 8.84
N HIS B 159 41.92 17.84 9.09
CA HIS B 159 42.93 18.90 9.16
C HIS B 159 42.83 19.63 10.50
N GLU B 160 43.93 20.17 11.01
CA GLU B 160 43.98 20.91 12.28
C GLU B 160 44.88 22.14 12.17
N ARG B 161 44.45 23.30 12.70
CA ARG B 161 45.19 24.57 12.64
C ARG B 161 44.88 25.45 13.86
N SER B 162 45.85 26.26 14.28
CA SER B 162 45.64 27.32 15.27
C SER B 162 44.77 28.46 14.70
N LEU B 163 43.85 29.01 15.50
CA LEU B 163 43.16 30.27 15.20
C LEU B 163 43.94 31.49 15.70
N GLY B 164 44.96 31.30 16.54
CA GLY B 164 45.50 32.33 17.40
C GLY B 164 44.62 32.59 18.62
N SER B 165 45.00 33.56 19.46
CA SER B 165 44.26 33.99 20.66
C SER B 165 43.87 32.84 21.62
N GLY B 166 44.70 31.79 21.70
CA GLY B 166 44.53 30.65 22.60
C GLY B 166 43.65 29.51 22.06
N LEU B 167 43.14 29.63 20.83
CA LEU B 167 42.20 28.67 20.24
C LEU B 167 42.79 27.98 19.00
N LYS B 168 42.29 26.78 18.73
CA LYS B 168 42.53 26.02 17.49
C LYS B 168 41.26 25.35 17.03
N PHE B 169 41.28 24.78 15.84
CA PHE B 169 40.22 23.89 15.38
C PHE B 169 40.79 22.66 14.69
N CYS B 170 40.02 21.59 14.72
CA CYS B 170 40.26 20.36 13.98
C CYS B 170 38.95 19.94 13.32
N GLY B 171 39.00 19.59 12.05
CA GLY B 171 37.78 19.32 11.30
C GLY B 171 38.03 18.61 9.98
N SER B 172 36.96 18.19 9.32
CA SER B 172 36.99 17.44 8.08
C SER B 172 35.79 17.74 7.21
N MET B 173 35.89 17.44 5.93
CA MET B 173 34.77 17.54 4.99
C MET B 173 34.73 16.33 4.07
N SER B 174 33.55 15.78 3.82
CA SER B 174 33.32 14.75 2.83
C SER B 174 33.50 15.25 1.39
N SER B 175 34.08 14.42 0.52
CA SER B 175 34.27 14.72 -0.91
C SER B 175 33.01 14.54 -1.76
N SER B 176 31.90 14.07 -1.18
CA SER B 176 30.64 13.80 -1.85
C SER B 176 29.94 15.07 -2.37
N GLY B 177 29.03 14.91 -3.34
CA GLY B 177 28.09 15.97 -3.75
C GLY B 177 27.01 16.30 -2.71
N GLN B 178 26.77 15.40 -1.74
CA GLN B 178 26.00 15.72 -0.53
C GLN B 178 26.94 15.62 0.67
N ALA B 179 27.53 16.75 1.09
CA ALA B 179 28.75 16.71 1.90
C ALA B 179 28.43 16.91 3.38
N THR B 180 28.96 16.07 4.25
CA THR B 180 28.98 16.37 5.69
C THR B 180 30.26 17.12 6.02
N LEU B 181 30.19 18.16 6.85
CA LEU B 181 31.32 18.97 7.28
C LEU B 181 31.30 19.02 8.81
N GLU B 182 32.42 18.76 9.45
CA GLU B 182 32.51 18.74 10.91
C GLU B 182 33.76 19.48 11.38
N ILE B 183 33.61 20.36 12.36
CA ILE B 183 34.69 21.11 12.99
C ILE B 183 34.49 21.07 14.49
N HIS B 184 35.55 20.82 15.24
CA HIS B 184 35.61 21.03 16.70
C HIS B 184 36.50 22.23 16.96
N VAL B 185 36.01 23.23 17.68
CA VAL B 185 36.78 24.44 18.02
C VAL B 185 37.10 24.39 19.51
N LEU B 186 38.39 24.42 19.84
CA LEU B 186 38.89 24.03 21.17
C LEU B 186 40.16 24.78 21.59
N LYS B 187 40.45 24.76 22.88
CA LYS B 187 41.65 25.38 23.46
C LYS B 187 42.93 24.70 22.95
N GLU B 188 44.01 25.44 22.76
CA GLU B 188 45.28 24.90 22.23
C GLU B 188 45.94 23.83 23.10
N SER B 189 45.54 23.67 24.37
CA SER B 189 46.02 22.64 25.31
C SER B 189 45.20 21.35 25.33
N GLU B 190 44.31 21.11 24.35
CA GLU B 190 43.36 19.96 24.36
C GLU B 190 43.34 19.16 23.03
N THR B 191 42.78 17.95 23.06
CA THR B 191 42.83 16.95 21.98
C THR B 191 41.45 16.59 21.44
N CYS B 192 41.33 16.46 20.12
CA CYS B 192 40.06 16.37 19.39
C CYS B 192 39.30 15.04 19.56
N MET B 193 38.00 15.05 19.28
CA MET B 193 37.08 13.89 19.29
C MET B 193 37.29 12.98 20.50
N ALA C 13 -4.42 23.26 -44.69
CA ALA C 13 -5.76 22.73 -44.33
C ALA C 13 -5.93 22.68 -42.81
N ALA C 14 -7.17 22.53 -42.34
CA ALA C 14 -7.54 22.63 -40.92
C ALA C 14 -6.89 21.59 -39.99
N GLY C 15 -6.40 20.45 -40.51
CA GLY C 15 -5.68 19.44 -39.72
C GLY C 15 -4.41 20.00 -39.05
N THR C 16 -3.74 20.96 -39.69
CA THR C 16 -2.61 21.71 -39.09
C THR C 16 -3.06 22.53 -37.88
N ILE C 17 -4.20 23.21 -37.97
CA ILE C 17 -4.73 24.05 -36.88
C ILE C 17 -5.14 23.18 -35.68
N ILE C 18 -5.76 22.02 -35.93
CA ILE C 18 -6.11 21.06 -34.87
C ILE C 18 -4.86 20.50 -34.17
N ALA C 19 -3.83 20.10 -34.93
CA ALA C 19 -2.56 19.67 -34.33
C ALA C 19 -1.87 20.83 -33.56
N GLY C 20 -1.96 22.06 -34.07
CA GLY C 20 -1.50 23.26 -33.38
C GLY C 20 -2.24 23.50 -32.05
N ALA C 21 -3.54 23.20 -31.98
CA ALA C 21 -4.31 23.25 -30.74
C ALA C 21 -3.85 22.20 -29.72
N GLU C 22 -3.62 20.95 -30.15
CA GLU C 22 -3.09 19.90 -29.26
C GLU C 22 -1.74 20.31 -28.63
N LEU C 23 -0.83 20.89 -29.42
CA LEU C 23 0.43 21.44 -28.91
C LEU C 23 0.18 22.63 -27.98
N THR C 24 -0.70 23.57 -28.35
CA THR C 24 -0.96 24.79 -27.58
C THR C 24 -1.51 24.47 -26.18
N PHE C 25 -2.56 23.65 -26.09
CA PHE C 25 -3.16 23.32 -24.80
C PHE C 25 -2.34 22.28 -24.02
N GLY C 26 -1.56 21.43 -24.69
CA GLY C 26 -0.56 20.57 -24.06
C GLY C 26 0.53 21.35 -23.33
N LEU C 27 1.08 22.40 -23.95
CA LEU C 27 2.03 23.31 -23.30
C LEU C 27 1.36 24.15 -22.20
N LEU C 28 0.19 24.73 -22.46
CA LEU C 28 -0.48 25.59 -21.48
C LEU C 28 -0.84 24.85 -20.18
N GLN C 29 -1.33 23.61 -20.24
CA GLN C 29 -1.60 22.81 -19.04
C GLN C 29 -0.33 22.64 -18.19
N ASN C 30 0.81 22.34 -18.81
CA ASN C 30 2.09 22.22 -18.10
C ASN C 30 2.60 23.55 -17.54
N LEU C 31 2.45 24.67 -18.26
CA LEU C 31 2.84 25.99 -17.77
C LEU C 31 2.00 26.44 -16.55
N LEU C 32 0.68 26.27 -16.60
CA LEU C 32 -0.19 26.58 -15.47
C LEU C 32 0.07 25.64 -14.27
N TYR C 33 0.32 24.34 -14.52
CA TYR C 33 0.72 23.40 -13.48
C TYR C 33 2.05 23.79 -12.81
N PHE C 34 3.02 24.27 -13.57
CA PHE C 34 4.28 24.79 -13.01
C PHE C 34 4.04 25.99 -12.08
N PHE C 35 3.32 27.03 -12.50
CA PHE C 35 3.04 28.18 -11.62
C PHE C 35 2.17 27.82 -10.41
N ALA C 36 1.29 26.81 -10.51
CA ALA C 36 0.52 26.31 -9.38
C ALA C 36 1.36 25.48 -8.38
N ASN C 37 2.42 24.84 -8.82
CA ASN C 37 3.27 23.95 -8.01
C ASN C 37 4.61 24.57 -7.58
N VAL C 38 4.75 25.89 -7.63
CA VAL C 38 5.91 26.58 -7.05
C VAL C 38 5.47 27.14 -5.72
N ASN C 39 6.14 26.76 -4.64
CA ASN C 39 5.71 27.10 -3.28
C ASN C 39 6.52 28.28 -2.75
N ARG C 40 5.83 29.32 -2.31
CA ARG C 40 6.36 30.38 -1.44
C ARG C 40 5.55 30.34 -0.16
N LYS C 41 6.24 30.34 0.96
CA LYS C 41 5.72 30.12 2.31
C LYS C 41 6.52 30.97 3.27
N CYS C 42 5.91 31.34 4.38
CA CYS C 42 6.57 32.00 5.48
C CYS C 42 6.08 31.35 6.78
N ALA C 43 6.87 31.35 7.85
CA ALA C 43 6.41 30.90 9.16
C ALA C 43 6.98 31.82 10.24
N VAL C 44 6.14 32.69 10.80
CA VAL C 44 6.55 33.84 11.62
C VAL C 44 6.37 33.52 13.09
N GLY C 45 7.46 33.56 13.86
CA GLY C 45 7.46 33.37 15.31
C GLY C 45 7.87 34.65 16.02
N VAL C 46 7.01 35.21 16.87
CA VAL C 46 7.29 36.46 17.61
C VAL C 46 7.08 36.21 19.09
N ASP C 47 8.16 35.91 19.80
CA ASP C 47 8.16 35.61 21.22
C ASP C 47 8.04 36.91 22.04
N ASN C 48 6.98 37.04 22.83
CA ASN C 48 6.82 38.13 23.78
C ASN C 48 7.49 37.80 25.11
N GLU C 49 8.64 38.40 25.39
CA GLU C 49 9.20 38.49 26.74
C GLU C 49 9.45 39.95 27.14
N SER C 50 8.63 40.87 26.60
CA SER C 50 8.71 42.32 26.79
C SER C 50 8.22 42.80 28.17
N GLY C 51 7.57 41.93 28.95
CA GLY C 51 6.98 42.29 30.25
C GLY C 51 5.64 43.04 30.17
N PHE C 52 5.09 43.22 28.96
CA PHE C 52 3.79 43.84 28.73
C PHE C 52 2.84 42.90 27.98
N ARG C 53 1.53 43.02 28.24
CA ARG C 53 0.46 42.37 27.47
C ARG C 53 0.36 42.98 26.07
N TRP C 54 0.22 42.16 25.04
CA TRP C 54 -0.10 42.60 23.67
C TRP C 54 -1.53 42.17 23.31
N GLN C 55 -2.28 42.97 22.56
CA GLN C 55 -3.67 42.67 22.19
C GLN C 55 -4.09 43.31 20.86
N GLU C 56 -5.27 42.94 20.36
CA GLU C 56 -5.86 43.49 19.12
C GLU C 56 -5.08 43.13 17.85
N GLY C 57 -4.60 41.88 17.80
CA GLY C 57 -3.74 41.39 16.73
C GLY C 57 -4.34 41.55 15.34
N SER C 58 -3.64 42.22 14.43
CA SER C 58 -4.15 42.58 13.11
C SER C 58 -3.12 42.35 12.02
N THR C 59 -3.54 42.32 10.75
CA THR C 59 -2.67 41.94 9.62
C THR C 59 -2.99 42.72 8.36
N TYR C 60 -2.10 42.67 7.38
CA TYR C 60 -2.31 43.12 6.02
C TYR C 60 -1.48 42.28 5.06
N PHE C 61 -1.97 42.02 3.85
CA PHE C 61 -1.19 41.36 2.80
C PHE C 61 -1.15 42.20 1.54
N PHE C 62 0.06 42.51 1.05
CA PHE C 62 0.26 42.99 -0.31
C PHE C 62 0.21 41.83 -1.30
N SER C 63 0.59 40.62 -0.90
CA SER C 63 0.39 39.36 -1.64
C SER C 63 0.43 38.16 -0.70
N GLY C 64 -0.22 37.06 -1.08
CA GLY C 64 -0.35 35.89 -0.23
C GLY C 64 -1.46 36.00 0.81
N THR C 65 -1.65 34.94 1.59
CA THR C 65 -2.76 34.77 2.55
C THR C 65 -2.39 33.80 3.67
N ALA C 66 -3.09 33.84 4.80
CA ALA C 66 -2.97 32.87 5.89
C ALA C 66 -4.31 32.19 6.18
N ASP C 67 -4.33 30.89 6.44
CA ASP C 67 -5.57 30.13 6.69
C ASP C 67 -6.10 30.28 8.14
N GLU C 68 -5.22 30.36 9.13
CA GLU C 68 -5.60 30.49 10.56
C GLU C 68 -5.72 31.95 11.03
N ASN C 69 -6.29 32.14 12.22
CA ASN C 69 -6.32 33.43 12.91
C ASN C 69 -5.01 33.70 13.67
N LEU C 70 -4.71 34.97 13.96
CA LEU C 70 -3.82 35.32 15.08
C LEU C 70 -4.49 35.04 16.43
N PRO C 71 -3.73 34.84 17.52
CA PRO C 71 -4.21 35.07 18.88
C PRO C 71 -4.73 36.52 19.03
N TYR C 72 -5.85 36.74 19.73
CA TYR C 72 -6.33 38.10 20.04
C TYR C 72 -5.32 38.83 20.92
N SER C 73 -4.64 38.11 21.81
CA SER C 73 -3.65 38.65 22.74
C SER C 73 -2.44 37.74 22.94
N VAL C 74 -1.34 38.31 23.40
CA VAL C 74 -0.11 37.60 23.75
C VAL C 74 0.40 38.13 25.09
N SER C 75 0.09 37.40 26.15
CA SER C 75 0.60 37.68 27.50
C SER C 75 2.11 37.41 27.60
N ASP C 76 2.74 37.87 28.67
CA ASP C 76 4.19 37.74 28.88
C ASP C 76 4.63 36.27 28.91
N GLY C 77 5.66 35.88 28.17
CA GLY C 77 6.18 34.52 28.12
C GLY C 77 5.50 33.58 27.12
N TYR C 78 4.80 34.12 26.13
CA TYR C 78 4.11 33.37 25.07
C TYR C 78 4.44 33.94 23.68
N ALA C 79 4.21 33.17 22.62
CA ALA C 79 4.65 33.53 21.27
C ALA C 79 3.52 33.52 20.24
N VAL C 80 3.52 34.49 19.32
CA VAL C 80 2.77 34.38 18.06
C VAL C 80 3.44 33.33 17.19
N LEU C 81 2.69 32.33 16.71
CA LEU C 81 3.08 31.49 15.58
C LEU C 81 2.04 31.72 14.47
N TYR C 82 2.47 32.09 13.27
CA TYR C 82 1.57 32.50 12.19
C TYR C 82 2.18 32.21 10.81
N GLY C 83 1.48 31.47 9.94
CA GLY C 83 2.05 30.89 8.72
C GLY C 83 1.43 31.34 7.39
N PRO C 84 1.74 32.54 6.90
CA PRO C 84 1.41 32.96 5.54
C PRO C 84 1.88 32.01 4.43
N ARG C 85 1.28 32.09 3.25
CA ARG C 85 1.65 31.34 2.04
C ARG C 85 1.22 32.09 0.78
N LYS C 86 1.74 31.74 -0.40
CA LYS C 86 1.31 32.37 -1.66
C LYS C 86 -0.17 32.12 -1.94
N THR C 87 -0.76 32.99 -2.74
CA THR C 87 -2.10 32.76 -3.29
C THR C 87 -2.10 31.50 -4.18
N ASN C 88 -3.09 30.63 -3.99
CA ASN C 88 -3.15 29.30 -4.58
C ASN C 88 -3.47 29.34 -6.09
N GLY C 89 -3.14 28.27 -6.81
CA GLY C 89 -3.33 28.19 -8.27
C GLY C 89 -2.29 28.98 -9.06
N PRO C 90 -2.44 29.09 -10.40
CA PRO C 90 -1.43 29.60 -11.32
C PRO C 90 -0.94 31.06 -11.16
N VAL C 91 -1.38 31.77 -10.10
CA VAL C 91 -0.97 33.17 -9.90
C VAL C 91 0.49 33.25 -9.43
N ALA C 92 1.34 34.00 -10.21
CA ALA C 92 2.79 34.12 -10.01
C ALA C 92 3.19 35.32 -9.11
N THR C 93 2.76 35.31 -7.85
CA THR C 93 3.16 36.29 -6.83
C THR C 93 3.45 35.62 -5.48
N GLY C 94 4.30 36.26 -4.67
CA GLY C 94 4.86 35.67 -3.45
C GLY C 94 4.06 35.99 -2.19
N VAL C 95 4.71 35.94 -1.02
CA VAL C 95 4.14 36.45 0.23
C VAL C 95 4.75 37.80 0.56
N VAL C 96 3.93 38.82 0.83
CA VAL C 96 4.39 40.11 1.34
C VAL C 96 3.31 40.66 2.25
N GLY C 97 3.62 40.98 3.50
CA GLY C 97 2.59 41.34 4.46
C GLY C 97 3.10 41.98 5.74
N VAL C 98 2.17 42.40 6.58
CA VAL C 98 2.40 43.07 7.86
C VAL C 98 1.55 42.41 8.94
N LEU C 99 2.04 42.43 10.16
CA LEU C 99 1.43 41.97 11.39
C LEU C 99 1.52 43.11 12.41
N ALA C 100 0.54 43.28 13.27
CA ALA C 100 0.62 44.29 14.32
C ALA C 100 -0.14 43.89 15.59
N TYR C 101 0.23 44.49 16.71
CA TYR C 101 -0.43 44.36 18.01
C TYR C 101 -0.37 45.69 18.75
N TYR C 102 -1.33 45.98 19.63
CA TYR C 102 -1.31 47.15 20.49
C TYR C 102 -0.87 46.75 21.90
N ILE C 103 -0.04 47.58 22.53
CA ILE C 103 0.60 47.30 23.82
C ILE C 103 0.11 48.35 24.84
N PRO C 104 -1.03 48.12 25.52
CA PRO C 104 -1.69 49.14 26.32
C PRO C 104 -0.88 49.62 27.53
N SER C 105 0.09 48.84 28.01
CA SER C 105 0.99 49.24 29.11
C SER C 105 2.02 50.33 28.73
N ILE C 106 2.23 50.58 27.44
CA ILE C 106 3.21 51.57 26.92
C ILE C 106 2.63 52.50 25.84
N GLY C 107 1.35 52.33 25.46
CA GLY C 107 0.63 53.28 24.60
C GLY C 107 1.06 53.27 23.12
N LYS C 108 1.60 52.15 22.63
CA LYS C 108 2.18 52.01 21.29
C LYS C 108 1.79 50.70 20.61
N THR C 109 1.93 50.63 19.30
CA THR C 109 1.69 49.41 18.51
C THR C 109 2.96 48.84 17.91
N LEU C 110 3.31 47.61 18.29
CA LEU C 110 4.34 46.83 17.63
C LEU C 110 3.84 46.45 16.23
N ALA C 111 4.64 46.66 15.19
CA ALA C 111 4.40 46.18 13.84
C ALA C 111 5.57 45.34 13.35
N VAL C 112 5.30 44.27 12.60
CA VAL C 112 6.28 43.35 12.03
C VAL C 112 5.97 43.17 10.55
N MET C 113 6.97 43.11 9.68
CA MET C 113 6.79 43.00 8.24
C MET C 113 7.74 41.95 7.67
N TRP C 114 7.33 41.27 6.62
CA TRP C 114 8.19 40.33 5.89
C TRP C 114 7.88 40.34 4.40
N SER C 115 8.82 39.86 3.61
CA SER C 115 8.63 39.59 2.19
C SER C 115 9.33 38.30 1.79
N VAL C 116 8.68 37.49 0.97
CA VAL C 116 9.16 36.24 0.39
C VAL C 116 8.69 36.21 -1.07
N PRO C 117 9.40 36.89 -2.00
CA PRO C 117 8.90 37.17 -3.34
C PRO C 117 8.83 35.93 -4.24
N PHE C 118 8.13 36.04 -5.37
CA PHE C 118 8.07 34.96 -6.37
C PHE C 118 9.30 34.99 -7.28
N ASP C 119 9.63 36.15 -7.87
CA ASP C 119 10.73 36.30 -8.81
C ASP C 119 12.05 36.75 -8.15
N TYR C 120 12.89 35.78 -7.80
CA TYR C 120 14.19 36.03 -7.20
C TYR C 120 15.25 36.62 -8.16
N ASN C 121 14.97 36.77 -9.46
CA ASN C 121 15.87 37.46 -10.38
C ASN C 121 15.94 38.98 -10.10
N PHE C 122 14.95 39.56 -9.39
CA PHE C 122 14.86 41.02 -9.12
C PHE C 122 14.67 41.38 -7.64
N TYR C 123 14.29 40.43 -6.80
CA TYR C 123 13.92 40.66 -5.39
C TYR C 123 14.56 39.62 -4.46
N GLN C 124 14.54 39.88 -3.15
CA GLN C 124 15.06 38.99 -2.10
C GLN C 124 14.17 39.03 -0.86
N ASN C 125 14.36 38.08 0.06
CA ASN C 125 13.63 38.08 1.33
C ASN C 125 14.06 39.27 2.22
N TRP C 126 13.11 39.92 2.88
CA TRP C 126 13.33 41.02 3.82
C TRP C 126 12.42 40.87 5.03
N TRP C 127 12.76 41.54 6.13
CA TRP C 127 11.88 41.70 7.29
C TRP C 127 12.18 43.00 8.02
N ASN C 128 11.29 43.43 8.91
CA ASN C 128 11.49 44.61 9.74
C ASN C 128 10.55 44.57 10.94
N ALA C 129 10.77 45.42 11.94
CA ALA C 129 9.81 45.70 12.99
C ALA C 129 9.94 47.14 13.52
N LYS C 130 8.86 47.72 14.03
CA LYS C 130 8.81 49.05 14.66
C LYS C 130 7.75 49.12 15.76
N LEU C 131 7.86 50.13 16.62
CA LEU C 131 6.92 50.40 17.70
C LEU C 131 6.33 51.80 17.51
N TYR C 132 5.20 51.91 16.78
CA TYR C 132 4.53 53.15 16.40
C TYR C 132 3.69 53.77 17.51
N SER C 133 3.48 55.09 17.46
CA SER C 133 2.66 55.85 18.41
C SER C 133 1.16 55.51 18.32
N GLY C 134 0.50 55.38 19.47
CA GLY C 134 -0.94 55.14 19.56
C GLY C 134 -1.37 53.76 19.05
N ASN C 135 -2.64 53.63 18.66
CA ASN C 135 -3.22 52.42 18.10
C ASN C 135 -3.50 52.61 16.60
N GLN C 136 -2.87 51.79 15.75
CA GLN C 136 -2.94 51.82 14.30
C GLN C 136 -2.76 50.38 13.78
N ARG C 137 -3.83 49.76 13.27
CA ARG C 137 -3.77 48.40 12.72
C ARG C 137 -3.03 48.33 11.39
N ALA C 138 -2.43 47.18 11.09
CA ALA C 138 -1.60 46.96 9.91
C ALA C 138 -2.31 47.32 8.59
N ASP C 139 -1.63 48.03 7.68
CA ASP C 139 -2.16 48.52 6.42
C ASP C 139 -1.04 48.81 5.40
N TYR C 140 -1.39 49.33 4.22
CA TYR C 140 -0.42 49.63 3.17
C TYR C 140 0.59 50.73 3.56
N ASP C 141 0.22 51.70 4.39
CA ASP C 141 1.18 52.68 4.90
C ASP C 141 2.20 52.04 5.86
N HIS C 142 1.80 51.11 6.73
CA HIS C 142 2.77 50.33 7.51
C HIS C 142 3.68 49.50 6.61
N TYR C 143 3.18 48.88 5.55
CA TYR C 143 4.03 48.15 4.62
C TYR C 143 5.07 49.06 3.96
N VAL C 144 4.65 50.18 3.36
CA VAL C 144 5.58 51.09 2.69
C VAL C 144 6.56 51.73 3.66
N ASP C 145 6.14 52.10 4.87
CA ASP C 145 7.06 52.60 5.88
C ASP C 145 8.06 51.54 6.36
N LEU C 146 7.66 50.29 6.59
CA LEU C 146 8.58 49.23 7.01
C LEU C 146 9.50 48.74 5.89
N TYR C 147 9.10 48.83 4.62
CA TYR C 147 9.83 48.26 3.48
C TYR C 147 10.64 49.29 2.68
N TYR C 148 10.21 50.55 2.59
CA TYR C 148 10.91 51.60 1.84
C TYR C 148 11.46 52.73 2.72
N ASN C 149 10.67 53.29 3.63
CA ASN C 149 11.08 54.51 4.35
C ASN C 149 11.97 54.23 5.57
N ALA C 150 11.74 53.14 6.30
CA ALA C 150 12.67 52.60 7.29
C ALA C 150 13.81 51.80 6.62
N ASN C 151 14.77 51.34 7.40
CA ASN C 151 15.88 50.50 6.94
C ASN C 151 15.59 49.02 7.27
N PRO C 152 15.08 48.22 6.32
CA PRO C 152 14.74 46.82 6.56
C PRO C 152 15.97 45.92 6.65
N PHE C 153 15.82 44.76 7.26
CA PHE C 153 16.85 43.74 7.29
C PHE C 153 16.66 42.76 6.14
N LYS C 154 17.75 42.33 5.50
CA LYS C 154 17.76 41.21 4.56
C LYS C 154 17.83 39.88 5.31
N ALA C 155 17.47 38.79 4.64
CA ALA C 155 17.42 37.47 5.26
C ALA C 155 18.79 36.78 5.30
N ASN C 156 19.66 37.19 6.22
CA ASN C 156 20.92 36.49 6.48
C ASN C 156 21.30 36.53 7.97
N GLY C 157 20.63 35.68 8.76
CA GLY C 157 20.95 35.47 10.17
C GLY C 157 20.62 36.65 11.08
N TRP C 158 21.04 36.57 12.34
CA TRP C 158 20.50 37.38 13.42
C TRP C 158 20.89 38.86 13.35
N HIS C 159 19.90 39.73 13.55
CA HIS C 159 20.00 41.19 13.73
C HIS C 159 19.31 41.61 15.03
N GLU C 160 19.78 42.68 15.65
CA GLU C 160 19.22 43.21 16.90
C GLU C 160 19.13 44.74 16.88
N ARG C 161 18.03 45.32 17.34
CA ARG C 161 17.78 46.78 17.35
C ARG C 161 16.86 47.19 18.50
N SER C 162 17.06 48.40 19.03
CA SER C 162 16.11 49.03 19.97
C SER C 162 14.79 49.40 19.28
N LEU C 163 13.66 49.19 19.96
CA LEU C 163 12.36 49.74 19.56
C LEU C 163 12.12 51.16 20.12
N GLY C 164 12.95 51.59 21.08
CA GLY C 164 12.63 52.69 21.98
C GLY C 164 11.65 52.25 23.09
N SER C 165 11.26 53.20 23.94
CA SER C 165 10.29 52.98 25.05
C SER C 165 10.63 51.79 25.98
N GLY C 166 11.92 51.51 26.17
CA GLY C 166 12.44 50.46 27.06
C GLY C 166 12.53 49.06 26.45
N LEU C 167 12.19 48.90 25.16
CA LEU C 167 12.13 47.60 24.48
C LEU C 167 13.15 47.51 23.33
N LYS C 168 13.56 46.29 23.02
CA LYS C 168 14.34 45.93 21.84
C LYS C 168 13.84 44.63 21.24
N PHE C 169 14.34 44.28 20.07
CA PHE C 169 14.14 42.96 19.50
C PHE C 169 15.42 42.40 18.91
N CYS C 170 15.50 41.09 18.87
CA CYS C 170 16.55 40.33 18.18
C CYS C 170 15.88 39.22 17.38
N GLY C 171 16.26 39.05 16.13
CA GLY C 171 15.56 38.13 15.25
C GLY C 171 16.34 37.81 13.98
N SER C 172 15.85 36.85 13.21
CA SER C 172 16.49 36.37 11.99
C SER C 172 15.45 35.89 10.99
N MET C 173 15.85 35.79 9.73
CA MET C 173 15.02 35.23 8.67
C MET C 173 15.85 34.33 7.77
N SER C 174 15.31 33.17 7.40
CA SER C 174 15.89 32.28 6.39
C SER C 174 15.86 32.87 4.98
N SER C 175 16.91 32.65 4.20
CA SER C 175 17.00 33.09 2.80
C SER C 175 16.24 32.20 1.80
N SER C 176 15.64 31.11 2.27
CA SER C 176 14.90 30.14 1.46
C SER C 176 13.62 30.70 0.83
N GLY C 177 13.12 30.06 -0.23
CA GLY C 177 11.76 30.32 -0.76
C GLY C 177 10.62 29.83 0.14
N GLN C 178 10.91 28.92 1.10
CA GLN C 178 10.01 28.61 2.20
C GLN C 178 10.67 29.07 3.50
N ALA C 179 10.36 30.27 3.97
CA ALA C 179 11.24 30.96 4.92
C ALA C 179 10.72 30.83 6.35
N THR C 180 11.58 30.46 7.29
CA THR C 180 11.25 30.61 8.72
C THR C 180 11.73 31.99 9.18
N LEU C 181 10.93 32.70 9.97
CA LEU C 181 11.24 34.01 10.52
C LEU C 181 11.04 33.93 12.04
N GLU C 182 12.00 34.42 12.81
CA GLU C 182 11.94 34.37 14.26
C GLU C 182 12.38 35.69 14.87
N ILE C 183 11.61 36.23 15.80
CA ILE C 183 11.90 37.46 16.54
C ILE C 183 11.62 37.21 18.01
N HIS C 184 12.52 37.64 18.88
CA HIS C 184 12.28 37.74 20.33
C HIS C 184 12.19 39.22 20.67
N VAL C 185 11.10 39.64 21.32
CA VAL C 185 10.89 41.04 21.73
C VAL C 185 11.02 41.12 23.24
N LEU C 186 11.95 41.94 23.72
CA LEU C 186 12.45 41.86 25.10
C LEU C 186 12.91 43.22 25.65
N LYS C 187 13.01 43.32 26.97
CA LYS C 187 13.49 44.51 27.67
C LYS C 187 14.94 44.82 27.32
N GLU C 188 15.32 46.10 27.25
CA GLU C 188 16.68 46.51 26.88
C GLU C 188 17.80 46.05 27.84
N SER C 189 17.45 45.60 29.05
CA SER C 189 18.38 45.05 30.05
C SER C 189 18.58 43.53 30.00
N GLU C 190 18.13 42.84 28.94
CA GLU C 190 18.14 41.36 28.85
C GLU C 190 18.76 40.80 27.54
N THR C 191 19.09 39.52 27.53
CA THR C 191 19.89 38.85 26.47
C THR C 191 19.11 37.71 25.78
N CYS C 192 19.23 37.62 24.46
CA CYS C 192 18.38 36.79 23.59
C CYS C 192 18.63 35.28 23.70
N MET C 193 17.66 34.47 23.26
CA MET C 193 17.68 33.01 23.20
C MET C 193 18.30 32.36 24.44
N ALA D 13 -13.72 17.87 -45.28
CA ALA D 13 -14.43 16.59 -45.07
C ALA D 13 -14.70 16.35 -43.58
N ALA D 14 -15.59 15.43 -43.25
CA ALA D 14 -16.08 15.18 -41.88
C ALA D 14 -15.01 14.73 -40.87
N GLY D 15 -13.87 14.19 -41.31
CA GLY D 15 -12.74 13.82 -40.43
C GLY D 15 -12.20 15.00 -39.63
N THR D 16 -12.24 16.21 -40.19
CA THR D 16 -11.90 17.46 -39.49
C THR D 16 -12.88 17.75 -38.35
N ILE D 17 -14.18 17.56 -38.58
CA ILE D 17 -15.23 17.80 -37.57
C ILE D 17 -15.11 16.81 -36.41
N ILE D 18 -14.83 15.54 -36.71
CA ILE D 18 -14.58 14.50 -35.69
C ILE D 18 -13.34 14.83 -34.84
N ALA D 19 -12.22 15.20 -35.46
CA ALA D 19 -11.04 15.65 -34.72
C ALA D 19 -11.31 16.93 -33.90
N GLY D 20 -12.11 17.85 -34.43
CA GLY D 20 -12.61 19.02 -33.70
C GLY D 20 -13.47 18.66 -32.48
N ALA D 21 -14.27 17.61 -32.55
CA ALA D 21 -15.01 17.08 -31.41
C ALA D 21 -14.08 16.51 -30.33
N GLU D 22 -13.08 15.71 -30.71
CA GLU D 22 -12.10 15.18 -29.75
C GLU D 22 -11.38 16.31 -28.97
N LEU D 23 -10.98 17.38 -29.66
CA LEU D 23 -10.41 18.58 -29.02
C LEU D 23 -11.45 19.28 -28.14
N THR D 24 -12.68 19.47 -28.63
CA THR D 24 -13.74 20.19 -27.91
C THR D 24 -14.08 19.51 -26.58
N PHE D 25 -14.38 18.22 -26.60
CA PHE D 25 -14.76 17.50 -25.38
C PHE D 25 -13.55 17.18 -24.49
N GLY D 26 -12.35 17.04 -25.06
CA GLY D 26 -11.10 16.97 -24.31
C GLY D 26 -10.83 18.23 -23.46
N LEU D 27 -11.01 19.43 -24.04
CA LEU D 27 -10.92 20.69 -23.30
C LEU D 27 -12.08 20.84 -22.30
N LEU D 28 -13.33 20.57 -22.70
CA LEU D 28 -14.49 20.75 -21.81
C LEU D 28 -14.42 19.88 -20.55
N GLN D 29 -13.99 18.61 -20.65
CA GLN D 29 -13.82 17.75 -19.47
C GLN D 29 -12.82 18.37 -18.48
N ASN D 30 -11.69 18.90 -18.96
CA ASN D 30 -10.70 19.57 -18.11
C ASN D 30 -11.21 20.90 -17.51
N LEU D 31 -11.97 21.69 -18.26
CA LEU D 31 -12.57 22.94 -17.76
C LEU D 31 -13.61 22.67 -16.65
N LEU D 32 -14.50 21.70 -16.84
CA LEU D 32 -15.49 21.33 -15.83
C LEU D 32 -14.79 20.71 -14.59
N TYR D 33 -13.76 19.88 -14.79
CA TYR D 33 -12.97 19.34 -13.69
C TYR D 33 -12.26 20.43 -12.88
N PHE D 34 -11.75 21.47 -13.54
CA PHE D 34 -11.17 22.63 -12.84
C PHE D 34 -12.20 23.35 -11.96
N PHE D 35 -13.37 23.73 -12.48
CA PHE D 35 -14.40 24.39 -11.66
C PHE D 35 -14.95 23.48 -10.55
N ALA D 36 -14.98 22.16 -10.73
CA ALA D 36 -15.37 21.21 -9.69
C ALA D 36 -14.30 21.04 -8.59
N ASN D 37 -13.04 21.24 -8.89
CA ASN D 37 -11.90 21.04 -7.98
C ASN D 37 -11.31 22.34 -7.41
N VAL D 38 -12.03 23.46 -7.46
CA VAL D 38 -11.65 24.69 -6.76
C VAL D 38 -12.46 24.77 -5.50
N ASN D 39 -11.81 24.82 -4.34
CA ASN D 39 -12.50 24.74 -3.05
C ASN D 39 -12.69 26.14 -2.45
N ARG D 40 -13.91 26.48 -2.11
CA ARG D 40 -14.26 27.56 -1.21
C ARG D 40 -14.99 26.95 -0.03
N LYS D 41 -14.58 27.31 1.17
CA LYS D 41 -14.96 26.73 2.45
C LYS D 41 -14.99 27.84 3.48
N CYS D 42 -15.79 27.67 4.51
CA CYS D 42 -15.82 28.53 5.67
C CYS D 42 -15.91 27.64 6.91
N ALA D 43 -15.42 28.07 8.06
CA ALA D 43 -15.60 27.37 9.32
C ALA D 43 -15.86 28.37 10.44
N VAL D 44 -17.11 28.48 10.89
CA VAL D 44 -17.61 29.58 11.73
C VAL D 44 -17.70 29.14 13.18
N GLY D 45 -16.96 29.80 14.07
CA GLY D 45 -16.98 29.57 15.51
C GLY D 45 -17.55 30.77 16.25
N VAL D 46 -18.65 30.61 16.98
CA VAL D 46 -19.30 31.70 17.72
C VAL D 46 -19.45 31.29 19.18
N ASP D 47 -18.50 31.69 20.01
CA ASP D 47 -18.45 31.38 21.42
C ASP D 47 -19.44 32.26 22.20
N ASN D 48 -20.43 31.64 22.86
CA ASN D 48 -21.33 32.33 23.77
C ASN D 48 -20.74 32.41 25.18
N GLU D 49 -20.28 33.59 25.57
CA GLU D 49 -20.03 33.93 26.98
C GLU D 49 -20.82 35.19 27.39
N SER D 50 -21.96 35.41 26.73
CA SER D 50 -22.85 36.57 26.91
C SER D 50 -23.66 36.55 28.21
N GLY D 51 -23.69 35.42 28.94
CA GLY D 51 -24.49 35.25 30.15
C GLY D 51 -25.99 34.98 29.90
N PHE D 52 -26.41 34.85 28.64
CA PHE D 52 -27.78 34.52 28.24
C PHE D 52 -27.84 33.24 27.41
N ARG D 53 -28.94 32.50 27.52
CA ARG D 53 -29.27 31.36 26.64
C ARG D 53 -29.59 31.85 25.23
N TRP D 54 -29.07 31.19 24.19
CA TRP D 54 -29.46 31.41 22.79
C TRP D 54 -30.24 30.20 22.28
N GLN D 55 -31.26 30.38 21.43
CA GLN D 55 -32.10 29.29 20.91
C GLN D 55 -32.70 29.61 19.54
N GLU D 56 -33.32 28.61 18.90
CA GLU D 56 -34.00 28.73 17.60
C GLU D 56 -33.04 29.03 16.44
N GLY D 57 -31.88 28.37 16.46
CA GLY D 57 -30.79 28.59 15.50
C GLY D 57 -31.23 28.43 14.05
N SER D 58 -31.02 29.43 13.22
CA SER D 58 -31.51 29.47 11.84
C SER D 58 -30.47 30.02 10.88
N THR D 59 -30.64 29.80 9.57
CA THR D 59 -29.63 30.12 8.56
C THR D 59 -30.24 30.61 7.25
N TYR D 60 -29.42 31.19 6.39
CA TYR D 60 -29.74 31.48 5.00
C TYR D 60 -28.47 31.41 4.16
N PHE D 61 -28.56 30.97 2.90
CA PHE D 61 -27.44 31.03 1.96
C PHE D 61 -27.82 31.77 0.70
N PHE D 62 -27.04 32.80 0.35
CA PHE D 62 -27.05 33.39 -0.98
C PHE D 62 -26.26 32.51 -1.96
N SER D 63 -25.23 31.80 -1.50
CA SER D 63 -24.52 30.75 -2.24
C SER D 63 -23.82 29.78 -1.28
N GLY D 64 -23.58 28.55 -1.71
CA GLY D 64 -23.02 27.51 -0.86
C GLY D 64 -24.05 26.83 0.04
N THR D 65 -23.60 25.84 0.81
CA THR D 65 -24.44 24.94 1.64
C THR D 65 -23.66 24.38 2.81
N ALA D 66 -24.33 23.89 3.85
CA ALA D 66 -23.72 23.15 4.96
C ALA D 66 -24.35 21.76 5.11
N ASP D 67 -23.56 20.72 5.39
CA ASP D 67 -24.05 19.35 5.51
C ASP D 67 -24.70 19.03 6.88
N GLU D 68 -24.18 19.59 7.97
CA GLU D 68 -24.68 19.37 9.34
C GLU D 68 -25.76 20.39 9.77
N ASN D 69 -26.44 20.11 10.88
CA ASN D 69 -27.34 21.05 11.54
C ASN D 69 -26.58 22.04 12.44
N LEU D 70 -27.19 23.19 12.75
CA LEU D 70 -26.84 23.95 13.95
C LEU D 70 -27.31 23.24 15.23
N PRO D 71 -26.70 23.50 16.40
CA PRO D 71 -27.36 23.29 17.68
C PRO D 71 -28.69 24.06 17.75
N TYR D 72 -29.76 23.48 18.32
CA TYR D 72 -31.01 24.21 18.55
C TYR D 72 -30.80 25.38 19.53
N SER D 73 -29.91 25.18 20.50
CA SER D 73 -29.58 26.17 21.53
C SER D 73 -28.10 26.21 21.88
N VAL D 74 -27.67 27.33 22.46
CA VAL D 74 -26.30 27.54 22.95
C VAL D 74 -26.39 28.18 24.33
N SER D 75 -26.27 27.36 25.37
CA SER D 75 -26.19 27.81 26.76
C SER D 75 -24.87 28.56 27.03
N ASP D 76 -24.79 29.26 28.16
CA ASP D 76 -23.61 30.06 28.54
C ASP D 76 -22.34 29.20 28.65
N GLY D 77 -21.23 29.60 28.04
CA GLY D 77 -19.96 28.87 28.07
C GLY D 77 -19.79 27.77 27.01
N TYR D 78 -20.58 27.80 25.93
CA TYR D 78 -20.52 26.85 24.82
C TYR D 78 -20.50 27.59 23.47
N ALA D 79 -20.06 26.92 22.40
CA ALA D 79 -19.82 27.55 21.11
C ALA D 79 -20.60 26.89 19.96
N VAL D 80 -21.11 27.69 19.02
CA VAL D 80 -21.49 27.21 17.69
C VAL D 80 -20.23 26.87 16.92
N LEU D 81 -20.12 25.67 16.37
CA LEU D 81 -19.18 25.32 15.31
C LEU D 81 -20.01 24.92 14.08
N TYR D 82 -19.79 25.55 12.93
CA TYR D 82 -20.63 25.36 11.75
C TYR D 82 -19.85 25.59 10.46
N GLY D 83 -19.83 24.63 9.52
CA GLY D 83 -18.90 24.62 8.38
C GLY D 83 -19.53 24.66 6.99
N PRO D 84 -20.01 25.81 6.51
CA PRO D 84 -20.39 26.02 5.12
C PRO D 84 -19.31 25.64 4.08
N ARG D 85 -19.71 25.39 2.85
CA ARG D 85 -18.83 25.13 1.70
C ARG D 85 -19.51 25.51 0.38
N LYS D 86 -18.77 25.64 -0.73
CA LYS D 86 -19.38 25.92 -2.04
C LYS D 86 -20.33 24.82 -2.47
N THR D 87 -21.24 25.16 -3.36
CA THR D 87 -22.07 24.17 -4.06
C THR D 87 -21.19 23.25 -4.91
N ASN D 88 -21.42 21.95 -4.82
CA ASN D 88 -20.56 20.92 -5.40
C ASN D 88 -20.68 20.84 -6.93
N GLY D 89 -19.68 20.26 -7.59
CA GLY D 89 -19.63 20.16 -9.06
C GLY D 89 -19.26 21.48 -9.74
N PRO D 90 -19.31 21.55 -11.09
CA PRO D 90 -18.76 22.64 -11.90
C PRO D 90 -19.33 24.06 -11.71
N VAL D 91 -20.22 24.28 -10.72
CA VAL D 91 -20.81 25.60 -10.49
C VAL D 91 -19.79 26.56 -9.86
N ALA D 92 -19.53 27.71 -10.55
CA ALA D 92 -18.53 28.72 -10.19
C ALA D 92 -19.07 29.83 -9.27
N THR D 93 -19.52 29.48 -8.07
CA THR D 93 -19.94 30.44 -7.02
C THR D 93 -19.42 30.02 -5.63
N GLY D 94 -19.26 31.00 -4.74
CA GLY D 94 -18.57 30.83 -3.46
C GLY D 94 -19.51 30.49 -2.30
N VAL D 95 -19.10 30.79 -1.07
CA VAL D 95 -20.00 30.76 0.10
C VAL D 95 -20.42 32.16 0.47
N VAL D 96 -21.71 32.41 0.63
CA VAL D 96 -22.23 33.68 1.17
C VAL D 96 -23.50 33.36 1.94
N GLY D 97 -23.58 33.73 3.21
CA GLY D 97 -24.70 33.30 4.04
C GLY D 97 -24.83 34.03 5.36
N VAL D 98 -25.91 33.72 6.08
CA VAL D 98 -26.28 34.30 7.37
C VAL D 98 -26.62 33.20 8.35
N LEU D 99 -26.37 33.45 9.63
CA LEU D 99 -26.67 32.63 10.79
C LEU D 99 -27.43 33.50 11.78
N ALA D 100 -28.38 32.97 12.53
CA ALA D 100 -29.07 33.73 13.56
C ALA D 100 -29.51 32.87 14.74
N TYR D 101 -29.71 33.50 15.89
CA TYR D 101 -30.28 32.90 17.11
C TYR D 101 -31.14 33.93 17.83
N TYR D 102 -32.15 33.49 18.58
CA TYR D 102 -32.97 34.35 19.42
C TYR D 102 -32.51 34.24 20.88
N ILE D 103 -32.47 35.37 21.59
CA ILE D 103 -31.94 35.47 22.95
C ILE D 103 -33.08 35.91 23.88
N PRO D 104 -33.86 34.97 24.43
CA PRO D 104 -35.10 35.30 25.14
C PRO D 104 -34.90 36.11 26.42
N SER D 105 -33.71 36.10 27.02
CA SER D 105 -33.38 36.90 28.21
C SER D 105 -33.24 38.41 27.93
N ILE D 106 -33.12 38.82 26.67
CA ILE D 106 -32.95 40.24 26.25
C ILE D 106 -33.87 40.65 25.10
N GLY D 107 -34.71 39.74 24.58
CA GLY D 107 -35.77 40.07 23.62
C GLY D 107 -35.29 40.43 22.22
N LYS D 108 -34.12 39.93 21.80
CA LYS D 108 -33.46 40.26 20.53
C LYS D 108 -32.85 39.05 19.84
N THR D 109 -32.57 39.16 18.55
CA THR D 109 -31.91 38.11 17.76
C THR D 109 -30.51 38.52 17.32
N LEU D 110 -29.50 37.76 17.76
CA LEU D 110 -28.14 37.84 17.23
C LEU D 110 -28.16 37.32 15.79
N ALA D 111 -27.56 38.05 14.85
CA ALA D 111 -27.31 37.60 13.49
C ALA D 111 -25.83 37.73 13.15
N VAL D 112 -25.29 36.79 12.40
CA VAL D 112 -23.89 36.72 11.95
C VAL D 112 -23.88 36.48 10.45
N MET D 113 -22.99 37.12 9.70
CA MET D 113 -22.91 37.01 8.25
C MET D 113 -21.46 36.83 7.82
N TRP D 114 -21.23 36.10 6.73
CA TRP D 114 -19.91 35.97 6.13
C TRP D 114 -20.00 35.87 4.61
N SER D 115 -18.89 36.14 3.94
CA SER D 115 -18.74 35.90 2.51
C SER D 115 -17.33 35.36 2.22
N VAL D 116 -17.24 34.38 1.34
CA VAL D 116 -16.01 33.76 0.84
C VAL D 116 -16.22 33.53 -0.67
N PRO D 117 -16.02 34.56 -1.51
CA PRO D 117 -16.43 34.54 -2.91
C PRO D 117 -15.62 33.58 -3.79
N PHE D 118 -16.11 33.29 -4.99
CA PHE D 118 -15.37 32.50 -5.98
C PHE D 118 -14.36 33.34 -6.74
N ASP D 119 -14.79 34.48 -7.30
CA ASP D 119 -13.94 35.35 -8.12
C ASP D 119 -13.28 36.48 -7.32
N TYR D 120 -12.06 36.24 -6.86
CA TYR D 120 -11.28 37.23 -6.12
C TYR D 120 -10.75 38.42 -6.96
N ASN D 121 -10.94 38.43 -8.28
CA ASN D 121 -10.59 39.59 -9.10
C ASN D 121 -11.53 40.79 -8.85
N PHE D 122 -12.73 40.58 -8.26
CA PHE D 122 -13.74 41.62 -8.03
C PHE D 122 -14.26 41.69 -6.59
N TYR D 123 -14.04 40.66 -5.78
CA TYR D 123 -14.61 40.53 -4.43
C TYR D 123 -13.55 40.07 -3.41
N GLN D 124 -13.86 40.19 -2.12
CA GLN D 124 -13.00 39.76 -1.00
C GLN D 124 -13.83 39.15 0.13
N ASN D 125 -13.18 38.49 1.08
CA ASN D 125 -13.87 37.95 2.26
C ASN D 125 -14.38 39.09 3.17
N TRP D 126 -15.57 38.94 3.71
CA TRP D 126 -16.21 39.88 4.65
C TRP D 126 -16.92 39.12 5.75
N TRP D 127 -17.20 39.78 6.87
CA TRP D 127 -18.08 39.28 7.92
C TRP D 127 -18.76 40.42 8.66
N ASN D 128 -19.80 40.14 9.42
CA ASN D 128 -20.48 41.13 10.25
C ASN D 128 -21.30 40.43 11.34
N ALA D 129 -21.76 41.17 12.35
CA ALA D 129 -22.78 40.72 13.28
C ALA D 129 -23.65 41.88 13.79
N LYS D 130 -24.90 41.60 14.16
CA LYS D 130 -25.85 42.57 14.76
C LYS D 130 -26.80 41.89 15.74
N LEU D 131 -27.45 42.68 16.58
CA LEU D 131 -28.45 42.24 17.55
C LEU D 131 -29.77 42.96 17.26
N TYR D 132 -30.62 42.37 16.41
CA TYR D 132 -31.89 42.93 15.93
C TYR D 132 -33.05 42.81 16.93
N SER D 133 -34.03 43.70 16.83
CA SER D 133 -35.24 43.71 17.67
C SER D 133 -36.16 42.50 17.41
N GLY D 134 -36.70 41.92 18.49
CA GLY D 134 -37.66 40.81 18.41
C GLY D 134 -37.06 39.51 17.87
N ASN D 135 -37.92 38.63 17.35
CA ASN D 135 -37.53 37.36 16.74
C ASN D 135 -37.72 37.42 15.22
N GLN D 136 -36.64 37.24 14.46
CA GLN D 136 -36.57 37.30 13.00
C GLN D 136 -35.47 36.34 12.54
N ARG D 137 -35.84 35.21 11.92
CA ARG D 137 -34.87 34.22 11.40
C ARG D 137 -34.13 34.73 10.16
N ALA D 138 -32.91 34.24 9.96
CA ALA D 138 -32.02 34.67 8.88
C ALA D 138 -32.66 34.57 7.49
N ASP D 139 -32.50 35.61 6.65
CA ASP D 139 -33.09 35.72 5.32
C ASP D 139 -32.32 36.72 4.44
N TYR D 140 -32.80 36.97 3.22
CA TYR D 140 -32.14 37.88 2.27
C TYR D 140 -32.10 39.34 2.76
N ASP D 141 -33.08 39.80 3.53
CA ASP D 141 -33.03 41.14 4.14
C ASP D 141 -31.93 41.22 5.21
N HIS D 142 -31.73 40.20 6.04
CA HIS D 142 -30.57 40.18 6.94
C HIS D 142 -29.25 40.16 6.17
N TYR D 143 -29.14 39.42 5.07
CA TYR D 143 -27.93 39.46 4.25
C TYR D 143 -27.65 40.86 3.71
N VAL D 144 -28.62 41.49 3.04
CA VAL D 144 -28.42 42.83 2.47
C VAL D 144 -28.17 43.89 3.54
N ASP D 145 -28.84 43.82 4.68
CA ASP D 145 -28.56 44.73 5.79
C ASP D 145 -27.16 44.52 6.39
N LEU D 146 -26.71 43.29 6.59
CA LEU D 146 -25.37 43.03 7.13
C LEU D 146 -24.24 43.29 6.13
N TYR D 147 -24.49 43.18 4.82
CA TYR D 147 -23.44 43.29 3.79
C TYR D 147 -23.39 44.63 3.07
N TYR D 148 -24.52 45.34 2.91
CA TYR D 148 -24.57 46.64 2.23
C TYR D 148 -24.96 47.81 3.15
N ASN D 149 -26.01 47.69 3.95
CA ASN D 149 -26.54 48.84 4.70
C ASN D 149 -25.80 49.12 6.02
N ALA D 150 -25.37 48.08 6.73
CA ALA D 150 -24.40 48.19 7.83
C ALA D 150 -22.96 48.33 7.31
N ASN D 151 -21.99 48.55 8.21
CA ASN D 151 -20.58 48.63 7.88
C ASN D 151 -19.89 47.28 8.20
N PRO D 152 -19.69 46.39 7.21
CA PRO D 152 -19.08 45.07 7.43
C PRO D 152 -17.58 45.16 7.68
N PHE D 153 -17.00 44.13 8.29
CA PHE D 153 -15.56 43.99 8.46
C PHE D 153 -14.98 43.18 7.31
N LYS D 154 -13.81 43.59 6.81
CA LYS D 154 -13.00 42.77 5.89
C LYS D 154 -12.17 41.75 6.66
N ALA D 155 -11.69 40.72 5.97
CA ALA D 155 -10.96 39.64 6.61
C ALA D 155 -9.48 39.96 6.81
N ASN D 156 -9.16 40.77 7.82
CA ASN D 156 -7.78 41.02 8.23
C ASN D 156 -7.65 41.19 9.76
N GLY D 157 -7.71 40.07 10.49
CA GLY D 157 -7.47 40.03 11.92
C GLY D 157 -8.56 40.67 12.77
N TRP D 158 -8.31 40.80 14.07
CA TRP D 158 -9.35 41.01 15.07
C TRP D 158 -9.99 42.40 15.02
N HIS D 159 -11.32 42.45 15.09
CA HIS D 159 -12.18 43.61 15.25
C HIS D 159 -13.10 43.44 16.46
N GLU D 160 -13.50 44.52 17.11
CA GLU D 160 -14.38 44.50 18.29
C GLU D 160 -15.41 45.63 18.23
N ARG D 161 -16.67 45.35 18.55
CA ARG D 161 -17.79 46.32 18.50
C ARG D 161 -18.87 45.99 19.54
N SER D 162 -19.55 47.02 20.06
CA SER D 162 -20.75 46.85 20.87
C SER D 162 -21.93 46.34 20.04
N LEU D 163 -22.74 45.42 20.58
CA LEU D 163 -24.04 45.05 20.02
C LEU D 163 -25.17 45.96 20.54
N GLY D 164 -24.92 46.77 21.57
CA GLY D 164 -25.95 47.35 22.42
C GLY D 164 -26.53 46.34 23.41
N SER D 165 -27.52 46.75 24.20
CA SER D 165 -28.22 45.91 25.18
C SER D 165 -27.30 45.16 26.17
N GLY D 166 -26.15 45.74 26.51
CA GLY D 166 -25.18 45.19 27.47
C GLY D 166 -24.16 44.21 26.90
N LEU D 167 -24.19 43.95 25.59
CA LEU D 167 -23.35 42.96 24.92
C LEU D 167 -22.40 43.60 23.90
N LYS D 168 -21.28 42.93 23.66
CA LYS D 168 -20.33 43.22 22.58
C LYS D 168 -19.83 41.94 21.95
N PHE D 169 -19.11 42.06 20.85
CA PHE D 169 -18.37 40.94 20.29
C PHE D 169 -16.98 41.35 19.85
N CYS D 170 -16.07 40.39 19.84
CA CYS D 170 -14.73 40.51 19.29
C CYS D 170 -14.46 39.28 18.44
N GLY D 171 -13.93 39.47 17.25
CA GLY D 171 -13.79 38.36 16.30
C GLY D 171 -12.87 38.68 15.14
N SER D 172 -12.55 37.68 14.33
CA SER D 172 -11.64 37.79 13.20
C SER D 172 -12.03 36.82 12.10
N MET D 173 -11.54 37.08 10.89
CA MET D 173 -11.71 36.18 9.75
C MET D 173 -10.41 36.06 8.97
N SER D 174 -10.06 34.86 8.56
CA SER D 174 -8.94 34.59 7.64
C SER D 174 -9.21 35.11 6.23
N SER D 175 -8.18 35.65 5.57
CA SER D 175 -8.25 36.13 4.19
C SER D 175 -8.17 35.02 3.12
N SER D 176 -7.98 33.77 3.53
CA SER D 176 -7.86 32.60 2.66
C SER D 176 -9.13 32.27 1.88
N GLY D 177 -9.01 31.52 0.78
CA GLY D 177 -10.16 30.89 0.10
C GLY D 177 -10.81 29.74 0.87
N GLN D 178 -10.11 29.17 1.86
CA GLN D 178 -10.71 28.28 2.86
C GLN D 178 -10.62 28.97 4.22
N ALA D 179 -11.66 29.69 4.64
CA ALA D 179 -11.53 30.72 5.67
C ALA D 179 -11.99 30.20 7.03
N THR D 180 -11.19 30.40 8.07
CA THR D 180 -11.67 30.24 9.45
C THR D 180 -12.23 31.56 9.93
N LEU D 181 -13.36 31.56 10.62
CA LEU D 181 -14.02 32.73 11.18
C LEU D 181 -14.28 32.46 12.66
N GLU D 182 -13.91 33.39 13.53
CA GLU D 182 -14.09 33.23 14.97
C GLU D 182 -14.64 34.50 15.60
N ILE D 183 -15.66 34.36 16.43
CA ILE D 183 -16.30 35.45 17.18
C ILE D 183 -16.49 34.99 18.61
N HIS D 184 -16.17 35.84 19.57
CA HIS D 184 -16.56 35.68 20.98
C HIS D 184 -17.61 36.75 21.29
N VAL D 185 -18.77 36.34 21.80
CA VAL D 185 -19.86 37.26 22.15
C VAL D 185 -19.96 37.32 23.67
N LEU D 186 -19.82 38.51 24.24
CA LEU D 186 -19.52 38.69 25.67
C LEU D 186 -20.08 40.00 26.25
N LYS D 187 -20.20 40.05 27.57
CA LYS D 187 -20.67 41.23 28.30
C LYS D 187 -19.71 42.41 28.11
N GLU D 188 -20.23 43.64 28.07
CA GLU D 188 -19.40 44.85 27.84
C GLU D 188 -18.36 45.14 28.93
N SER D 189 -18.45 44.51 30.11
CA SER D 189 -17.49 44.61 31.22
C SER D 189 -16.37 43.55 31.21
N GLU D 190 -16.16 42.81 30.12
CA GLU D 190 -15.21 41.67 30.05
C GLU D 190 -14.26 41.72 28.84
N THR D 191 -13.18 40.93 28.88
CA THR D 191 -12.05 40.98 27.94
C THR D 191 -11.86 39.65 27.18
N CYS D 192 -11.56 39.73 25.89
CA CYS D 192 -11.61 38.62 24.94
C CYS D 192 -10.47 37.60 25.10
N MET D 193 -10.65 36.38 24.57
CA MET D 193 -9.70 35.26 24.53
C MET D 193 -8.94 35.08 25.84
N ALA E 13 -17.36 7.87 -46.85
CA ALA E 13 -17.12 6.42 -46.70
C ALA E 13 -17.32 5.98 -45.24
N ALA E 14 -17.45 4.67 -45.00
CA ALA E 14 -17.80 4.09 -43.70
C ALA E 14 -16.78 4.36 -42.56
N GLY E 15 -15.53 4.69 -42.86
CA GLY E 15 -14.53 5.06 -41.85
C GLY E 15 -14.93 6.27 -41.01
N THR E 16 -15.67 7.22 -41.60
CA THR E 16 -16.29 8.35 -40.88
C THR E 16 -17.33 7.88 -39.87
N ILE E 17 -18.18 6.93 -40.24
CA ILE E 17 -19.24 6.40 -39.36
C ILE E 17 -18.63 5.63 -38.18
N ILE E 18 -17.57 4.84 -38.42
CA ILE E 18 -16.84 4.13 -37.36
C ILE E 18 -16.18 5.12 -36.38
N ALA E 19 -15.50 6.17 -36.88
CA ALA E 19 -14.95 7.21 -36.01
C ALA E 19 -16.05 7.97 -35.25
N GLY E 20 -17.20 8.21 -35.89
CA GLY E 20 -18.39 8.76 -35.24
C GLY E 20 -18.94 7.87 -34.12
N ALA E 21 -18.88 6.55 -34.26
CA ALA E 21 -19.23 5.60 -33.20
C ALA E 21 -18.25 5.68 -32.02
N GLU E 22 -16.94 5.72 -32.27
CA GLU E 22 -15.95 5.88 -31.19
C GLU E 22 -16.20 7.15 -30.36
N LEU E 23 -16.50 8.28 -31.01
CA LEU E 23 -16.89 9.52 -30.33
C LEU E 23 -18.22 9.36 -29.59
N THR E 24 -19.23 8.75 -30.22
CA THR E 24 -20.57 8.61 -29.62
C THR E 24 -20.54 7.77 -28.35
N PHE E 25 -19.95 6.59 -28.37
CA PHE E 25 -19.89 5.72 -27.19
C PHE E 25 -18.86 6.18 -26.17
N GLY E 26 -17.80 6.88 -26.59
CA GLY E 26 -16.86 7.57 -25.70
C GLY E 26 -17.54 8.65 -24.85
N LEU E 27 -18.38 9.50 -25.46
CA LEU E 27 -19.20 10.49 -24.74
C LEU E 27 -20.28 9.81 -23.88
N LEU E 28 -21.02 8.84 -24.41
CA LEU E 28 -22.10 8.20 -23.67
C LEU E 28 -21.63 7.49 -22.40
N GLN E 29 -20.49 6.78 -22.43
CA GLN E 29 -19.93 6.16 -21.22
C GLN E 29 -19.66 7.21 -20.13
N ASN E 30 -19.07 8.36 -20.48
CA ASN E 30 -18.82 9.45 -19.54
C ASN E 30 -20.12 10.11 -19.03
N LEU E 31 -21.13 10.30 -19.87
CA LEU E 31 -22.43 10.85 -19.46
C LEU E 31 -23.16 9.93 -18.47
N LEU E 32 -23.22 8.61 -18.75
CA LEU E 32 -23.84 7.65 -17.84
C LEU E 32 -23.03 7.53 -16.54
N TYR E 33 -21.70 7.55 -16.60
CA TYR E 33 -20.85 7.57 -15.41
C TYR E 33 -21.09 8.81 -14.54
N PHE E 34 -21.29 9.98 -15.15
CA PHE E 34 -21.65 11.19 -14.42
C PHE E 34 -22.98 11.05 -13.67
N PHE E 35 -24.07 10.63 -14.32
CA PHE E 35 -25.35 10.45 -13.63
C PHE E 35 -25.32 9.33 -12.58
N ALA E 36 -24.48 8.30 -12.75
CA ALA E 36 -24.28 7.25 -11.74
C ALA E 36 -23.45 7.73 -10.52
N ASN E 37 -22.59 8.71 -10.68
CA ASN E 37 -21.68 9.21 -9.64
C ASN E 37 -22.11 10.56 -9.03
N VAL E 38 -23.36 10.97 -9.18
CA VAL E 38 -23.92 12.12 -8.47
C VAL E 38 -24.72 11.59 -7.30
N ASN E 39 -24.38 11.97 -6.08
CA ASN E 39 -24.98 11.40 -4.88
C ASN E 39 -26.06 12.33 -4.32
N ARG E 40 -27.25 11.79 -4.14
CA ARG E 40 -28.31 12.35 -3.29
C ARG E 40 -28.59 11.35 -2.19
N LYS E 41 -28.63 11.82 -0.97
CA LYS E 41 -28.68 11.05 0.27
C LYS E 41 -29.50 11.82 1.28
N CYS E 42 -30.12 11.12 2.20
CA CYS E 42 -30.79 11.70 3.34
C CYS E 42 -30.43 10.88 4.58
N ALA E 43 -30.44 11.46 5.77
CA ALA E 43 -30.25 10.71 7.02
C ALA E 43 -31.20 11.26 8.08
N VAL E 44 -32.27 10.53 8.38
CA VAL E 44 -33.43 11.00 9.14
C VAL E 44 -33.36 10.52 10.58
N GLY E 45 -33.31 11.45 11.53
CA GLY E 45 -33.32 11.17 12.97
C GLY E 45 -34.59 11.69 13.61
N VAL E 46 -35.41 10.84 14.21
CA VAL E 46 -36.67 11.22 14.86
C VAL E 46 -36.67 10.72 16.30
N ASP E 47 -36.28 11.59 17.22
CA ASP E 47 -36.19 11.28 18.64
C ASP E 47 -37.58 11.29 19.29
N ASN E 48 -38.01 10.15 19.84
CA ASN E 48 -39.23 10.05 20.63
C ASN E 48 -38.97 10.41 22.09
N GLU E 49 -39.39 11.59 22.51
CA GLU E 49 -39.56 11.92 23.94
C GLU E 49 -41.01 12.38 24.23
N SER E 50 -41.96 11.86 23.44
CA SER E 50 -43.39 12.19 23.49
C SER E 50 -44.13 11.57 24.69
N GLY E 51 -43.50 10.65 25.43
CA GLY E 51 -44.14 9.94 26.55
C GLY E 51 -45.08 8.79 26.13
N PHE E 52 -45.20 8.51 24.83
CA PHE E 52 -46.00 7.41 24.29
C PHE E 52 -45.15 6.43 23.47
N ARG E 53 -45.54 5.16 23.47
CA ARG E 53 -44.98 4.13 22.57
C ARG E 53 -45.40 4.38 21.13
N TRP E 54 -44.48 4.26 20.17
CA TRP E 54 -44.77 4.27 18.73
C TRP E 54 -44.55 2.86 18.15
N GLN E 55 -45.37 2.42 17.19
CA GLN E 55 -45.26 1.08 16.60
C GLN E 55 -45.79 1.03 15.15
N GLU E 56 -45.57 -0.10 14.47
CA GLU E 56 -46.04 -0.36 13.09
C GLU E 56 -45.37 0.55 12.05
N GLY E 57 -44.07 0.77 12.21
CA GLY E 57 -43.29 1.69 11.38
C GLY E 57 -43.36 1.37 9.90
N SER E 58 -43.77 2.33 9.07
CA SER E 58 -44.03 2.14 7.65
C SER E 58 -43.48 3.27 6.81
N THR E 59 -43.34 3.08 5.49
CA THR E 59 -42.67 4.02 4.59
C THR E 59 -43.32 4.10 3.22
N TYR E 60 -42.98 5.11 2.44
CA TYR E 60 -43.27 5.22 1.02
C TYR E 60 -42.17 6.02 0.34
N PHE E 61 -41.83 5.71 -0.91
CA PHE E 61 -40.91 6.51 -1.71
C PHE E 61 -41.55 6.92 -3.03
N PHE E 62 -41.58 8.23 -3.31
CA PHE E 62 -41.83 8.76 -4.64
C PHE E 62 -40.57 8.64 -5.51
N SER E 63 -39.37 8.70 -4.92
CA SER E 63 -38.08 8.39 -5.55
C SER E 63 -37.03 8.03 -4.50
N GLY E 64 -36.02 7.26 -4.88
CA GLY E 64 -35.02 6.76 -3.96
C GLY E 64 -35.47 5.53 -3.16
N THR E 65 -34.57 5.00 -2.33
CA THR E 65 -34.73 3.73 -1.60
C THR E 65 -33.88 3.70 -0.33
N ALA E 66 -34.19 2.85 0.64
CA ALA E 66 -33.37 2.60 1.82
C ALA E 66 -32.98 1.11 1.92
N ASP E 67 -31.74 0.79 2.30
CA ASP E 67 -31.26 -0.59 2.38
C ASP E 67 -31.69 -1.32 3.68
N GLU E 68 -31.76 -0.63 4.81
CA GLU E 68 -32.13 -1.20 6.12
C GLU E 68 -33.64 -1.12 6.41
N ASN E 69 -34.10 -1.83 7.44
CA ASN E 69 -35.46 -1.72 7.97
C ASN E 69 -35.59 -0.52 8.94
N LEU E 70 -36.82 -0.05 9.15
CA LEU E 70 -37.15 0.70 10.38
C LEU E 70 -37.19 -0.23 11.61
N PRO E 71 -37.01 0.29 12.83
CA PRO E 71 -37.51 -0.37 14.03
C PRO E 71 -39.03 -0.62 13.94
N TYR E 72 -39.52 -1.77 14.38
CA TYR E 72 -40.98 -2.01 14.45
C TYR E 72 -41.64 -1.05 15.43
N SER E 73 -40.93 -0.68 16.50
CA SER E 73 -41.42 0.22 17.55
C SER E 73 -40.34 1.17 18.07
N VAL E 74 -40.78 2.28 18.67
CA VAL E 74 -39.91 3.27 19.32
C VAL E 74 -40.52 3.62 20.67
N SER E 75 -40.02 3.01 21.73
CA SER E 75 -40.38 3.32 23.11
C SER E 75 -39.87 4.71 23.52
N ASP E 76 -40.36 5.24 24.65
CA ASP E 76 -40.01 6.58 25.14
C ASP E 76 -38.49 6.70 25.41
N GLY E 77 -37.84 7.76 24.92
CA GLY E 77 -36.40 7.99 25.11
C GLY E 77 -35.48 7.32 24.09
N TYR E 78 -35.99 6.91 22.93
CA TYR E 78 -35.24 6.28 21.85
C TYR E 78 -35.55 6.94 20.50
N ALA E 79 -34.68 6.76 19.49
CA ALA E 79 -34.77 7.48 18.23
C ALA E 79 -34.83 6.56 17.01
N VAL E 80 -35.64 6.91 16.01
CA VAL E 80 -35.50 6.37 14.65
C VAL E 80 -34.23 6.96 14.03
N LEU E 81 -33.33 6.12 13.52
CA LEU E 81 -32.29 6.52 12.58
C LEU E 81 -32.54 5.76 11.27
N TYR E 82 -32.66 6.45 10.15
CA TYR E 82 -33.08 5.85 8.88
C TYR E 82 -32.49 6.60 7.68
N GLY E 83 -31.77 5.92 6.78
CA GLY E 83 -30.95 6.57 5.76
C GLY E 83 -31.31 6.29 4.29
N PRO E 84 -32.37 6.91 3.74
CA PRO E 84 -32.64 6.91 2.31
C PRO E 84 -31.48 7.36 1.41
N ARG E 85 -31.50 6.99 0.14
CA ARG E 85 -30.55 7.41 -0.90
C ARG E 85 -31.18 7.35 -2.28
N LYS E 86 -30.58 7.99 -3.30
CA LYS E 86 -31.10 7.90 -4.68
C LYS E 86 -31.08 6.48 -5.20
N THR E 87 -31.92 6.21 -6.20
CA THR E 87 -31.85 4.97 -6.97
C THR E 87 -30.50 4.87 -7.70
N ASN E 88 -29.86 3.70 -7.61
CA ASN E 88 -28.49 3.49 -8.07
C ASN E 88 -28.38 3.45 -9.61
N GLY E 89 -27.17 3.67 -10.14
CA GLY E 89 -26.93 3.72 -11.59
C GLY E 89 -27.42 5.01 -12.25
N PRO E 90 -27.37 5.12 -13.59
CA PRO E 90 -27.57 6.36 -14.35
C PRO E 90 -28.92 7.08 -14.25
N VAL E 91 -29.84 6.62 -13.37
CA VAL E 91 -31.16 7.26 -13.24
C VAL E 91 -31.05 8.60 -12.51
N ALA E 92 -31.52 9.70 -13.18
CA ALA E 92 -31.41 11.09 -12.72
C ALA E 92 -32.63 11.55 -11.89
N THR E 93 -32.87 10.93 -10.73
CA THR E 93 -33.90 11.34 -9.77
C THR E 93 -33.39 11.26 -8.33
N GLY E 94 -33.96 12.06 -7.44
CA GLY E 94 -33.46 12.28 -6.08
C GLY E 94 -34.07 11.36 -5.03
N VAL E 95 -34.09 11.79 -3.77
CA VAL E 95 -34.86 11.12 -2.71
C VAL E 95 -36.10 11.92 -2.41
N VAL E 96 -37.27 11.27 -2.40
CA VAL E 96 -38.52 11.90 -1.95
C VAL E 96 -39.37 10.80 -1.32
N GLY E 97 -39.79 10.96 -0.08
CA GLY E 97 -40.46 9.87 0.63
C GLY E 97 -41.17 10.27 1.90
N VAL E 98 -41.86 9.31 2.52
CA VAL E 98 -42.65 9.45 3.73
C VAL E 98 -42.30 8.31 4.70
N LEU E 99 -42.40 8.60 5.98
CA LEU E 99 -42.22 7.70 7.11
C LEU E 99 -43.45 7.83 8.00
N ALA E 100 -43.92 6.78 8.63
CA ALA E 100 -45.04 6.88 9.57
C ALA E 100 -44.93 5.86 10.71
N TYR E 101 -45.61 6.14 11.81
CA TYR E 101 -45.79 5.25 12.97
C TYR E 101 -47.17 5.45 13.56
N TYR E 102 -47.73 4.43 14.20
CA TYR E 102 -49.00 4.53 14.93
C TYR E 102 -48.72 4.64 16.44
N ILE E 103 -49.47 5.50 17.12
CA ILE E 103 -49.27 5.84 18.53
C ILE E 103 -50.50 5.40 19.33
N PRO E 104 -50.57 4.14 19.79
CA PRO E 104 -51.80 3.57 20.35
C PRO E 104 -52.29 4.24 21.64
N SER E 105 -51.43 4.96 22.37
CA SER E 105 -51.81 5.71 23.57
C SER E 105 -52.64 6.97 23.29
N ILE E 106 -52.67 7.44 22.04
CA ILE E 106 -53.39 8.68 21.62
C ILE E 106 -54.25 8.49 20.36
N GLY E 107 -54.27 7.28 19.76
CA GLY E 107 -55.19 6.92 18.69
C GLY E 107 -54.91 7.58 17.34
N LYS E 108 -53.66 7.96 17.07
CA LYS E 108 -53.23 8.72 15.88
C LYS E 108 -51.93 8.21 15.29
N THR E 109 -51.66 8.55 14.03
CA THR E 109 -50.40 8.20 13.35
C THR E 109 -49.55 9.43 13.06
N LEU E 110 -48.34 9.45 13.63
CA LEU E 110 -47.30 10.40 13.25
C LEU E 110 -46.83 10.09 11.83
N ALA E 111 -46.75 11.08 10.95
CA ALA E 111 -46.14 10.97 9.63
C ALA E 111 -45.05 12.03 9.47
N VAL E 112 -43.96 11.69 8.80
CA VAL E 112 -42.81 12.55 8.52
C VAL E 112 -42.48 12.46 7.03
N MET E 113 -42.14 13.56 6.38
CA MET E 113 -41.87 13.61 4.95
C MET E 113 -40.60 14.42 4.69
N TRP E 114 -39.86 14.07 3.65
CA TRP E 114 -38.69 14.84 3.20
C TRP E 114 -38.55 14.80 1.69
N SER E 115 -37.81 15.74 1.14
CA SER E 115 -37.39 15.74 -0.25
C SER E 115 -35.95 16.23 -0.37
N VAL E 116 -35.16 15.58 -1.22
CA VAL E 116 -33.78 15.91 -1.57
C VAL E 116 -33.64 15.69 -3.08
N PRO E 117 -34.06 16.66 -3.92
CA PRO E 117 -34.23 16.47 -5.35
C PRO E 117 -32.90 16.31 -6.12
N PHE E 118 -32.98 15.83 -7.36
CA PHE E 118 -31.82 15.75 -8.24
C PHE E 118 -31.49 17.09 -8.90
N ASP E 119 -32.48 17.73 -9.52
CA ASP E 119 -32.30 18.98 -10.25
C ASP E 119 -32.61 20.23 -9.40
N TYR E 120 -31.57 20.80 -8.79
CA TYR E 120 -31.67 22.00 -7.99
C TYR E 120 -31.93 23.30 -8.79
N ASN E 121 -31.95 23.27 -10.12
CA ASN E 121 -32.34 24.44 -10.91
C ASN E 121 -33.85 24.77 -10.78
N PHE E 122 -34.69 23.81 -10.34
CA PHE E 122 -36.15 23.95 -10.24
C PHE E 122 -36.74 23.59 -8.87
N TYR E 123 -35.99 22.89 -8.02
CA TYR E 123 -36.47 22.34 -6.75
C TYR E 123 -35.48 22.60 -5.60
N GLN E 124 -35.92 22.42 -4.36
CA GLN E 124 -35.10 22.56 -3.15
C GLN E 124 -35.45 21.50 -2.11
N ASN E 125 -34.64 21.34 -1.08
CA ASN E 125 -34.94 20.41 0.03
C ASN E 125 -36.14 20.92 0.85
N TRP E 126 -37.02 20.02 1.25
CA TRP E 126 -38.19 20.28 2.09
C TRP E 126 -38.37 19.17 3.12
N TRP E 127 -39.11 19.45 4.19
CA TRP E 127 -39.57 18.44 5.14
C TRP E 127 -40.89 18.85 5.77
N ASN E 128 -41.58 17.93 6.42
CA ASN E 128 -42.82 18.22 7.15
C ASN E 128 -43.11 17.09 8.15
N ALA E 129 -44.03 17.30 9.08
CA ALA E 129 -44.61 16.25 9.90
C ALA E 129 -46.06 16.58 10.29
N LYS E 130 -46.89 15.55 10.52
CA LYS E 130 -48.28 15.67 10.99
C LYS E 130 -48.69 14.47 11.86
N LEU E 131 -49.77 14.62 12.61
CA LEU E 131 -50.35 13.59 13.46
C LEU E 131 -51.80 13.34 13.01
N TYR E 132 -51.99 12.38 12.07
CA TYR E 132 -53.27 12.05 11.44
C TYR E 132 -54.17 11.17 12.31
N SER E 133 -55.49 11.23 12.08
CA SER E 133 -56.50 10.43 12.77
C SER E 133 -56.42 8.94 12.44
N GLY E 134 -56.56 8.08 13.45
CA GLY E 134 -56.59 6.62 13.28
C GLY E 134 -55.25 6.02 12.83
N ASN E 135 -55.30 4.84 12.23
CA ASN E 135 -54.13 4.12 11.69
C ASN E 135 -54.17 4.15 10.16
N GLN E 136 -53.14 4.74 9.54
CA GLN E 136 -52.99 4.92 8.10
C GLN E 136 -51.49 4.90 7.78
N ARG E 137 -50.99 3.84 7.13
CA ARG E 137 -49.58 3.72 6.75
C ARG E 137 -49.21 4.65 5.59
N ALA E 138 -47.94 5.05 5.54
CA ALA E 138 -47.43 6.01 4.57
C ALA E 138 -47.71 5.61 3.11
N ASP E 139 -48.16 6.57 2.28
CA ASP E 139 -48.56 6.36 0.89
C ASP E 139 -48.51 7.67 0.09
N TYR E 140 -48.92 7.63 -1.19
CA TYR E 140 -48.90 8.81 -2.06
C TYR E 140 -49.84 9.94 -1.60
N ASP E 141 -50.96 9.62 -0.94
CA ASP E 141 -51.83 10.66 -0.37
C ASP E 141 -51.15 11.35 0.82
N HIS E 142 -50.43 10.64 1.69
CA HIS E 142 -49.63 11.30 2.73
C HIS E 142 -48.51 12.17 2.10
N TYR E 143 -47.85 11.73 1.03
CA TYR E 143 -46.86 12.57 0.36
C TYR E 143 -47.50 13.87 -0.17
N VAL E 144 -48.57 13.79 -0.96
CA VAL E 144 -49.21 14.97 -1.53
C VAL E 144 -49.80 15.88 -0.45
N ASP E 145 -50.38 15.34 0.61
CA ASP E 145 -50.85 16.16 1.72
C ASP E 145 -49.71 16.84 2.49
N LEU E 146 -48.60 16.16 2.76
CA LEU E 146 -47.47 16.78 3.46
C LEU E 146 -46.66 17.75 2.59
N TYR E 147 -46.66 17.60 1.26
CA TYR E 147 -45.81 18.39 0.35
C TYR E 147 -46.56 19.51 -0.37
N TYR E 148 -47.86 19.35 -0.68
CA TYR E 148 -48.65 20.37 -1.39
C TYR E 148 -49.77 20.97 -0.53
N ASN E 149 -50.60 20.17 0.15
CA ASN E 149 -51.80 20.67 0.80
C ASN E 149 -51.54 21.28 2.20
N ALA E 150 -50.62 20.71 2.97
CA ALA E 150 -50.06 21.33 4.17
C ALA E 150 -49.00 22.39 3.82
N ASN E 151 -48.48 23.11 4.83
CA ASN E 151 -47.41 24.09 4.66
C ASN E 151 -46.07 23.46 5.08
N PRO E 152 -45.25 22.96 4.13
CA PRO E 152 -43.97 22.32 4.45
C PRO E 152 -42.90 23.32 4.86
N PHE E 153 -41.87 22.85 5.55
CA PHE E 153 -40.69 23.64 5.88
C PHE E 153 -39.62 23.46 4.82
N LYS E 154 -38.92 24.53 4.45
CA LYS E 154 -37.70 24.48 3.65
C LYS E 154 -36.49 24.16 4.53
N ALA E 155 -35.40 23.71 3.92
CA ALA E 155 -34.20 23.30 4.65
C ALA E 155 -33.30 24.48 5.02
N ASN E 156 -33.67 25.24 6.04
CA ASN E 156 -32.82 26.27 6.61
C ASN E 156 -32.98 26.39 8.13
N GLY E 157 -32.39 25.45 8.87
CA GLY E 157 -32.31 25.49 10.32
C GLY E 157 -33.64 25.24 11.03
N TRP E 158 -33.66 25.42 12.35
CA TRP E 158 -34.70 24.87 13.21
C TRP E 158 -36.05 25.54 13.07
N HIS E 159 -37.10 24.73 12.99
CA HIS E 159 -38.53 25.08 13.03
C HIS E 159 -39.24 24.28 14.12
N GLU E 160 -40.30 24.84 14.71
CA GLU E 160 -41.08 24.18 15.77
C GLU E 160 -42.59 24.41 15.58
N ARG E 161 -43.41 23.37 15.76
CA ARG E 161 -44.87 23.43 15.56
C ARG E 161 -45.59 22.43 16.47
N SER E 162 -46.81 22.76 16.90
CA SER E 162 -47.71 21.82 17.57
C SER E 162 -48.21 20.73 16.61
N LEU E 163 -48.30 19.48 17.07
CA LEU E 163 -49.01 18.40 16.38
C LEU E 163 -50.51 18.36 16.75
N GLY E 164 -50.92 19.08 17.79
CA GLY E 164 -52.17 18.82 18.50
C GLY E 164 -52.06 17.62 19.44
N SER E 165 -53.17 17.27 20.10
CA SER E 165 -53.27 16.11 21.01
C SER E 165 -52.18 16.05 22.11
N GLY E 166 -51.71 17.20 22.57
CA GLY E 166 -50.71 17.34 23.65
C GLY E 166 -49.25 17.26 23.21
N LEU E 167 -48.97 17.12 21.90
CA LEU E 167 -47.63 16.93 21.36
C LEU E 167 -47.22 18.08 20.44
N LYS E 168 -45.90 18.29 20.34
CA LYS E 168 -45.25 19.19 19.37
C LYS E 168 -44.00 18.54 18.83
N PHE E 169 -43.40 19.16 17.81
CA PHE E 169 -42.08 18.79 17.36
C PHE E 169 -41.23 20.03 17.08
N CYS E 170 -39.92 19.85 17.19
CA CYS E 170 -38.92 20.83 16.79
C CYS E 170 -37.84 20.10 16.00
N GLY E 171 -37.43 20.65 14.88
CA GLY E 171 -36.53 19.94 13.97
C GLY E 171 -35.92 20.84 12.92
N SER E 172 -34.97 20.31 12.17
CA SER E 172 -34.21 21.03 11.15
C SER E 172 -33.79 20.11 10.02
N MET E 173 -33.46 20.69 8.88
CA MET E 173 -32.90 19.96 7.74
C MET E 173 -31.76 20.74 7.12
N SER E 174 -30.68 20.06 6.77
CA SER E 174 -29.57 20.61 5.99
C SER E 174 -29.96 20.93 4.55
N SER E 175 -29.45 22.04 4.01
CA SER E 175 -29.67 22.45 2.61
C SER E 175 -28.81 21.71 1.59
N SER E 176 -27.90 20.83 2.03
CA SER E 176 -26.98 20.07 1.20
C SER E 176 -27.67 19.04 0.28
N GLY E 177 -26.99 18.61 -0.78
CA GLY E 177 -27.40 17.45 -1.58
C GLY E 177 -27.24 16.10 -0.87
N GLN E 178 -26.45 16.03 0.21
CA GLN E 178 -26.44 14.91 1.14
C GLN E 178 -26.94 15.42 2.50
N ALA E 179 -28.24 15.29 2.77
CA ALA E 179 -28.89 16.10 3.80
C ALA E 179 -29.05 15.33 5.10
N THR E 180 -28.67 15.93 6.23
CA THR E 180 -29.08 15.41 7.54
C THR E 180 -30.39 16.05 7.94
N LEU E 181 -31.33 15.29 8.49
CA LEU E 181 -32.63 15.75 8.95
C LEU E 181 -32.80 15.29 10.40
N GLU E 182 -33.19 16.18 11.28
CA GLU E 182 -33.37 15.87 12.70
C GLU E 182 -34.67 16.46 13.24
N ILE E 183 -35.45 15.66 13.95
CA ILE E 183 -36.70 16.06 14.60
C ILE E 183 -36.70 15.49 16.01
N HIS E 184 -37.09 16.29 16.99
CA HIS E 184 -37.42 15.84 18.34
C HIS E 184 -38.93 15.97 18.51
N VAL E 185 -39.62 14.90 18.89
CA VAL E 185 -41.07 14.90 19.10
C VAL E 185 -41.33 14.79 20.60
N LEU E 186 -42.03 15.77 21.16
CA LEU E 186 -42.06 16.00 22.61
C LEU E 186 -43.39 16.62 23.10
N LYS E 187 -43.64 16.51 24.40
CA LYS E 187 -44.82 17.08 25.05
C LYS E 187 -44.82 18.62 24.96
N GLU E 188 -45.99 19.24 24.83
CA GLU E 188 -46.09 20.71 24.68
C GLU E 188 -45.59 21.53 25.88
N SER E 189 -45.38 20.90 27.05
CA SER E 189 -44.81 21.52 28.26
C SER E 189 -43.29 21.41 28.40
N GLU E 190 -42.54 21.04 27.35
CA GLU E 190 -41.10 20.77 27.41
C GLU E 190 -40.27 21.48 26.32
N THR E 191 -38.94 21.54 26.50
CA THR E 191 -38.01 22.36 25.69
C THR E 191 -36.96 21.50 24.98
N CYS E 192 -36.65 21.82 23.72
CA CYS E 192 -35.88 20.99 22.80
C CYS E 192 -34.38 20.91 23.11
N MET E 193 -33.70 19.89 22.57
CA MET E 193 -32.26 19.64 22.67
C MET E 193 -31.69 19.90 24.06
N ALA F 13 -13.65 -2.07 -48.66
CA ALA F 13 -12.56 -3.05 -48.46
C ALA F 13 -12.58 -3.61 -47.03
N ALA F 14 -11.87 -4.72 -46.78
CA ALA F 14 -11.90 -5.46 -45.52
C ALA F 14 -11.41 -4.69 -44.28
N GLY F 15 -10.63 -3.61 -44.44
CA GLY F 15 -10.19 -2.75 -43.32
C GLY F 15 -11.36 -2.13 -42.56
N THR F 16 -12.47 -1.82 -43.24
CA THR F 16 -13.73 -1.38 -42.61
C THR F 16 -14.33 -2.46 -41.72
N ILE F 17 -14.35 -3.72 -42.17
CA ILE F 17 -14.91 -4.85 -41.41
C ILE F 17 -14.06 -5.13 -40.16
N ILE F 18 -12.73 -5.05 -40.26
CA ILE F 18 -11.83 -5.20 -39.11
C ILE F 18 -12.04 -4.07 -38.08
N ALA F 19 -12.14 -2.81 -38.52
CA ALA F 19 -12.46 -1.71 -37.61
C ALA F 19 -13.86 -1.86 -36.99
N GLY F 20 -14.83 -2.36 -37.76
CA GLY F 20 -16.16 -2.73 -37.26
C GLY F 20 -16.13 -3.84 -36.20
N ALA F 21 -15.23 -4.81 -36.31
CA ALA F 21 -15.00 -5.83 -35.28
C ALA F 21 -14.43 -5.23 -33.99
N GLU F 22 -13.42 -4.35 -34.09
CA GLU F 22 -12.87 -3.66 -32.91
C GLU F 22 -13.94 -2.89 -32.13
N LEU F 23 -14.82 -2.17 -32.83
CA LEU F 23 -15.98 -1.49 -32.22
C LEU F 23 -16.97 -2.51 -31.64
N THR F 24 -17.30 -3.58 -32.37
CA THR F 24 -18.28 -4.57 -31.93
C THR F 24 -17.87 -5.27 -30.64
N PHE F 25 -16.66 -5.82 -30.59
CA PHE F 25 -16.19 -6.52 -29.39
C PHE F 25 -15.79 -5.57 -28.26
N GLY F 26 -15.37 -4.33 -28.57
CA GLY F 26 -15.18 -3.27 -27.59
C GLY F 26 -16.47 -2.91 -26.84
N LEU F 27 -17.59 -2.75 -27.56
CA LEU F 27 -18.91 -2.54 -26.95
C LEU F 27 -19.40 -3.80 -26.21
N LEU F 28 -19.30 -4.98 -26.81
CA LEU F 28 -19.80 -6.21 -26.19
C LEU F 28 -19.10 -6.54 -24.86
N GLN F 29 -17.78 -6.36 -24.74
CA GLN F 29 -17.08 -6.56 -23.47
C GLN F 29 -17.64 -5.65 -22.37
N ASN F 30 -17.90 -4.36 -22.68
CA ASN F 30 -18.49 -3.43 -21.73
C ASN F 30 -19.95 -3.76 -21.38
N LEU F 31 -20.77 -4.21 -22.34
CA LEU F 31 -22.14 -4.62 -22.09
C LEU F 31 -22.22 -5.86 -21.18
N LEU F 32 -21.41 -6.89 -21.44
CA LEU F 32 -21.35 -8.08 -20.59
C LEU F 32 -20.79 -7.76 -19.20
N TYR F 33 -19.78 -6.89 -19.11
CA TYR F 33 -19.26 -6.41 -17.83
C TYR F 33 -20.31 -5.65 -17.02
N PHE F 34 -21.15 -4.84 -17.66
CA PHE F 34 -22.27 -4.17 -16.99
C PHE F 34 -23.28 -5.17 -16.41
N PHE F 35 -23.77 -6.14 -17.17
CA PHE F 35 -24.71 -7.13 -16.63
C PHE F 35 -24.08 -8.05 -15.57
N ALA F 36 -22.77 -8.30 -15.61
CA ALA F 36 -22.05 -9.04 -14.58
C ALA F 36 -21.85 -8.22 -13.28
N ASN F 37 -21.79 -6.91 -13.35
CA ASN F 37 -21.51 -6.01 -12.23
C ASN F 37 -22.75 -5.27 -11.68
N VAL F 38 -23.96 -5.74 -11.98
CA VAL F 38 -25.19 -5.25 -11.36
C VAL F 38 -25.58 -6.23 -10.29
N ASN F 39 -25.68 -5.80 -9.04
CA ASN F 39 -25.90 -6.69 -7.91
C ASN F 39 -27.37 -6.70 -7.49
N ARG F 40 -27.96 -7.87 -7.44
CA ARG F 40 -29.20 -8.16 -6.73
C ARG F 40 -28.89 -9.18 -5.66
N LYS F 41 -29.35 -8.91 -4.45
CA LYS F 41 -29.02 -9.61 -3.21
C LYS F 41 -30.24 -9.60 -2.32
N CYS F 42 -30.36 -10.58 -1.46
CA CYS F 42 -31.36 -10.63 -0.42
C CYS F 42 -30.68 -11.11 0.87
N ALA F 43 -31.17 -10.74 2.04
CA ALA F 43 -30.68 -11.27 3.32
C ALA F 43 -31.87 -11.52 4.25
N VAL F 44 -32.25 -12.77 4.44
CA VAL F 44 -33.52 -13.18 5.05
C VAL F 44 -33.31 -13.60 6.50
N GLY F 45 -33.94 -12.91 7.44
CA GLY F 45 -33.92 -13.22 8.86
C GLY F 45 -35.29 -13.66 9.34
N VAL F 46 -35.43 -14.88 9.86
CA VAL F 46 -36.71 -15.41 10.35
C VAL F 46 -36.53 -15.89 11.79
N ASP F 47 -36.87 -15.03 12.74
CA ASP F 47 -36.76 -15.28 14.16
C ASP F 47 -37.88 -16.20 14.66
N ASN F 48 -37.54 -17.38 15.16
CA ASN F 48 -38.50 -18.27 15.81
C ASN F 48 -38.67 -17.93 17.28
N GLU F 49 -39.78 -17.31 17.64
CA GLU F 49 -40.26 -17.25 19.03
C GLU F 49 -41.69 -17.82 19.14
N SER F 50 -42.02 -18.78 18.26
CA SER F 50 -43.33 -19.43 18.14
C SER F 50 -43.62 -20.44 19.26
N GLY F 51 -42.63 -20.80 20.08
CA GLY F 51 -42.77 -21.83 21.13
C GLY F 51 -42.74 -23.28 20.63
N PHE F 52 -42.50 -23.50 19.33
CA PHE F 52 -42.37 -24.82 18.71
C PHE F 52 -41.02 -24.99 18.02
N ARG F 53 -40.50 -26.22 17.98
CA ARG F 53 -39.33 -26.61 17.18
C ARG F 53 -39.67 -26.59 15.69
N TRP F 54 -38.79 -26.05 14.85
CA TRP F 54 -38.88 -26.14 13.39
C TRP F 54 -37.77 -27.04 12.86
N GLN F 55 -38.01 -27.84 11.82
CA GLN F 55 -37.03 -28.78 11.26
C GLN F 55 -37.24 -29.07 9.77
N GLU F 56 -36.30 -29.75 9.13
CA GLU F 56 -36.36 -30.16 7.72
C GLU F 56 -36.32 -28.99 6.74
N GLY F 57 -35.48 -28.00 7.05
CA GLY F 57 -35.38 -26.74 6.30
C GLY F 57 -35.08 -26.95 4.83
N SER F 58 -35.92 -26.41 3.94
CA SER F 58 -35.86 -26.64 2.50
C SER F 58 -36.08 -25.36 1.71
N THR F 59 -35.72 -25.35 0.42
CA THR F 59 -35.71 -24.14 -0.41
C THR F 59 -36.12 -24.42 -1.85
N TYR F 60 -36.43 -23.36 -2.60
CA TYR F 60 -36.58 -23.38 -4.05
C TYR F 60 -36.17 -22.02 -4.61
N PHE F 61 -35.59 -21.98 -5.81
CA PHE F 61 -35.32 -20.74 -6.52
C PHE F 61 -35.95 -20.74 -7.91
N PHE F 62 -36.76 -19.73 -8.20
CA PHE F 62 -37.15 -19.40 -9.56
C PHE F 62 -36.02 -18.64 -10.28
N SER F 63 -35.21 -17.87 -9.56
CA SER F 63 -33.97 -17.26 -10.03
C SER F 63 -33.03 -16.93 -8.86
N GLY F 64 -31.73 -16.88 -9.11
CA GLY F 64 -30.73 -16.68 -8.07
C GLY F 64 -30.38 -17.96 -7.31
N THR F 65 -29.44 -17.85 -6.37
CA THR F 65 -28.83 -18.98 -5.64
C THR F 65 -28.29 -18.54 -4.29
N ALA F 66 -28.08 -19.46 -3.34
CA ALA F 66 -27.40 -19.20 -2.08
C ALA F 66 -26.17 -20.10 -1.90
N ASP F 67 -25.06 -19.60 -1.38
CA ASP F 67 -23.82 -20.36 -1.22
C ASP F 67 -23.82 -21.27 0.03
N GLU F 68 -24.42 -20.85 1.13
CA GLU F 68 -24.48 -21.62 2.40
C GLU F 68 -25.71 -22.52 2.52
N ASN F 69 -25.71 -23.42 3.49
CA ASN F 69 -26.88 -24.23 3.88
C ASN F 69 -27.83 -23.45 4.79
N LEU F 70 -29.10 -23.87 4.86
CA LEU F 70 -29.95 -23.57 6.02
C LEU F 70 -29.50 -24.39 7.26
N PRO F 71 -29.82 -23.95 8.48
CA PRO F 71 -29.90 -24.85 9.63
C PRO F 71 -30.90 -25.99 9.37
N TYR F 72 -30.59 -27.23 9.77
CA TYR F 72 -31.57 -28.33 9.68
C TYR F 72 -32.79 -28.07 10.55
N SER F 73 -32.58 -27.40 11.70
CA SER F 73 -33.62 -27.07 12.67
C SER F 73 -33.46 -25.69 13.28
N VAL F 74 -34.56 -25.15 13.82
CA VAL F 74 -34.59 -23.87 14.54
C VAL F 74 -35.41 -24.06 15.81
N SER F 75 -34.74 -24.28 16.93
CA SER F 75 -35.36 -24.35 18.25
C SER F 75 -35.89 -22.98 18.70
N ASP F 76 -36.70 -22.96 19.75
CA ASP F 76 -37.33 -21.72 20.26
C ASP F 76 -36.28 -20.69 20.70
N GLY F 77 -36.39 -19.43 20.27
CA GLY F 77 -35.47 -18.36 20.62
C GLY F 77 -34.23 -18.22 19.73
N TYR F 78 -34.25 -18.80 18.52
CA TYR F 78 -33.16 -18.74 17.54
C TYR F 78 -33.69 -18.34 16.16
N ALA F 79 -32.81 -17.88 15.26
CA ALA F 79 -33.21 -17.31 13.98
C ALA F 79 -32.55 -17.98 12.78
N VAL F 80 -33.29 -18.17 11.69
CA VAL F 80 -32.71 -18.40 10.36
C VAL F 80 -32.05 -17.12 9.88
N LEU F 81 -30.78 -17.16 9.50
CA LEU F 81 -30.13 -16.14 8.68
C LEU F 81 -29.72 -16.81 7.36
N TYR F 82 -30.14 -16.28 6.22
CA TYR F 82 -29.95 -16.93 4.92
C TYR F 82 -29.86 -15.90 3.78
N GLY F 83 -28.79 -15.93 2.98
CA GLY F 83 -28.46 -14.83 2.05
C GLY F 83 -28.41 -15.19 0.56
N PRO F 84 -29.56 -15.34 -0.12
CA PRO F 84 -29.63 -15.44 -1.57
C PRO F 84 -28.93 -14.30 -2.34
N ARG F 85 -28.60 -14.53 -3.60
CA ARG F 85 -28.02 -13.53 -4.52
C ARG F 85 -28.34 -13.89 -5.97
N LYS F 86 -28.18 -12.97 -6.93
CA LYS F 86 -28.39 -13.27 -8.35
C LYS F 86 -27.42 -14.33 -8.85
N THR F 87 -27.79 -15.00 -9.93
CA THR F 87 -26.88 -15.88 -10.67
C THR F 87 -25.70 -15.07 -11.24
N ASN F 88 -24.49 -15.56 -11.06
CA ASN F 88 -23.25 -14.83 -11.35
C ASN F 88 -22.99 -14.70 -12.86
N GLY F 89 -22.16 -13.73 -13.26
CA GLY F 89 -21.86 -13.46 -14.67
C GLY F 89 -22.99 -12.73 -15.40
N PRO F 90 -22.88 -12.54 -16.73
CA PRO F 90 -23.73 -11.65 -17.53
C PRO F 90 -25.25 -11.95 -17.60
N VAL F 91 -25.74 -12.95 -16.82
CA VAL F 91 -27.17 -13.29 -16.85
C VAL F 91 -28.02 -12.23 -16.14
N ALA F 92 -29.01 -11.64 -16.88
CA ALA F 92 -29.85 -10.53 -16.43
C ALA F 92 -31.17 -10.98 -15.76
N THR F 93 -31.06 -11.69 -14.62
CA THR F 93 -32.21 -12.08 -13.79
C THR F 93 -31.91 -11.90 -12.29
N GLY F 94 -32.96 -11.70 -11.49
CA GLY F 94 -32.84 -11.29 -10.09
C GLY F 94 -32.83 -12.46 -9.10
N VAL F 95 -33.23 -12.22 -7.86
CA VAL F 95 -33.50 -13.28 -6.88
C VAL F 95 -35.00 -13.47 -6.74
N VAL F 96 -35.49 -14.70 -6.86
CA VAL F 96 -36.88 -15.05 -6.56
C VAL F 96 -36.90 -16.46 -6.02
N GLY F 97 -37.45 -16.69 -4.83
CA GLY F 97 -37.34 -17.99 -4.18
C GLY F 97 -38.27 -18.20 -3.01
N VAL F 98 -38.24 -19.42 -2.47
CA VAL F 98 -39.06 -19.89 -1.35
C VAL F 98 -38.16 -20.60 -0.34
N LEU F 99 -38.54 -20.53 0.92
CA LEU F 99 -37.95 -21.18 2.07
C LEU F 99 -39.07 -21.90 2.81
N ALA F 100 -38.82 -23.05 3.41
CA ALA F 100 -39.82 -23.74 4.21
C ALA F 100 -39.23 -24.53 5.37
N TYR F 101 -40.03 -24.81 6.38
CA TYR F 101 -39.71 -25.67 7.53
C TYR F 101 -40.96 -26.43 7.96
N TYR F 102 -40.81 -27.61 8.54
CA TYR F 102 -41.91 -28.38 9.13
C TYR F 102 -41.92 -28.21 10.64
N ILE F 103 -43.11 -28.06 11.23
CA ILE F 103 -43.31 -27.75 12.65
C ILE F 103 -44.05 -28.92 13.31
N PRO F 104 -43.35 -29.96 13.78
CA PRO F 104 -43.99 -31.21 14.19
C PRO F 104 -44.92 -31.07 15.41
N SER F 105 -44.78 -30.04 16.22
CA SER F 105 -45.66 -29.76 17.36
C SER F 105 -47.07 -29.29 16.97
N ILE F 106 -47.28 -28.87 15.71
CA ILE F 106 -48.57 -28.35 15.20
C ILE F 106 -48.99 -28.96 13.85
N GLY F 107 -48.17 -29.86 13.28
CA GLY F 107 -48.55 -30.66 12.10
C GLY F 107 -48.62 -29.90 10.78
N LYS F 108 -47.87 -28.79 10.65
CA LYS F 108 -47.91 -27.87 9.51
C LYS F 108 -46.52 -27.41 9.08
N THR F 109 -46.41 -26.90 7.85
CA THR F 109 -45.17 -26.34 7.33
C THR F 109 -45.25 -24.82 7.12
N LEU F 110 -44.40 -24.08 7.83
CA LEU F 110 -44.17 -22.66 7.55
C LEU F 110 -43.46 -22.52 6.20
N ALA F 111 -43.95 -21.65 5.32
CA ALA F 111 -43.28 -21.27 4.08
C ALA F 111 -43.10 -19.76 4.03
N VAL F 112 -41.98 -19.29 3.49
CA VAL F 112 -41.62 -17.87 3.33
C VAL F 112 -41.18 -17.65 1.89
N MET F 113 -41.55 -16.55 1.27
CA MET F 113 -41.22 -16.25 -0.12
C MET F 113 -40.73 -14.81 -0.24
N TRP F 114 -39.84 -14.55 -1.19
CA TRP F 114 -39.40 -13.19 -1.51
C TRP F 114 -39.10 -13.05 -2.99
N SER F 115 -39.08 -11.81 -3.48
CA SER F 115 -38.62 -11.46 -4.81
C SER F 115 -37.83 -10.17 -4.77
N VAL F 116 -36.72 -10.11 -5.51
CA VAL F 116 -35.83 -8.97 -5.71
C VAL F 116 -35.45 -8.96 -7.19
N PRO F 117 -36.29 -8.43 -8.08
CA PRO F 117 -36.15 -8.59 -9.53
C PRO F 117 -34.96 -7.84 -10.13
N PHE F 118 -34.60 -8.17 -11.37
CA PHE F 118 -33.56 -7.45 -12.10
C PHE F 118 -34.10 -6.17 -12.74
N ASP F 119 -35.21 -6.27 -13.49
CA ASP F 119 -35.79 -5.14 -14.21
C ASP F 119 -36.90 -4.42 -13.42
N TYR F 120 -36.52 -3.36 -12.71
CA TYR F 120 -37.45 -2.54 -11.94
C TYR F 120 -38.39 -1.66 -12.78
N ASN F 121 -38.25 -1.61 -14.11
CA ASN F 121 -39.22 -0.90 -14.96
C ASN F 121 -40.59 -1.61 -15.01
N PHE F 122 -40.67 -2.92 -14.65
CA PHE F 122 -41.89 -3.72 -14.73
C PHE F 122 -42.25 -4.46 -13.43
N TYR F 123 -41.32 -4.59 -12.49
CA TYR F 123 -41.47 -5.39 -11.27
C TYR F 123 -40.98 -4.63 -10.02
N GLN F 124 -41.32 -5.13 -8.83
CA GLN F 124 -40.91 -4.57 -7.53
C GLN F 124 -40.61 -5.68 -6.53
N ASN F 125 -39.98 -5.34 -5.40
CA ASN F 125 -39.74 -6.32 -4.33
C ASN F 125 -41.06 -6.73 -3.65
N TRP F 126 -41.21 -8.02 -3.35
CA TRP F 126 -42.36 -8.60 -2.65
C TRP F 126 -41.89 -9.64 -1.63
N TRP F 127 -42.72 -9.95 -0.66
CA TRP F 127 -42.55 -11.08 0.25
C TRP F 127 -43.88 -11.63 0.72
N ASN F 128 -43.89 -12.83 1.30
CA ASN F 128 -45.09 -13.42 1.88
C ASN F 128 -44.70 -14.54 2.86
N ALA F 129 -45.63 -15.01 3.67
CA ALA F 129 -45.49 -16.25 4.43
C ALA F 129 -46.85 -16.94 4.64
N LYS F 130 -46.86 -18.26 4.79
CA LYS F 130 -48.04 -19.08 5.10
C LYS F 130 -47.68 -20.31 5.94
N LEU F 131 -48.68 -20.93 6.56
CA LEU F 131 -48.55 -22.14 7.35
C LEU F 131 -49.45 -23.23 6.74
N TYR F 132 -48.90 -24.02 5.81
CA TYR F 132 -49.61 -25.06 5.04
C TYR F 132 -49.83 -26.37 5.81
N SER F 133 -50.86 -27.12 5.43
CA SER F 133 -51.19 -28.44 6.01
C SER F 133 -50.14 -29.52 5.71
N GLY F 134 -49.81 -30.33 6.72
CA GLY F 134 -48.89 -31.46 6.57
C GLY F 134 -47.44 -31.05 6.29
N ASN F 135 -46.66 -31.96 5.71
CA ASN F 135 -45.27 -31.74 5.32
C ASN F 135 -45.16 -31.65 3.79
N GLN F 136 -44.69 -30.51 3.29
CA GLN F 136 -44.54 -30.19 1.87
C GLN F 136 -43.34 -29.23 1.72
N ARG F 137 -42.23 -29.71 1.16
CA ARG F 137 -41.03 -28.88 0.94
C ARG F 137 -41.22 -27.85 -0.18
N ALA F 138 -40.49 -26.74 -0.10
CA ALA F 138 -40.61 -25.62 -1.02
C ALA F 138 -40.44 -26.01 -2.49
N ASP F 139 -41.31 -25.52 -3.38
CA ASP F 139 -41.34 -25.84 -4.81
C ASP F 139 -42.06 -24.74 -5.62
N TYR F 140 -42.22 -24.95 -6.93
CA TYR F 140 -42.86 -23.98 -7.82
C TYR F 140 -44.35 -23.74 -7.48
N ASP F 141 -45.08 -24.72 -6.95
CA ASP F 141 -46.45 -24.51 -6.51
C ASP F 141 -46.50 -23.61 -5.26
N HIS F 142 -45.57 -23.76 -4.30
CA HIS F 142 -45.48 -22.81 -3.19
C HIS F 142 -45.12 -21.40 -3.69
N TYR F 143 -44.23 -21.25 -4.67
CA TYR F 143 -43.94 -19.94 -5.24
C TYR F 143 -45.19 -19.30 -5.86
N VAL F 144 -45.88 -20.00 -6.76
CA VAL F 144 -47.07 -19.44 -7.42
C VAL F 144 -48.21 -19.18 -6.44
N ASP F 145 -48.42 -20.04 -5.45
CA ASP F 145 -49.40 -19.76 -4.40
C ASP F 145 -49.03 -18.57 -3.52
N LEU F 146 -47.78 -18.39 -3.11
CA LEU F 146 -47.37 -17.25 -2.29
C LEU F 146 -47.28 -15.94 -3.09
N TYR F 147 -47.05 -15.97 -4.40
CA TYR F 147 -46.82 -14.77 -5.22
C TYR F 147 -48.03 -14.34 -6.05
N TYR F 148 -48.90 -15.26 -6.49
CA TYR F 148 -50.08 -14.93 -7.31
C TYR F 148 -51.41 -15.23 -6.60
N ASN F 149 -51.59 -16.41 -6.00
CA ASN F 149 -52.90 -16.82 -5.50
C ASN F 149 -53.23 -16.28 -4.09
N ALA F 150 -52.24 -16.18 -3.20
CA ALA F 150 -52.33 -15.43 -1.96
C ALA F 150 -52.15 -13.90 -2.21
N ASN F 151 -52.31 -13.09 -1.16
CA ASN F 151 -52.09 -11.64 -1.22
C ASN F 151 -50.70 -11.30 -0.64
N PRO F 152 -49.66 -11.11 -1.48
CA PRO F 152 -48.31 -10.82 -1.01
C PRO F 152 -48.16 -9.39 -0.49
N PHE F 153 -47.15 -9.15 0.32
CA PHE F 153 -46.78 -7.82 0.77
C PHE F 153 -45.73 -7.21 -0.15
N LYS F 154 -45.85 -5.92 -0.46
CA LYS F 154 -44.79 -5.15 -1.12
C LYS F 154 -43.75 -4.67 -0.10
N ALA F 155 -42.57 -4.29 -0.57
CA ALA F 155 -41.47 -3.91 0.30
C ALA F 155 -41.55 -2.45 0.75
N ASN F 156 -42.43 -2.16 1.71
CA ASN F 156 -42.48 -0.85 2.35
C ASN F 156 -42.84 -0.96 3.85
N GLY F 157 -41.85 -1.35 4.66
CA GLY F 157 -41.97 -1.36 6.11
C GLY F 157 -42.90 -2.44 6.66
N TRP F 158 -43.16 -2.39 7.97
CA TRP F 158 -43.69 -3.52 8.73
C TRP F 158 -45.14 -3.85 8.41
N HIS F 159 -45.43 -5.14 8.22
CA HIS F 159 -46.74 -5.77 8.09
C HIS F 159 -46.89 -6.90 9.11
N GLU F 160 -48.11 -7.18 9.56
CA GLU F 160 -48.39 -8.23 10.54
C GLU F 160 -49.67 -9.00 10.17
N ARG F 161 -49.67 -10.34 10.27
CA ARG F 161 -50.81 -11.20 9.92
C ARG F 161 -50.82 -12.49 10.75
N SER F 162 -52.00 -13.03 11.02
CA SER F 162 -52.16 -14.36 11.60
C SER F 162 -51.75 -15.46 10.61
N LEU F 163 -51.07 -16.51 11.08
CA LEU F 163 -50.87 -17.76 10.34
C LEU F 163 -52.02 -18.75 10.52
N GLY F 164 -52.90 -18.53 11.49
CA GLY F 164 -53.77 -19.55 12.06
C GLY F 164 -53.01 -20.47 13.03
N SER F 165 -53.71 -21.48 13.57
CA SER F 165 -53.14 -22.49 14.47
C SER F 165 -52.38 -21.92 15.69
N GLY F 166 -52.79 -20.75 16.19
CA GLY F 166 -52.22 -20.08 17.37
C GLY F 166 -51.00 -19.20 17.10
N LEU F 167 -50.58 -19.06 15.85
CA LEU F 167 -49.38 -18.32 15.46
C LEU F 167 -49.70 -17.10 14.58
N LYS F 168 -48.81 -16.12 14.62
CA LYS F 168 -48.79 -14.95 13.72
C LYS F 168 -47.35 -14.63 13.33
N PHE F 169 -47.20 -13.72 12.38
CA PHE F 169 -45.89 -13.13 12.09
C PHE F 169 -46.00 -11.62 11.90
N CYS F 170 -44.91 -10.94 12.16
CA CYS F 170 -44.71 -9.53 11.86
C CYS F 170 -43.35 -9.36 11.21
N GLY F 171 -43.27 -8.61 10.13
CA GLY F 171 -42.04 -8.53 9.35
C GLY F 171 -42.04 -7.39 8.35
N SER F 172 -40.90 -7.14 7.73
CA SER F 172 -40.69 -6.04 6.79
C SER F 172 -39.66 -6.42 5.74
N MET F 173 -39.66 -5.71 4.63
CA MET F 173 -38.66 -5.85 3.58
C MET F 173 -38.21 -4.49 3.07
N SER F 174 -36.92 -4.31 2.86
CA SER F 174 -36.34 -3.14 2.22
C SER F 174 -36.70 -3.04 0.73
N SER F 175 -36.96 -1.84 0.23
CA SER F 175 -37.25 -1.57 -1.19
C SER F 175 -36.02 -1.54 -2.09
N SER F 176 -34.81 -1.67 -1.53
CA SER F 176 -33.53 -1.63 -2.24
C SER F 176 -33.33 -2.80 -3.21
N GLY F 177 -32.42 -2.65 -4.19
CA GLY F 177 -31.92 -3.75 -5.01
C GLY F 177 -31.01 -4.74 -4.26
N GLN F 178 -30.47 -4.35 -3.10
CA GLN F 178 -29.85 -5.27 -2.15
C GLN F 178 -30.69 -5.27 -0.87
N ALA F 179 -31.62 -6.21 -0.75
CA ALA F 179 -32.74 -6.06 0.18
C ALA F 179 -32.50 -6.83 1.47
N THR F 180 -32.70 -6.19 2.62
CA THR F 180 -32.82 -6.93 3.89
C THR F 180 -34.28 -7.29 4.12
N LEU F 181 -34.56 -8.50 4.58
CA LEU F 181 -35.89 -9.00 4.88
C LEU F 181 -35.88 -9.54 6.31
N GLU F 182 -36.84 -9.17 7.13
CA GLU F 182 -36.90 -9.60 8.51
C GLU F 182 -38.33 -10.00 8.89
N ILE F 183 -38.49 -11.16 9.52
CA ILE F 183 -39.76 -11.68 10.02
C ILE F 183 -39.55 -12.20 11.42
N HIS F 184 -40.45 -11.89 12.35
CA HIS F 184 -40.55 -12.53 13.65
C HIS F 184 -41.81 -13.39 13.64
N VAL F 185 -41.69 -14.68 13.96
CA VAL F 185 -42.83 -15.61 14.00
C VAL F 185 -43.11 -15.94 15.46
N LEU F 186 -44.33 -15.67 15.92
CA LEU F 186 -44.65 -15.60 17.36
C LEU F 186 -46.09 -15.98 17.68
N LYS F 187 -46.35 -16.30 18.94
CA LYS F 187 -47.68 -16.64 19.45
C LYS F 187 -48.64 -15.45 19.33
N GLU F 188 -49.93 -15.71 19.05
CA GLU F 188 -50.92 -14.64 18.87
C GLU F 188 -51.17 -13.76 20.12
N SER F 189 -50.73 -14.17 21.30
CA SER F 189 -50.81 -13.42 22.56
C SER F 189 -49.59 -12.54 22.88
N GLU F 190 -48.68 -12.29 21.92
CA GLU F 190 -47.40 -11.59 22.16
C GLU F 190 -47.10 -10.45 21.15
N THR F 191 -46.16 -9.57 21.48
CA THR F 191 -45.87 -8.31 20.77
C THR F 191 -44.45 -8.25 20.21
N CYS F 192 -44.31 -7.74 18.99
CA CYS F 192 -43.09 -7.84 18.18
C CYS F 192 -41.92 -6.96 18.65
N MET F 193 -40.69 -7.30 18.22
CA MET F 193 -39.43 -6.59 18.48
C MET F 193 -39.31 -6.11 19.92
N ALA G 13 -4.31 -7.29 -49.86
CA ALA G 13 -2.87 -7.37 -49.52
C ALA G 13 -2.67 -7.90 -48.09
N ALA G 14 -1.46 -8.32 -47.75
CA ALA G 14 -1.13 -8.99 -46.49
C ALA G 14 -1.37 -8.16 -45.21
N GLY G 15 -1.43 -6.83 -45.30
CA GLY G 15 -1.75 -5.96 -44.16
C GLY G 15 -3.13 -6.26 -43.54
N THR G 16 -4.10 -6.68 -44.35
CA THR G 16 -5.41 -7.17 -43.88
C THR G 16 -5.27 -8.44 -43.04
N ILE G 17 -4.44 -9.39 -43.48
CA ILE G 17 -4.23 -10.67 -42.77
C ILE G 17 -3.53 -10.43 -41.42
N ILE G 18 -2.55 -9.52 -41.37
CA ILE G 18 -1.88 -9.13 -40.12
C ILE G 18 -2.85 -8.47 -39.14
N ALA G 19 -3.68 -7.52 -39.60
CA ALA G 19 -4.73 -6.93 -38.76
C ALA G 19 -5.77 -7.97 -38.30
N GLY G 20 -6.12 -8.92 -39.17
CA GLY G 20 -6.95 -10.08 -38.82
C GLY G 20 -6.33 -10.98 -37.74
N ALA G 21 -5.00 -11.15 -37.74
CA ALA G 21 -4.29 -11.85 -36.67
C ALA G 21 -4.36 -11.10 -35.34
N GLU G 22 -4.13 -9.78 -35.33
CA GLU G 22 -4.27 -8.97 -34.11
C GLU G 22 -5.66 -9.11 -33.47
N LEU G 23 -6.72 -9.06 -34.28
CA LEU G 23 -8.10 -9.31 -33.82
C LEU G 23 -8.28 -10.76 -33.34
N THR G 24 -7.77 -11.74 -34.08
CA THR G 24 -7.94 -13.17 -33.74
C THR G 24 -7.30 -13.52 -32.40
N PHE G 25 -6.04 -13.18 -32.20
CA PHE G 25 -5.35 -13.49 -30.95
C PHE G 25 -5.76 -12.57 -29.79
N GLY G 26 -6.19 -11.34 -30.08
CA GLY G 26 -6.81 -10.45 -29.09
C GLY G 26 -8.11 -11.04 -28.51
N LEU G 27 -9.00 -11.58 -29.35
CA LEU G 27 -10.20 -12.30 -28.90
C LEU G 27 -9.85 -13.62 -28.20
N LEU G 28 -8.96 -14.43 -28.77
CA LEU G 28 -8.61 -15.74 -28.19
C LEU G 28 -8.02 -15.63 -26.78
N GLN G 29 -7.13 -14.66 -26.52
CA GLN G 29 -6.59 -14.45 -25.17
C GLN G 29 -7.71 -14.16 -24.16
N ASN G 30 -8.69 -13.32 -24.51
CA ASN G 30 -9.84 -13.01 -23.65
C ASN G 30 -10.78 -14.23 -23.47
N LEU G 31 -11.02 -15.03 -24.50
CA LEU G 31 -11.84 -16.23 -24.41
C LEU G 31 -11.21 -17.30 -23.49
N LEU G 32 -9.90 -17.56 -23.64
CA LEU G 32 -9.19 -18.50 -22.77
C LEU G 32 -9.11 -17.97 -21.33
N TYR G 33 -8.88 -16.67 -21.14
CA TYR G 33 -8.91 -16.04 -19.82
C TYR G 33 -10.29 -16.18 -19.14
N PHE G 34 -11.39 -16.04 -19.89
CA PHE G 34 -12.73 -16.28 -19.37
C PHE G 34 -12.92 -17.72 -18.89
N PHE G 35 -12.61 -18.73 -19.69
CA PHE G 35 -12.75 -20.13 -19.24
C PHE G 35 -11.80 -20.49 -18.10
N ALA G 36 -10.63 -19.86 -17.99
CA ALA G 36 -9.72 -20.04 -16.86
C ALA G 36 -10.20 -19.36 -15.56
N ASN G 37 -10.98 -18.31 -15.65
CA ASN G 37 -11.45 -17.50 -14.52
C ASN G 37 -12.92 -17.75 -14.13
N VAL G 38 -13.53 -18.86 -14.56
CA VAL G 38 -14.84 -19.29 -14.09
C VAL G 38 -14.62 -20.37 -13.06
N ASN G 39 -15.11 -20.17 -11.84
CA ASN G 39 -14.81 -21.07 -10.72
C ASN G 39 -15.98 -22.02 -10.48
N ARG G 40 -15.69 -23.31 -10.47
CA ARG G 40 -16.53 -24.36 -9.91
C ARG G 40 -15.75 -25.01 -8.79
N LYS G 41 -16.39 -25.16 -7.65
CA LYS G 41 -15.82 -25.58 -6.37
C LYS G 41 -16.85 -26.39 -5.62
N CYS G 42 -16.41 -27.28 -4.77
CA CYS G 42 -17.24 -28.01 -3.85
C CYS G 42 -16.54 -28.02 -2.48
N ALA G 43 -17.27 -28.12 -1.38
CA ALA G 43 -16.69 -28.30 -0.05
C ALA G 43 -17.53 -29.29 0.75
N VAL G 44 -17.04 -30.52 0.91
CA VAL G 44 -17.82 -31.68 1.38
C VAL G 44 -17.54 -31.95 2.85
N GLY G 45 -18.55 -31.87 3.69
CA GLY G 45 -18.49 -32.18 5.12
C GLY G 45 -19.30 -33.42 5.46
N VAL G 46 -18.68 -34.48 5.97
CA VAL G 46 -19.37 -35.73 6.32
C VAL G 46 -19.08 -36.07 7.77
N ASP G 47 -19.98 -35.68 8.66
CA ASP G 47 -19.86 -35.89 10.10
C ASP G 47 -20.20 -37.35 10.47
N ASN G 48 -19.23 -38.07 11.03
CA ASN G 48 -19.47 -39.41 11.58
C ASN G 48 -19.97 -39.33 13.02
N GLU G 49 -21.25 -39.59 13.24
CA GLU G 49 -21.79 -39.92 14.55
C GLU G 49 -22.53 -41.27 14.51
N SER G 50 -22.09 -42.17 13.61
CA SER G 50 -22.67 -43.49 13.36
C SER G 50 -22.36 -44.53 14.45
N GLY G 51 -21.45 -44.23 15.38
CA GLY G 51 -21.02 -45.18 16.43
C GLY G 51 -20.01 -46.25 15.96
N PHE G 52 -19.57 -46.19 14.69
CA PHE G 52 -18.56 -47.09 14.12
C PHE G 52 -17.35 -46.32 13.59
N ARG G 53 -16.17 -46.94 13.64
CA ARG G 53 -14.95 -46.45 12.98
C ARG G 53 -15.08 -46.57 11.46
N TRP G 54 -14.67 -45.54 10.72
CA TRP G 54 -14.53 -45.58 9.25
C TRP G 54 -13.05 -45.54 8.87
N GLN G 55 -12.63 -46.26 7.83
CA GLN G 55 -11.23 -46.32 7.40
C GLN G 55 -11.05 -46.59 5.90
N GLU G 56 -9.83 -46.49 5.39
CA GLU G 56 -9.47 -46.75 3.98
C GLU G 56 -10.10 -45.76 2.99
N GLY G 57 -10.11 -44.48 3.38
CA GLY G 57 -10.76 -43.40 2.63
C GLY G 57 -10.26 -43.29 1.20
N SER G 58 -11.15 -43.34 0.22
CA SER G 58 -10.82 -43.41 -1.20
C SER G 58 -11.71 -42.50 -2.03
N THR G 59 -11.31 -42.19 -3.27
CA THR G 59 -12.00 -41.20 -4.12
C THR G 59 -12.00 -41.58 -5.59
N TYR G 60 -12.82 -40.93 -6.39
CA TYR G 60 -12.79 -40.94 -7.84
C TYR G 60 -13.27 -39.60 -8.38
N PHE G 61 -12.74 -39.13 -9.50
CA PHE G 61 -13.25 -37.95 -10.19
C PHE G 61 -13.59 -38.27 -11.64
N PHE G 62 -14.83 -37.99 -12.04
CA PHE G 62 -15.21 -37.90 -13.45
C PHE G 62 -14.75 -36.55 -14.04
N SER G 63 -14.69 -35.49 -13.24
CA SER G 63 -14.07 -34.20 -13.59
C SER G 63 -13.69 -33.43 -12.32
N GLY G 64 -12.70 -32.54 -12.42
CA GLY G 64 -12.16 -31.82 -11.27
C GLY G 64 -11.16 -32.63 -10.46
N THR G 65 -10.59 -32.01 -9.42
CA THR G 65 -9.48 -32.54 -8.60
C THR G 65 -9.48 -31.95 -7.20
N ALA G 66 -8.83 -32.58 -6.23
CA ALA G 66 -8.61 -32.03 -4.89
C ALA G 66 -7.10 -31.97 -4.57
N ASP G 67 -6.63 -30.90 -3.93
CA ASP G 67 -5.20 -30.71 -3.61
C ASP G 67 -4.75 -31.49 -2.36
N GLU G 68 -5.58 -31.61 -1.33
CA GLU G 68 -5.27 -32.32 -0.08
C GLU G 68 -5.66 -33.81 -0.08
N ASN G 69 -5.18 -34.56 0.90
CA ASN G 69 -5.60 -35.94 1.16
C ASN G 69 -6.91 -36.00 1.96
N LEU G 70 -7.63 -37.12 1.87
CA LEU G 70 -8.58 -37.51 2.92
C LEU G 70 -7.85 -37.93 4.22
N PRO G 71 -8.48 -37.86 5.39
CA PRO G 71 -8.10 -38.68 6.54
C PRO G 71 -8.11 -40.17 6.18
N TYR G 72 -7.13 -40.97 6.63
CA TYR G 72 -7.16 -42.42 6.45
C TYR G 72 -8.35 -43.05 7.18
N SER G 73 -8.73 -42.46 8.32
CA SER G 73 -9.84 -42.94 9.16
C SER G 73 -10.65 -41.80 9.77
N VAL G 74 -11.89 -42.10 10.17
CA VAL G 74 -12.79 -41.18 10.86
C VAL G 74 -13.43 -41.93 12.03
N SER G 75 -12.88 -41.74 13.23
CA SER G 75 -13.44 -42.26 14.47
C SER G 75 -14.76 -41.57 14.82
N ASP G 76 -15.51 -42.13 15.78
CA ASP G 76 -16.82 -41.60 16.19
C ASP G 76 -16.72 -40.16 16.73
N GLY G 77 -17.56 -39.25 16.27
CA GLY G 77 -17.57 -37.85 16.72
C GLY G 77 -16.62 -36.91 15.96
N TYR G 78 -16.15 -37.29 14.77
CA TYR G 78 -15.25 -36.50 13.92
C TYR G 78 -15.77 -36.44 12.48
N ALA G 79 -15.31 -35.47 11.68
CA ALA G 79 -15.85 -35.21 10.35
C ALA G 79 -14.79 -35.23 9.25
N VAL G 80 -15.14 -35.78 8.08
CA VAL G 80 -14.41 -35.52 6.83
C VAL G 80 -14.67 -34.08 6.42
N LEU G 81 -13.63 -33.29 6.18
CA LEU G 81 -13.71 -32.03 5.42
C LEU G 81 -12.83 -32.21 4.17
N TYR G 82 -13.37 -32.00 2.98
CA TYR G 82 -12.68 -32.31 1.72
C TYR G 82 -13.16 -31.38 0.59
N GLY G 83 -12.25 -30.68 -0.09
CA GLY G 83 -12.60 -29.57 -0.99
C GLY G 83 -12.19 -29.74 -2.47
N PRO G 84 -12.90 -30.54 -3.27
CA PRO G 84 -12.75 -30.57 -4.72
C PRO G 84 -12.87 -29.19 -5.40
N ARG G 85 -12.33 -29.09 -6.62
CA ARG G 85 -12.43 -27.90 -7.49
C ARG G 85 -12.31 -28.28 -8.96
N LYS G 86 -12.67 -27.42 -9.90
CA LYS G 86 -12.50 -27.70 -11.34
C LYS G 86 -11.02 -27.87 -11.70
N THR G 87 -10.79 -28.56 -12.81
CA THR G 87 -9.46 -28.61 -13.42
C THR G 87 -9.02 -27.21 -13.86
N ASN G 88 -7.79 -26.84 -13.54
CA ASN G 88 -7.28 -25.47 -13.71
C ASN G 88 -7.01 -25.11 -15.18
N GLY G 89 -6.94 -23.82 -15.49
CA GLY G 89 -6.75 -23.33 -16.85
C GLY G 89 -8.00 -23.43 -17.73
N PRO G 90 -7.92 -23.13 -19.03
CA PRO G 90 -9.05 -22.95 -19.95
C PRO G 90 -10.00 -24.13 -20.18
N VAL G 91 -9.84 -25.26 -19.46
CA VAL G 91 -10.71 -26.43 -19.64
C VAL G 91 -12.10 -26.18 -19.04
N ALA G 92 -13.17 -26.30 -19.90
CA ALA G 92 -14.56 -26.01 -19.57
C ALA G 92 -15.34 -27.23 -19.05
N THR G 93 -14.93 -27.78 -17.90
CA THR G 93 -15.64 -28.87 -17.19
C THR G 93 -15.67 -28.63 -15.68
N GLY G 94 -16.68 -29.18 -15.01
CA GLY G 94 -16.99 -28.87 -13.61
C GLY G 94 -16.35 -29.83 -12.61
N VAL G 95 -16.93 -29.96 -11.42
CA VAL G 95 -16.55 -31.02 -10.47
C VAL G 95 -17.59 -32.12 -10.50
N VAL G 96 -17.18 -33.38 -10.64
CA VAL G 96 -18.06 -34.54 -10.51
C VAL G 96 -17.23 -35.68 -9.95
N GLY G 97 -17.63 -36.27 -8.83
CA GLY G 97 -16.78 -37.25 -8.15
C GLY G 97 -17.46 -38.07 -7.08
N VAL G 98 -16.73 -39.02 -6.53
CA VAL G 98 -17.17 -39.97 -5.51
C VAL G 98 -16.14 -40.02 -4.38
N LEU G 99 -16.60 -40.27 -3.18
CA LEU G 99 -15.85 -40.47 -1.95
C LEU G 99 -16.32 -41.78 -1.34
N ALA G 100 -15.46 -42.55 -0.69
CA ALA G 100 -15.87 -43.77 0.00
C ALA G 100 -15.01 -44.06 1.23
N TYR G 101 -15.56 -44.85 2.15
CA TYR G 101 -14.88 -45.39 3.33
C TYR G 101 -15.39 -46.79 3.63
N TYR G 102 -14.60 -47.64 4.25
CA TYR G 102 -15.00 -48.96 4.72
C TYR G 102 -15.28 -48.92 6.22
N ILE G 103 -16.33 -49.60 6.66
CA ILE G 103 -16.83 -49.57 8.04
C ILE G 103 -16.72 -51.00 8.63
N PRO G 104 -15.57 -51.39 9.19
CA PRO G 104 -15.29 -52.77 9.56
C PRO G 104 -16.22 -53.34 10.65
N SER G 105 -16.86 -52.48 11.46
CA SER G 105 -17.82 -52.90 12.48
C SER G 105 -19.16 -53.41 11.93
N ILE G 106 -19.46 -53.14 10.64
CA ILE G 106 -20.73 -53.52 9.98
C ILE G 106 -20.52 -54.18 8.60
N GLY G 107 -19.27 -54.33 8.14
CA GLY G 107 -18.93 -55.11 6.94
C GLY G 107 -19.35 -54.48 5.61
N LYS G 108 -19.46 -53.15 5.55
CA LYS G 108 -19.97 -52.39 4.39
C LYS G 108 -19.15 -51.13 4.12
N THR G 109 -19.27 -50.59 2.91
CA THR G 109 -18.62 -49.34 2.52
C THR G 109 -19.62 -48.21 2.29
N LEU G 110 -19.52 -47.14 3.06
CA LEU G 110 -20.21 -45.89 2.79
C LEU G 110 -19.62 -45.25 1.53
N ALA G 111 -20.46 -44.82 0.59
CA ALA G 111 -20.07 -44.04 -0.57
C ALA G 111 -20.89 -42.75 -0.63
N VAL G 112 -20.27 -41.66 -1.05
CA VAL G 112 -20.87 -40.32 -1.19
C VAL G 112 -20.53 -39.77 -2.57
N MET G 113 -21.45 -39.12 -3.24
CA MET G 113 -21.26 -38.60 -4.59
C MET G 113 -21.79 -37.18 -4.68
N TRP G 114 -21.18 -36.35 -5.53
CA TRP G 114 -21.66 -35.00 -5.81
C TRP G 114 -21.39 -34.61 -7.25
N SER G 115 -22.11 -33.62 -7.75
CA SER G 115 -21.84 -32.97 -9.03
C SER G 115 -22.06 -31.47 -8.92
N VAL G 116 -21.17 -30.70 -9.53
CA VAL G 116 -21.19 -29.24 -9.64
C VAL G 116 -20.76 -28.90 -11.07
N PRO G 117 -21.65 -28.96 -12.06
CA PRO G 117 -21.30 -28.92 -13.48
C PRO G 117 -20.81 -27.54 -13.94
N PHE G 118 -20.19 -27.50 -15.13
CA PHE G 118 -19.78 -26.23 -15.76
C PHE G 118 -20.95 -25.56 -16.47
N ASP G 119 -21.65 -26.28 -17.34
CA ASP G 119 -22.76 -25.74 -18.15
C ASP G 119 -24.14 -25.94 -17.50
N TYR G 120 -24.59 -24.92 -16.77
CA TYR G 120 -25.90 -24.91 -16.12
C TYR G 120 -27.10 -24.77 -17.08
N ASN G 121 -26.90 -24.57 -18.38
CA ASN G 121 -27.99 -24.58 -19.35
C ASN G 121 -28.59 -26.00 -19.55
N PHE G 122 -27.86 -27.07 -19.18
CA PHE G 122 -28.27 -28.47 -19.37
C PHE G 122 -28.21 -29.35 -18.12
N TYR G 123 -27.52 -28.91 -17.08
CA TYR G 123 -27.23 -29.70 -15.87
C TYR G 123 -27.47 -28.88 -14.59
N GLN G 124 -27.53 -29.55 -13.44
CA GLN G 124 -27.70 -28.94 -12.11
C GLN G 124 -26.86 -29.66 -11.06
N ASN G 125 -26.71 -29.08 -9.87
CA ASN G 125 -26.02 -29.74 -8.77
C ASN G 125 -26.83 -30.94 -8.24
N TRP G 126 -26.15 -32.04 -7.93
CA TRP G 126 -26.73 -33.26 -7.36
C TRP G 126 -25.82 -33.82 -6.28
N TRP G 127 -26.37 -34.65 -5.40
CA TRP G 127 -25.59 -35.47 -4.46
C TRP G 127 -26.31 -36.77 -4.14
N ASN G 128 -25.62 -37.74 -3.55
CA ASN G 128 -26.21 -38.99 -3.10
C ASN G 128 -25.30 -39.66 -2.06
N ALA G 129 -25.80 -40.66 -1.36
CA ALA G 129 -24.99 -41.57 -0.56
C ALA G 129 -25.61 -42.98 -0.50
N LYS G 130 -24.79 -44.01 -0.32
CA LYS G 130 -25.20 -45.42 -0.14
C LYS G 130 -24.23 -46.19 0.75
N LEU G 131 -24.67 -47.33 1.26
CA LEU G 131 -23.88 -48.24 2.08
C LEU G 131 -23.82 -49.61 1.39
N TYR G 132 -22.80 -49.82 0.55
CA TYR G 132 -22.61 -51.02 -0.29
C TYR G 132 -22.02 -52.22 0.48
N SER G 133 -22.29 -53.43 0.00
CA SER G 133 -21.77 -54.68 0.56
C SER G 133 -20.26 -54.84 0.40
N GLY G 134 -19.58 -55.32 1.45
CA GLY G 134 -18.14 -55.61 1.42
C GLY G 134 -17.27 -54.36 1.31
N ASN G 135 -16.03 -54.53 0.83
CA ASN G 135 -15.07 -53.46 0.60
C ASN G 135 -14.89 -53.23 -0.91
N GLN G 136 -15.20 -52.02 -1.37
CA GLN G 136 -15.15 -51.59 -2.77
C GLN G 136 -14.83 -50.09 -2.79
N ARG G 137 -13.62 -49.70 -3.22
CA ARG G 137 -13.20 -48.30 -3.31
C ARG G 137 -13.89 -47.56 -4.46
N ALA G 138 -14.05 -46.25 -4.31
CA ALA G 138 -14.77 -45.40 -5.26
C ALA G 138 -14.23 -45.50 -6.70
N ASP G 139 -15.12 -45.62 -7.69
CA ASP G 139 -14.79 -45.80 -9.10
C ASP G 139 -15.96 -45.37 -10.01
N TYR G 140 -15.83 -45.55 -11.33
CA TYR G 140 -16.85 -45.15 -12.30
C TYR G 140 -18.18 -45.91 -12.14
N ASP G 141 -18.15 -47.17 -11.68
CA ASP G 141 -19.39 -47.90 -11.40
C ASP G 141 -20.11 -47.32 -10.18
N HIS G 142 -19.41 -46.90 -9.12
CA HIS G 142 -20.05 -46.17 -8.02
C HIS G 142 -20.62 -44.83 -8.49
N TYR G 143 -19.93 -44.10 -9.37
CA TYR G 143 -20.49 -42.86 -9.93
C TYR G 143 -21.79 -43.12 -10.69
N VAL G 144 -21.79 -44.04 -11.66
CA VAL G 144 -22.98 -44.33 -12.47
C VAL G 144 -24.12 -44.90 -11.62
N ASP G 145 -23.84 -45.76 -10.64
CA ASP G 145 -24.87 -46.23 -9.73
C ASP G 145 -25.43 -45.12 -8.83
N LEU G 146 -24.62 -44.23 -8.28
CA LEU G 146 -25.12 -43.13 -7.44
C LEU G 146 -25.81 -42.02 -8.24
N TYR G 147 -25.47 -41.81 -9.52
CA TYR G 147 -25.98 -40.69 -10.33
C TYR G 147 -27.10 -41.08 -11.30
N TYR G 148 -27.14 -42.31 -11.82
CA TYR G 148 -28.17 -42.75 -12.77
C TYR G 148 -29.07 -43.87 -12.22
N ASN G 149 -28.52 -44.93 -11.62
CA ASN G 149 -29.31 -46.11 -11.27
C ASN G 149 -30.04 -45.98 -9.91
N ALA G 150 -29.44 -45.33 -8.92
CA ALA G 150 -30.11 -44.88 -7.71
C ALA G 150 -30.91 -43.58 -7.96
N ASN G 151 -31.66 -43.11 -6.96
CA ASN G 151 -32.40 -41.84 -7.01
C ASN G 151 -31.61 -40.74 -6.28
N PRO G 152 -30.85 -39.88 -7.00
CA PRO G 152 -30.04 -38.84 -6.38
C PRO G 152 -30.89 -37.67 -5.87
N PHE G 153 -30.34 -36.88 -4.95
CA PHE G 153 -30.95 -35.65 -4.48
C PHE G 153 -30.45 -34.47 -5.29
N LYS G 154 -31.33 -33.53 -5.63
CA LYS G 154 -30.95 -32.22 -6.17
C LYS G 154 -30.54 -31.26 -5.05
N ALA G 155 -29.83 -30.19 -5.39
CA ALA G 155 -29.32 -29.25 -4.41
C ALA G 155 -30.36 -28.20 -3.99
N ASN G 156 -31.32 -28.59 -3.14
CA ASN G 156 -32.25 -27.65 -2.53
C ASN G 156 -32.60 -28.05 -1.09
N GLY G 157 -31.67 -27.78 -0.16
CA GLY G 157 -31.90 -27.95 1.27
C GLY G 157 -31.98 -29.40 1.73
N TRP G 158 -32.35 -29.61 2.99
CA TRP G 158 -32.11 -30.86 3.71
C TRP G 158 -32.98 -32.02 3.23
N HIS G 159 -32.36 -33.18 3.04
CA HIS G 159 -32.96 -34.49 2.76
C HIS G 159 -32.45 -35.52 3.77
N GLU G 160 -33.26 -36.53 4.09
CA GLU G 160 -32.90 -37.59 5.04
C GLU G 160 -33.37 -38.97 4.54
N ARG G 161 -32.52 -40.00 4.67
CA ARG G 161 -32.80 -41.37 4.19
C ARG G 161 -32.08 -42.42 5.04
N SER G 162 -32.68 -43.60 5.18
CA SER G 162 -32.01 -44.77 5.76
C SER G 162 -30.90 -45.30 4.85
N LEU G 163 -29.75 -45.71 5.40
CA LEU G 163 -28.73 -46.50 4.71
C LEU G 163 -29.01 -48.01 4.78
N GLY G 164 -29.92 -48.45 5.64
CA GLY G 164 -29.98 -49.82 6.12
C GLY G 164 -28.92 -50.11 7.18
N SER G 165 -28.87 -51.36 7.66
CA SER G 165 -27.88 -51.84 8.64
C SER G 165 -27.78 -50.99 9.92
N GLY G 166 -28.88 -50.38 10.35
CA GLY G 166 -28.99 -49.58 11.57
C GLY G 166 -28.60 -48.10 11.44
N LEU G 167 -28.23 -47.65 10.24
CA LEU G 167 -27.74 -46.30 9.98
C LEU G 167 -28.66 -45.51 9.05
N LYS G 168 -28.62 -44.18 9.18
CA LYS G 168 -29.25 -43.22 8.26
C LYS G 168 -28.33 -42.04 8.04
N PHE G 169 -28.69 -41.18 7.10
CA PHE G 169 -28.04 -39.89 6.95
C PHE G 169 -29.05 -38.78 6.72
N CYS G 170 -28.68 -37.57 7.09
CA CYS G 170 -29.39 -36.34 6.80
C CYS G 170 -28.38 -35.31 6.31
N GLY G 171 -28.69 -34.62 5.22
CA GLY G 171 -27.73 -33.74 4.59
C GLY G 171 -28.35 -32.78 3.59
N SER G 172 -27.57 -31.84 3.09
CA SER G 172 -28.01 -30.80 2.16
C SER G 172 -26.88 -30.38 1.25
N MET G 173 -27.22 -29.75 0.13
CA MET G 173 -26.27 -29.17 -0.80
C MET G 173 -26.74 -27.81 -1.27
N SER G 174 -25.83 -26.84 -1.33
CA SER G 174 -26.07 -25.53 -1.92
C SER G 174 -26.26 -25.60 -3.44
N SER G 175 -27.17 -24.79 -3.99
CA SER G 175 -27.43 -24.69 -5.44
C SER G 175 -26.41 -23.83 -6.19
N SER G 176 -25.46 -23.21 -5.50
CA SER G 176 -24.44 -22.32 -6.05
C SER G 176 -23.44 -23.03 -6.97
N GLY G 177 -22.75 -22.28 -7.84
CA GLY G 177 -21.58 -22.77 -8.58
C GLY G 177 -20.34 -23.01 -7.71
N GLN G 178 -20.27 -22.43 -6.51
CA GLN G 178 -19.31 -22.81 -5.48
C GLN G 178 -20.08 -23.42 -4.31
N ALA G 179 -20.21 -24.75 -4.28
CA ALA G 179 -21.26 -25.39 -3.49
C ALA G 179 -20.71 -25.91 -2.16
N THR G 180 -21.39 -25.62 -1.05
CA THR G 180 -21.13 -26.33 0.21
C THR G 180 -22.04 -27.55 0.28
N LEU G 181 -21.54 -28.69 0.71
CA LEU G 181 -22.28 -29.94 0.86
C LEU G 181 -22.06 -30.44 2.29
N GLU G 182 -23.11 -30.80 3.00
CA GLU G 182 -23.02 -31.27 4.38
C GLU G 182 -23.90 -32.50 4.59
N ILE G 183 -23.36 -33.53 5.22
CA ILE G 183 -24.05 -34.76 5.57
C ILE G 183 -23.69 -35.12 7.01
N HIS G 184 -24.67 -35.50 7.81
CA HIS G 184 -24.48 -36.14 9.11
C HIS G 184 -24.89 -37.59 8.96
N VAL G 185 -24.01 -38.53 9.31
CA VAL G 185 -24.31 -39.97 9.24
C VAL G 185 -24.45 -40.51 10.66
N LEU G 186 -25.61 -41.09 10.98
CA LEU G 186 -26.03 -41.31 12.36
C LEU G 186 -26.93 -42.55 12.52
N LYS G 187 -27.04 -43.03 13.75
CA LYS G 187 -27.90 -44.17 14.10
C LYS G 187 -29.38 -43.86 13.85
N GLU G 188 -30.18 -44.84 13.44
CA GLU G 188 -31.60 -44.63 13.13
C GLU G 188 -32.48 -44.19 14.32
N SER G 189 -31.99 -44.30 15.55
CA SER G 189 -32.66 -43.85 16.78
C SER G 189 -32.31 -42.41 17.22
N GLU G 190 -31.67 -41.59 16.38
CA GLU G 190 -31.16 -40.25 16.76
C GLU G 190 -31.56 -39.13 15.76
N THR G 191 -31.43 -37.87 16.20
CA THR G 191 -31.94 -36.66 15.50
C THR G 191 -30.83 -35.70 15.10
N CYS G 192 -30.91 -35.12 13.89
CA CYS G 192 -29.84 -34.39 13.23
C CYS G 192 -29.55 -33.00 13.82
N MET G 193 -28.36 -32.46 13.54
CA MET G 193 -27.87 -31.14 13.92
C MET G 193 -28.22 -30.76 15.37
N ALA H 13 6.27 -5.35 -49.90
CA ALA H 13 7.39 -4.53 -49.40
C ALA H 13 7.73 -4.89 -47.95
N ALA H 14 8.90 -4.47 -47.46
CA ALA H 14 9.44 -4.87 -46.15
C ALA H 14 8.61 -4.44 -44.93
N GLY H 15 7.72 -3.45 -45.04
CA GLY H 15 6.81 -3.05 -43.96
C GLY H 15 5.88 -4.19 -43.50
N THR H 16 5.49 -5.09 -44.41
CA THR H 16 4.75 -6.32 -44.09
C THR H 16 5.58 -7.26 -43.22
N ILE H 17 6.86 -7.45 -43.54
CA ILE H 17 7.77 -8.34 -42.79
C ILE H 17 8.01 -7.79 -41.37
N ILE H 18 8.19 -6.48 -41.23
CA ILE H 18 8.33 -5.82 -39.92
C ILE H 18 7.06 -5.99 -39.07
N ALA H 19 5.87 -5.75 -39.64
CA ALA H 19 4.61 -6.00 -38.92
C ALA H 19 4.43 -7.49 -38.57
N GLY H 20 4.86 -8.40 -39.46
CA GLY H 20 4.92 -9.84 -39.19
C GLY H 20 5.85 -10.21 -38.03
N ALA H 21 6.98 -9.50 -37.87
CA ALA H 21 7.87 -9.66 -36.72
C ALA H 21 7.21 -9.20 -35.41
N GLU H 22 6.54 -8.04 -35.41
CA GLU H 22 5.80 -7.58 -34.22
C GLU H 22 4.75 -8.59 -33.74
N LEU H 23 3.99 -9.19 -34.67
CA LEU H 23 3.06 -10.27 -34.37
C LEU H 23 3.79 -11.53 -33.88
N THR H 24 4.88 -11.93 -34.55
CA THR H 24 5.62 -13.15 -34.21
C THR H 24 6.19 -13.11 -32.80
N PHE H 25 6.93 -12.06 -32.46
CA PHE H 25 7.53 -11.94 -31.13
C PHE H 25 6.52 -11.55 -30.04
N GLY H 26 5.44 -10.86 -30.40
CA GLY H 26 4.29 -10.63 -29.51
C GLY H 26 3.61 -11.94 -29.07
N LEU H 27 3.36 -12.87 -29.99
CA LEU H 27 2.85 -14.20 -29.68
C LEU H 27 3.88 -15.05 -28.92
N LEU H 28 5.14 -15.08 -29.36
CA LEU H 28 6.17 -15.91 -28.73
C LEU H 28 6.42 -15.53 -27.26
N GLN H 29 6.47 -14.24 -26.91
CA GLN H 29 6.61 -13.81 -25.52
C GLN H 29 5.47 -14.36 -24.65
N ASN H 30 4.22 -14.30 -25.12
CA ASN H 30 3.06 -14.85 -24.40
C ASN H 30 3.09 -16.39 -24.31
N LEU H 31 3.51 -17.10 -25.36
CA LEU H 31 3.65 -18.56 -25.34
C LEU H 31 4.72 -19.03 -24.34
N LEU H 32 5.90 -18.40 -24.33
CA LEU H 32 6.95 -18.73 -23.37
C LEU H 32 6.54 -18.36 -21.94
N TYR H 33 5.86 -17.22 -21.75
CA TYR H 33 5.31 -16.84 -20.44
C TYR H 33 4.27 -17.85 -19.93
N PHE H 34 3.42 -18.39 -20.80
CA PHE H 34 2.49 -19.45 -20.43
C PHE H 34 3.21 -20.73 -19.94
N PHE H 35 4.17 -21.26 -20.70
CA PHE H 35 4.91 -22.45 -20.24
C PHE H 35 5.76 -22.20 -18.99
N ALA H 36 6.24 -20.98 -18.76
CA ALA H 36 6.94 -20.60 -17.53
C ALA H 36 6.02 -20.47 -16.31
N ASN H 37 4.75 -20.14 -16.51
CA ASN H 37 3.77 -19.89 -15.45
C ASN H 37 2.77 -21.03 -15.23
N VAL H 38 3.04 -22.24 -15.71
CA VAL H 38 2.26 -23.44 -15.39
C VAL H 38 3.01 -24.20 -14.31
N ASN H 39 2.39 -24.42 -13.16
CA ASN H 39 3.08 -24.99 -12.00
C ASN H 39 2.76 -26.48 -11.88
N ARG H 40 3.80 -27.29 -11.82
CA ARG H 40 3.76 -28.67 -11.34
C ARG H 40 4.67 -28.76 -10.13
N LYS H 41 4.16 -29.34 -9.06
CA LYS H 41 4.75 -29.37 -7.72
C LYS H 41 4.38 -30.69 -7.09
N CYS H 42 5.21 -31.15 -6.17
CA CYS H 42 4.94 -32.30 -5.34
C CYS H 42 5.35 -31.96 -3.91
N ALA H 43 4.74 -32.57 -2.89
CA ALA H 43 5.17 -32.41 -1.50
C ALA H 43 5.07 -33.76 -0.79
N VAL H 44 6.21 -34.41 -0.55
CA VAL H 44 6.31 -35.82 -0.16
C VAL H 44 6.55 -35.94 1.34
N GLY H 45 5.64 -36.58 2.06
CA GLY H 45 5.74 -36.85 3.49
C GLY H 45 5.87 -38.35 3.75
N VAL H 46 6.96 -38.81 4.35
CA VAL H 46 7.20 -40.23 4.64
C VAL H 46 7.49 -40.39 6.12
N ASP H 47 6.47 -40.73 6.89
CA ASP H 47 6.55 -40.90 8.34
C ASP H 47 7.18 -42.25 8.69
N ASN H 48 8.32 -42.24 9.37
CA ASN H 48 8.93 -43.46 9.91
C ASN H 48 8.36 -43.79 11.28
N GLU H 49 7.52 -44.82 11.36
CA GLU H 49 7.19 -45.50 12.61
C GLU H 49 7.48 -47.01 12.50
N SER H 50 8.48 -47.36 11.68
CA SER H 50 8.90 -48.73 11.38
C SER H 50 9.68 -49.41 12.52
N GLY H 51 10.10 -48.66 13.54
CA GLY H 51 10.93 -49.17 14.65
C GLY H 51 12.43 -49.34 14.31
N PHE H 52 12.85 -48.95 13.11
CA PHE H 52 14.25 -48.97 12.67
C PHE H 52 14.74 -47.57 12.27
N ARG H 53 16.04 -47.31 12.46
CA ARG H 53 16.73 -46.12 11.94
C ARG H 53 16.86 -46.20 10.42
N TRP H 54 16.60 -45.10 9.71
CA TRP H 54 16.86 -44.96 8.27
C TRP H 54 18.02 -43.97 8.07
N GLN H 55 18.89 -44.19 7.09
CA GLN H 55 20.06 -43.33 6.82
C GLN H 55 20.50 -43.34 5.36
N GLU H 56 21.42 -42.46 4.99
CA GLU H 56 22.01 -42.35 3.64
C GLU H 56 21.00 -41.92 2.57
N GLY H 57 20.14 -40.97 2.93
CA GLY H 57 19.04 -40.49 2.09
C GLY H 57 19.49 -40.00 0.73
N SER H 58 18.94 -40.55 -0.35
CA SER H 58 19.38 -40.30 -1.72
C SER H 58 18.20 -40.12 -2.67
N THR H 59 18.42 -39.55 -3.86
CA THR H 59 17.36 -39.17 -4.79
C THR H 59 17.75 -39.37 -6.25
N TYR H 60 16.77 -39.34 -7.14
CA TYR H 60 16.95 -39.24 -8.58
C TYR H 60 15.79 -38.49 -9.20
N PHE H 61 16.01 -37.72 -10.26
CA PHE H 61 14.93 -37.09 -11.02
C PHE H 61 15.02 -37.45 -12.50
N PHE H 62 13.93 -38.00 -13.04
CA PHE H 62 13.72 -38.08 -14.48
C PHE H 62 13.28 -36.72 -15.04
N SER H 63 12.57 -35.91 -14.25
CA SER H 63 12.26 -34.50 -14.55
C SER H 63 11.95 -33.73 -13.26
N GLY H 64 12.15 -32.42 -13.26
CA GLY H 64 11.99 -31.60 -12.07
C GLY H 64 13.19 -31.63 -11.13
N THR H 65 13.13 -30.86 -10.05
CA THR H 65 14.24 -30.62 -9.10
C THR H 65 13.71 -30.24 -7.72
N ALA H 66 14.51 -30.38 -6.66
CA ALA H 66 14.22 -29.89 -5.31
C ALA H 66 15.28 -28.91 -4.83
N ASP H 67 14.91 -27.82 -4.15
CA ASP H 67 15.86 -26.81 -3.68
C ASP H 67 16.58 -27.19 -2.37
N GLU H 68 15.91 -27.87 -1.44
CA GLU H 68 16.47 -28.30 -0.15
C GLU H 68 17.12 -29.69 -0.17
N ASN H 69 17.87 -30.03 0.87
CA ASN H 69 18.40 -31.38 1.10
C ASN H 69 17.35 -32.31 1.74
N LEU H 70 17.52 -33.62 1.59
CA LEU H 70 16.93 -34.58 2.54
C LEU H 70 17.63 -34.52 3.91
N PRO H 71 16.98 -34.94 5.00
CA PRO H 71 17.69 -35.40 6.20
C PRO H 71 18.66 -36.54 5.87
N TYR H 72 19.86 -36.56 6.45
CA TYR H 72 20.79 -37.69 6.28
C TYR H 72 20.19 -38.97 6.88
N SER H 73 19.43 -38.83 7.96
CA SER H 73 18.79 -39.94 8.68
C SER H 73 17.39 -39.61 9.17
N VAL H 74 16.60 -40.65 9.43
CA VAL H 74 15.25 -40.56 10.00
C VAL H 74 15.12 -41.61 11.09
N SER H 75 15.30 -41.19 12.34
CA SER H 75 15.08 -42.02 13.52
C SER H 75 13.59 -42.34 13.71
N ASP H 76 13.28 -43.31 14.58
CA ASP H 76 11.90 -43.75 14.83
C ASP H 76 11.01 -42.61 15.36
N GLY H 77 9.83 -42.40 14.78
CA GLY H 77 8.88 -41.36 15.21
C GLY H 77 9.10 -39.98 14.55
N TYR H 78 9.82 -39.91 13.43
CA TYR H 78 10.09 -38.67 12.68
C TYR H 78 9.79 -38.88 11.18
N ALA H 79 9.62 -37.79 10.43
CA ALA H 79 9.17 -37.84 9.04
C ALA H 79 10.10 -37.12 8.07
N VAL H 80 10.30 -37.70 6.88
CA VAL H 80 10.82 -36.96 5.72
C VAL H 80 9.74 -36.00 5.25
N LEU H 81 10.06 -34.71 5.12
CA LEU H 81 9.28 -33.75 4.33
C LEU H 81 10.19 -33.25 3.20
N TYR H 82 9.76 -33.36 1.95
CA TYR H 82 10.60 -33.08 0.79
C TYR H 82 9.77 -32.60 -0.41
N GLY H 83 10.09 -31.44 -0.99
CA GLY H 83 9.21 -30.75 -1.95
C GLY H 83 9.78 -30.53 -3.36
N PRO H 84 9.81 -31.54 -4.22
CA PRO H 84 10.08 -31.38 -5.65
C PRO H 84 9.21 -30.37 -6.37
N ARG H 85 9.65 -29.86 -7.51
CA ARG H 85 8.91 -28.96 -8.41
C ARG H 85 9.40 -29.08 -9.85
N LYS H 86 8.67 -28.60 -10.84
CA LYS H 86 9.12 -28.61 -12.24
C LYS H 86 10.39 -27.80 -12.43
N THR H 87 11.13 -28.11 -13.49
CA THR H 87 12.25 -27.28 -13.95
C THR H 87 11.73 -25.89 -14.35
N ASN H 88 12.40 -24.84 -13.90
CA ASN H 88 11.94 -23.45 -14.03
C ASN H 88 12.06 -22.92 -15.47
N GLY H 89 11.33 -21.86 -15.79
CA GLY H 89 11.30 -21.28 -17.13
C GLY H 89 10.49 -22.10 -18.14
N PRO H 90 10.51 -21.73 -19.43
CA PRO H 90 9.60 -22.25 -20.47
C PRO H 90 9.64 -23.76 -20.80
N VAL H 91 10.42 -24.56 -20.04
CA VAL H 91 10.51 -26.01 -20.31
C VAL H 91 9.23 -26.73 -19.87
N ALA H 92 8.57 -27.44 -20.85
CA ALA H 92 7.28 -28.12 -20.69
C ALA H 92 7.41 -29.59 -20.24
N THR H 93 7.96 -29.83 -19.04
CA THR H 93 8.03 -31.15 -18.39
C THR H 93 7.71 -31.08 -16.91
N GLY H 94 7.22 -32.19 -16.35
CA GLY H 94 6.65 -32.22 -15.00
C GLY H 94 7.65 -32.61 -13.91
N VAL H 95 7.18 -33.16 -12.80
CA VAL H 95 8.03 -33.80 -11.79
C VAL H 95 7.95 -35.31 -11.92
N VAL H 96 9.06 -36.01 -11.99
CA VAL H 96 9.13 -37.47 -11.95
C VAL H 96 10.43 -37.85 -11.28
N GLY H 97 10.39 -38.63 -10.20
CA GLY H 97 11.59 -38.89 -9.41
C GLY H 97 11.47 -40.03 -8.41
N VAL H 98 12.59 -40.33 -7.76
CA VAL H 98 12.75 -41.40 -6.78
C VAL H 98 13.46 -40.85 -5.55
N LEU H 99 13.14 -41.41 -4.40
CA LEU H 99 13.73 -41.17 -3.09
C LEU H 99 14.14 -42.52 -2.51
N ALA H 100 15.23 -42.60 -1.76
CA ALA H 100 15.61 -43.84 -1.10
C ALA H 100 16.33 -43.61 0.22
N TYR H 101 16.32 -44.61 1.09
CA TYR H 101 17.06 -44.67 2.35
C TYR H 101 17.53 -46.10 2.61
N TYR H 102 18.63 -46.29 3.33
CA TYR H 102 19.11 -47.60 3.77
C TYR H 102 18.72 -47.83 5.23
N ILE H 103 18.29 -49.05 5.55
CA ILE H 103 17.77 -49.42 6.87
C ILE H 103 18.69 -50.49 7.49
N PRO H 104 19.76 -50.09 8.19
CA PRO H 104 20.82 -51.01 8.60
C PRO H 104 20.36 -52.10 9.59
N SER H 105 19.24 -51.90 10.31
CA SER H 105 18.68 -52.90 11.22
C SER H 105 18.03 -54.10 10.52
N ILE H 106 17.75 -54.00 9.21
CA ILE H 106 17.09 -55.05 8.42
C ILE H 106 17.80 -55.35 7.07
N GLY H 107 18.90 -54.65 6.77
CA GLY H 107 19.77 -54.96 5.63
C GLY H 107 19.19 -54.65 4.25
N LYS H 108 18.26 -53.70 4.15
CA LYS H 108 17.50 -53.36 2.93
C LYS H 108 17.36 -51.86 2.74
N THR H 109 17.05 -51.44 1.51
CA THR H 109 16.78 -50.03 1.18
C THR H 109 15.33 -49.79 0.81
N LEU H 110 14.65 -48.94 1.58
CA LEU H 110 13.35 -48.39 1.21
C LEU H 110 13.52 -47.45 0.01
N ALA H 111 12.71 -47.60 -1.03
CA ALA H 111 12.62 -46.68 -2.15
C ALA H 111 11.18 -46.19 -2.32
N VAL H 112 11.00 -44.93 -2.68
CA VAL H 112 9.70 -44.28 -2.91
C VAL H 112 9.76 -43.56 -4.25
N MET H 113 8.70 -43.59 -5.04
CA MET H 113 8.65 -42.98 -6.37
C MET H 113 7.36 -42.21 -6.54
N TRP H 114 7.38 -41.14 -7.32
CA TRP H 114 6.18 -40.38 -7.68
C TRP H 114 6.29 -39.83 -9.09
N SER H 115 5.16 -39.48 -9.69
CA SER H 115 5.08 -38.74 -10.94
C SER H 115 3.95 -37.72 -10.88
N VAL H 116 4.20 -36.52 -11.40
CA VAL H 116 3.26 -35.41 -11.53
C VAL H 116 3.53 -34.78 -12.90
N PRO H 117 2.97 -35.33 -13.99
CA PRO H 117 3.36 -34.99 -15.36
C PRO H 117 2.92 -33.59 -15.79
N PHE H 118 3.47 -33.10 -16.90
CA PHE H 118 3.05 -31.83 -17.49
C PHE H 118 1.80 -31.99 -18.35
N ASP H 119 1.80 -32.96 -19.28
CA ASP H 119 0.69 -33.17 -20.22
C ASP H 119 -0.30 -34.23 -19.73
N TYR H 120 -1.38 -33.78 -19.07
CA TYR H 120 -2.45 -34.64 -18.58
C TYR H 120 -3.35 -35.24 -19.67
N ASN H 121 -3.20 -34.88 -20.95
CA ASN H 121 -3.93 -35.53 -22.04
C ASN H 121 -3.47 -36.98 -22.28
N PHE H 122 -2.26 -37.37 -21.81
CA PHE H 122 -1.68 -38.70 -22.02
C PHE H 122 -1.20 -39.42 -20.76
N TYR H 123 -1.04 -38.69 -19.65
CA TYR H 123 -0.46 -39.20 -18.41
C TYR H 123 -1.28 -38.79 -17.17
N GLN H 124 -1.02 -39.41 -16.03
CA GLN H 124 -1.67 -39.13 -14.74
C GLN H 124 -0.66 -39.23 -13.58
N ASN H 125 -1.03 -38.75 -12.39
CA ASN H 125 -0.20 -38.89 -11.21
C ASN H 125 -0.11 -40.36 -10.76
N TRP H 126 1.08 -40.81 -10.36
CA TRP H 126 1.34 -42.15 -9.83
C TRP H 126 2.29 -42.08 -8.65
N TRP H 127 2.33 -43.11 -7.83
CA TRP H 127 3.33 -43.31 -6.79
C TRP H 127 3.58 -44.79 -6.53
N ASN H 128 4.66 -45.13 -5.85
CA ASN H 128 4.96 -46.51 -5.45
C ASN H 128 5.98 -46.51 -4.30
N ALA H 129 6.16 -47.64 -3.64
CA ALA H 129 7.29 -47.88 -2.75
C ALA H 129 7.70 -49.37 -2.73
N LYS H 130 8.97 -49.65 -2.45
CA LYS H 130 9.52 -51.02 -2.29
C LYS H 130 10.66 -51.04 -1.28
N LEU H 131 11.00 -52.23 -0.80
CA LEU H 131 12.11 -52.49 0.12
C LEU H 131 13.09 -53.47 -0.54
N TYR H 132 14.09 -52.94 -1.25
CA TYR H 132 15.07 -53.70 -2.04
C TYR H 132 16.20 -54.29 -1.20
N SER H 133 16.82 -55.37 -1.69
CA SER H 133 17.96 -56.04 -1.05
C SER H 133 19.23 -55.20 -1.03
N GLY H 134 19.96 -55.20 0.10
CA GLY H 134 21.24 -54.51 0.24
C GLY H 134 21.13 -53.00 0.21
N ASN H 135 22.23 -52.32 -0.12
CA ASN H 135 22.31 -50.86 -0.25
C ASN H 135 22.45 -50.48 -1.73
N GLN H 136 21.49 -49.71 -2.25
CA GLN H 136 21.40 -49.26 -3.64
C GLN H 136 20.70 -47.90 -3.65
N ARG H 137 21.43 -46.82 -3.94
CA ARG H 137 20.86 -45.46 -4.01
C ARG H 137 19.99 -45.26 -5.24
N ALA H 138 19.01 -44.35 -5.13
CA ALA H 138 18.02 -44.09 -6.17
C ALA H 138 18.64 -43.75 -7.54
N ASP H 139 18.12 -44.34 -8.62
CA ASP H 139 18.62 -44.20 -9.99
C ASP H 139 17.55 -44.54 -11.03
N TYR H 140 17.90 -44.51 -12.32
CA TYR H 140 16.96 -44.79 -13.41
C TYR H 140 16.41 -46.23 -13.39
N ASP H 141 17.18 -47.21 -12.91
CA ASP H 141 16.67 -48.58 -12.76
C ASP H 141 15.61 -48.65 -11.64
N HIS H 142 15.79 -47.96 -10.51
CA HIS H 142 14.72 -47.86 -9.51
C HIS H 142 13.49 -47.16 -10.07
N TYR H 143 13.63 -46.10 -10.87
CA TYR H 143 12.48 -45.46 -11.51
C TYR H 143 11.73 -46.44 -12.41
N VAL H 144 12.40 -47.10 -13.36
CA VAL H 144 11.75 -48.02 -14.29
C VAL H 144 11.15 -49.24 -13.57
N ASP H 145 11.82 -49.77 -12.55
CA ASP H 145 11.24 -50.85 -11.76
C ASP H 145 10.01 -50.41 -10.95
N LEU H 146 10.01 -49.23 -10.33
CA LEU H 146 8.86 -48.76 -9.57
C LEU H 146 7.70 -48.27 -10.46
N TYR H 147 7.95 -47.83 -11.69
CA TYR H 147 6.94 -47.24 -12.57
C TYR H 147 6.42 -48.18 -13.66
N TYR H 148 7.22 -49.12 -14.16
CA TYR H 148 6.81 -50.07 -15.22
C TYR H 148 6.77 -51.53 -14.75
N ASN H 149 7.81 -52.03 -14.08
CA ASN H 149 7.91 -53.48 -13.80
C ASN H 149 7.14 -53.92 -12.54
N ALA H 150 7.08 -53.09 -11.50
CA ALA H 150 6.16 -53.23 -10.38
C ALA H 150 4.75 -52.72 -10.75
N ASN H 151 3.78 -52.89 -9.84
CA ASN H 151 2.42 -52.39 -10.00
C ASN H 151 2.25 -51.08 -9.20
N PRO H 152 2.36 -49.89 -9.84
CA PRO H 152 2.25 -48.61 -9.15
C PRO H 152 0.81 -48.27 -8.76
N PHE H 153 0.64 -47.38 -7.80
CA PHE H 153 -0.66 -46.84 -7.42
C PHE H 153 -0.93 -45.56 -8.19
N LYS H 154 -2.17 -45.37 -8.64
CA LYS H 154 -2.66 -44.08 -9.16
C LYS H 154 -3.07 -43.16 -8.01
N ALA H 155 -3.17 -41.86 -8.29
CA ALA H 155 -3.48 -40.87 -7.27
C ALA H 155 -4.98 -40.75 -6.99
N ASN H 156 -5.54 -41.69 -6.25
CA ASN H 156 -6.92 -41.59 -5.77
C ASN H 156 -7.08 -42.21 -4.37
N GLY H 157 -6.64 -41.48 -3.34
CA GLY H 157 -6.84 -41.83 -1.95
C GLY H 157 -6.03 -43.03 -1.48
N TRP H 158 -6.30 -43.50 -0.26
CA TRP H 158 -5.39 -44.37 0.50
C TRP H 158 -5.28 -45.78 -0.06
N HIS H 159 -4.05 -46.27 -0.16
CA HIS H 159 -3.65 -47.65 -0.48
C HIS H 159 -2.72 -48.19 0.60
N GLU H 160 -2.71 -49.50 0.84
CA GLU H 160 -1.87 -50.15 1.84
C GLU H 160 -1.30 -51.47 1.32
N ARG H 161 -0.01 -51.74 1.56
CA ARG H 161 0.69 -52.95 1.08
C ARG H 161 1.83 -53.35 2.02
N SER H 162 2.11 -54.65 2.11
CA SER H 162 3.31 -55.16 2.78
C SER H 162 4.58 -54.83 2.01
N LEU H 163 5.66 -54.45 2.70
CA LEU H 163 7.02 -54.37 2.14
C LEU H 163 7.77 -55.71 2.20
N GLY H 164 7.25 -56.67 2.96
CA GLY H 164 8.03 -57.82 3.45
C GLY H 164 8.93 -57.44 4.63
N SER H 165 9.71 -58.39 5.13
CA SER H 165 10.68 -58.20 6.23
C SER H 165 10.09 -57.55 7.50
N GLY H 166 8.81 -57.80 7.79
CA GLY H 166 8.10 -57.32 8.98
C GLY H 166 7.47 -55.92 8.86
N LEU H 167 7.58 -55.28 7.71
CA LEU H 167 7.13 -53.90 7.48
C LEU H 167 6.01 -53.82 6.44
N LYS H 168 5.19 -52.78 6.55
CA LYS H 168 4.19 -52.38 5.56
C LYS H 168 4.17 -50.87 5.42
N PHE H 169 3.43 -50.37 4.43
CA PHE H 169 3.14 -48.96 4.34
C PHE H 169 1.67 -48.73 3.97
N CYS H 170 1.16 -47.58 4.37
CA CYS H 170 -0.15 -47.06 3.97
C CYS H 170 0.02 -45.60 3.58
N GLY H 171 -0.54 -45.20 2.46
CA GLY H 171 -0.30 -43.86 1.93
C GLY H 171 -1.28 -43.47 0.84
N SER H 172 -1.23 -42.21 0.42
CA SER H 172 -2.14 -41.62 -0.56
C SER H 172 -1.45 -40.54 -1.35
N MET H 173 -2.00 -40.21 -2.51
CA MET H 173 -1.54 -39.09 -3.33
C MET H 173 -2.73 -38.31 -3.88
N SER H 174 -2.63 -36.98 -3.85
CA SER H 174 -3.60 -36.09 -4.49
C SER H 174 -3.54 -36.16 -6.01
N SER H 175 -4.70 -36.10 -6.68
CA SER H 175 -4.81 -36.08 -8.15
C SER H 175 -4.51 -34.73 -8.79
N SER H 176 -4.24 -33.69 -8.01
CA SER H 176 -3.97 -32.33 -8.46
C SER H 176 -2.66 -32.19 -9.24
N GLY H 177 -2.52 -31.12 -10.04
CA GLY H 177 -1.23 -30.71 -10.63
C GLY H 177 -0.23 -30.16 -9.62
N GLN H 178 -0.67 -29.75 -8.43
CA GLN H 178 0.21 -29.50 -7.29
C GLN H 178 -0.10 -30.53 -6.20
N ALA H 179 0.63 -31.64 -6.16
CA ALA H 179 0.16 -32.84 -5.49
C ALA H 179 0.78 -32.99 -4.10
N THR H 180 -0.03 -33.25 -3.08
CA THR H 180 0.49 -33.71 -1.79
C THR H 180 0.55 -35.23 -1.81
N LEU H 181 1.63 -35.82 -1.29
CA LEU H 181 1.84 -37.27 -1.21
C LEU H 181 2.19 -37.60 0.24
N GLU H 182 1.52 -38.59 0.83
CA GLU H 182 1.76 -38.98 2.22
C GLU H 182 1.85 -40.49 2.34
N ILE H 183 2.85 -40.98 3.05
CA ILE H 183 3.07 -42.40 3.34
C ILE H 183 3.43 -42.53 4.82
N HIS H 184 2.84 -43.49 5.51
CA HIS H 184 3.27 -43.94 6.82
C HIS H 184 3.89 -45.32 6.66
N VAL H 185 5.12 -45.51 7.12
CA VAL H 185 5.82 -46.81 7.04
C VAL H 185 5.91 -47.39 8.44
N LEU H 186 5.36 -48.58 8.64
CA LEU H 186 5.04 -49.11 9.97
C LEU H 186 5.11 -50.65 10.04
N LYS H 187 5.21 -51.18 11.26
CA LYS H 187 5.25 -52.61 11.53
C LYS H 187 3.94 -53.29 11.11
N GLU H 188 4.00 -54.53 10.62
CA GLU H 188 2.80 -55.25 10.14
C GLU H 188 1.72 -55.54 11.22
N SER H 189 2.05 -55.38 12.50
CA SER H 189 1.12 -55.53 13.64
C SER H 189 0.44 -54.23 14.09
N GLU H 190 0.49 -53.13 13.31
CA GLU H 190 0.00 -51.80 13.73
C GLU H 190 -0.93 -51.13 12.68
N THR H 191 -1.66 -50.10 13.10
CA THR H 191 -2.75 -49.45 12.32
C THR H 191 -2.47 -47.98 12.04
N CYS H 192 -2.79 -47.52 10.82
CA CYS H 192 -2.36 -46.23 10.28
C CYS H 192 -3.08 -45.00 10.87
N MET H 193 -2.48 -43.82 10.72
CA MET H 193 -2.99 -42.51 11.14
C MET H 193 -3.63 -42.53 12.53
N ALA I 13 13.14 2.84 -48.75
CA ALA I 13 13.44 4.15 -48.14
C ALA I 13 13.78 4.00 -46.65
N ALA I 14 14.37 5.04 -46.04
CA ALA I 14 14.90 5.00 -44.67
C ALA I 14 13.88 4.72 -43.56
N GLY I 15 12.58 4.93 -43.79
CA GLY I 15 11.52 4.60 -42.83
C GLY I 15 11.49 3.11 -42.46
N THR I 16 11.84 2.23 -43.39
CA THR I 16 12.03 0.79 -43.14
C THR I 16 13.17 0.53 -42.16
N ILE I 17 14.30 1.22 -42.33
CA ILE I 17 15.49 1.06 -41.46
C ILE I 17 15.19 1.54 -40.04
N ILE I 18 14.47 2.66 -39.90
CA ILE I 18 14.04 3.18 -38.59
C ILE I 18 13.09 2.20 -37.89
N ALA I 19 12.08 1.66 -38.60
CA ALA I 19 11.21 0.63 -38.03
C ALA I 19 11.98 -0.65 -37.68
N GLY I 20 12.97 -1.04 -38.50
CA GLY I 20 13.90 -2.12 -38.19
C GLY I 20 14.74 -1.88 -36.93
N ALA I 21 15.13 -0.64 -36.66
CA ALA I 21 15.81 -0.27 -35.41
C ALA I 21 14.88 -0.42 -34.19
N GLU I 22 13.63 0.06 -34.28
CA GLU I 22 12.65 -0.12 -33.19
C GLU I 22 12.45 -1.60 -32.83
N LEU I 23 12.33 -2.48 -33.83
CA LEU I 23 12.28 -3.93 -33.61
C LEU I 23 13.58 -4.46 -33.03
N THR I 24 14.74 -4.05 -33.56
CA THR I 24 16.05 -4.55 -33.12
C THR I 24 16.31 -4.23 -31.65
N PHE I 25 16.18 -2.97 -31.24
CA PHE I 25 16.44 -2.58 -29.85
C PHE I 25 15.31 -2.99 -28.90
N GLY I 26 14.07 -3.12 -29.39
CA GLY I 26 12.96 -3.72 -28.64
C GLY I 26 13.23 -5.18 -28.25
N LEU I 27 13.72 -6.01 -29.19
CA LEU I 27 14.14 -7.39 -28.91
C LEU I 27 15.39 -7.42 -28.03
N LEU I 28 16.42 -6.62 -28.32
CA LEU I 28 17.68 -6.65 -27.56
C LEU I 28 17.49 -6.29 -26.08
N GLN I 29 16.67 -5.28 -25.75
CA GLN I 29 16.36 -4.95 -24.36
C GLN I 29 15.75 -6.15 -23.61
N ASN I 30 14.80 -6.87 -24.23
CA ASN I 30 14.19 -8.06 -23.64
C ASN I 30 15.18 -9.24 -23.52
N LEU I 31 16.06 -9.45 -24.50
CA LEU I 31 17.08 -10.50 -24.44
C LEU I 31 18.11 -10.25 -23.31
N LEU I 32 18.61 -9.02 -23.18
CA LEU I 32 19.53 -8.66 -22.10
C LEU I 32 18.83 -8.72 -20.74
N TYR I 33 17.58 -8.28 -20.64
CA TYR I 33 16.79 -8.42 -19.42
C TYR I 33 16.58 -9.88 -19.01
N PHE I 34 16.36 -10.78 -19.96
CA PHE I 34 16.28 -12.22 -19.69
C PHE I 34 17.59 -12.77 -19.11
N PHE I 35 18.74 -12.54 -19.73
CA PHE I 35 20.02 -13.02 -19.17
C PHE I 35 20.38 -12.36 -17.83
N ALA I 36 19.95 -11.13 -17.57
CA ALA I 36 20.14 -10.47 -16.28
C ALA I 36 19.22 -11.03 -15.17
N ASN I 37 18.06 -11.56 -15.52
CA ASN I 37 17.04 -12.04 -14.58
C ASN I 37 16.98 -13.59 -14.46
N VAL I 38 18.01 -14.31 -14.88
CA VAL I 38 18.13 -15.75 -14.63
C VAL I 38 19.08 -15.92 -13.47
N ASN I 39 18.64 -16.56 -12.39
CA ASN I 39 19.41 -16.64 -11.16
C ASN I 39 20.11 -17.99 -11.04
N ARG I 40 21.41 -17.96 -10.85
CA ARG I 40 22.21 -19.08 -10.36
C ARG I 40 22.83 -18.65 -9.05
N LYS I 41 22.71 -19.49 -8.04
CA LYS I 41 23.05 -19.23 -6.64
C LYS I 41 23.55 -20.51 -6.03
N CYS I 42 24.38 -20.40 -5.01
CA CYS I 42 24.81 -21.51 -4.20
C CYS I 42 24.78 -21.07 -2.74
N ALA I 43 24.59 -21.98 -1.79
CA ALA I 43 24.68 -21.68 -0.36
C ALA I 43 25.39 -22.82 0.36
N VAL I 44 26.65 -22.62 0.73
CA VAL I 44 27.58 -23.67 1.16
C VAL I 44 27.70 -23.70 2.68
N GLY I 45 27.34 -24.81 3.30
CA GLY I 45 27.45 -25.05 4.74
C GLY I 45 28.46 -26.14 5.04
N VAL I 46 29.54 -25.84 5.76
CA VAL I 46 30.59 -26.81 6.10
C VAL I 46 30.78 -26.83 7.61
N ASP I 47 30.12 -27.78 8.26
CA ASP I 47 30.15 -27.95 9.72
C ASP I 47 31.46 -28.62 10.16
N ASN I 48 32.25 -27.94 10.97
CA ASN I 48 33.45 -28.51 11.59
C ASN I 48 33.08 -29.23 12.89
N GLU I 49 33.07 -30.55 12.89
CA GLU I 49 33.14 -31.37 14.10
C GLU I 49 34.33 -32.33 14.06
N SER I 50 35.40 -31.94 13.36
CA SER I 50 36.62 -32.70 13.13
C SER I 50 37.54 -32.80 14.36
N GLY I 51 37.28 -32.02 15.42
CA GLY I 51 38.14 -31.97 16.61
C GLY I 51 39.42 -31.12 16.46
N PHE I 52 39.61 -30.48 15.30
CA PHE I 52 40.74 -29.58 15.03
C PHE I 52 40.27 -28.18 14.67
N ARG I 53 41.08 -27.16 15.00
CA ARG I 53 40.91 -25.77 14.54
C ARG I 53 41.21 -25.66 13.05
N TRP I 54 40.37 -24.94 12.30
CA TRP I 54 40.64 -24.57 10.90
C TRP I 54 40.92 -23.07 10.81
N GLN I 55 41.83 -22.62 9.94
CA GLN I 55 42.19 -21.20 9.80
C GLN I 55 42.69 -20.84 8.39
N GLU I 56 42.87 -19.56 8.12
CA GLU I 56 43.39 -19.03 6.84
C GLU I 56 42.44 -19.26 5.66
N GLY I 57 41.14 -19.09 5.90
CA GLY I 57 40.08 -19.37 4.94
C GLY I 57 40.25 -18.63 3.63
N SER I 58 40.29 -19.34 2.50
CA SER I 58 40.60 -18.78 1.18
C SER I 58 39.67 -19.34 0.11
N THR I 59 39.60 -18.67 -1.06
CA THR I 59 38.63 -19.00 -2.11
C THR I 59 39.21 -18.82 -3.51
N TYR I 60 38.53 -19.35 -4.51
CA TYR I 60 38.76 -19.07 -5.93
C TYR I 60 37.43 -19.19 -6.68
N PHE I 61 37.23 -18.39 -7.73
CA PHE I 61 36.08 -18.54 -8.61
C PHE I 61 36.52 -18.69 -10.06
N PHE I 62 36.09 -19.76 -10.72
CA PHE I 62 36.12 -19.87 -12.18
C PHE I 62 34.97 -19.07 -12.81
N SER I 63 33.84 -18.93 -12.11
CA SER I 63 32.74 -18.02 -12.47
C SER I 63 31.88 -17.71 -11.24
N GLY I 64 31.20 -16.56 -11.24
CA GLY I 64 30.44 -16.10 -10.09
C GLY I 64 31.29 -15.42 -9.02
N THR I 65 30.65 -14.93 -7.96
CA THR I 65 31.24 -14.11 -6.89
C THR I 65 30.47 -14.23 -5.59
N ALA I 66 31.07 -13.88 -4.45
CA ALA I 66 30.39 -13.79 -3.16
C ALA I 66 30.54 -12.38 -2.56
N ASP I 67 29.50 -11.82 -1.95
CA ASP I 67 29.53 -10.46 -1.39
C ASP I 67 30.20 -10.38 0.00
N GLU I 68 30.02 -11.38 0.85
CA GLU I 68 30.59 -11.44 2.21
C GLU I 68 31.99 -12.10 2.29
N ASN I 69 32.67 -11.96 3.41
CA ASN I 69 33.90 -12.67 3.72
C ASN I 69 33.62 -14.10 4.25
N LEU I 70 34.61 -14.99 4.15
CA LEU I 70 34.67 -16.16 5.04
C LEU I 70 35.04 -15.76 6.48
N PRO I 71 34.70 -16.55 7.50
CA PRO I 71 35.41 -16.53 8.78
C PRO I 71 36.91 -16.78 8.58
N TYR I 72 37.79 -16.07 9.29
CA TYR I 72 39.23 -16.36 9.25
C TYR I 72 39.53 -17.76 9.80
N SER I 73 38.75 -18.20 10.78
CA SER I 73 38.89 -19.50 11.43
C SER I 73 37.56 -20.16 11.76
N VAL I 74 37.59 -21.49 11.94
CA VAL I 74 36.44 -22.29 12.35
C VAL I 74 36.89 -23.25 13.44
N SER I 75 36.64 -22.89 14.70
CA SER I 75 36.88 -23.74 15.86
C SER I 75 35.92 -24.95 15.88
N ASP I 76 36.22 -25.94 16.73
CA ASP I 76 35.42 -27.17 16.82
C ASP I 76 33.96 -26.89 17.22
N GLY I 77 32.97 -27.43 16.52
CA GLY I 77 31.55 -27.25 16.81
C GLY I 77 30.90 -26.01 16.16
N TYR I 78 31.53 -25.43 15.13
CA TYR I 78 31.02 -24.26 14.39
C TYR I 78 31.07 -24.51 12.87
N ALA I 79 30.32 -23.75 12.09
CA ALA I 79 30.14 -23.98 10.66
C ALA I 79 30.51 -22.78 9.79
N VAL I 80 31.14 -23.03 8.64
CA VAL I 80 31.18 -22.06 7.53
C VAL I 80 29.79 -21.97 6.93
N LEU I 81 29.23 -20.76 6.81
CA LEU I 81 28.10 -20.46 5.93
C LEU I 81 28.60 -19.43 4.90
N TYR I 82 28.46 -19.72 3.61
CA TYR I 82 29.05 -18.90 2.55
C TYR I 82 28.22 -18.98 1.25
N GLY I 83 27.78 -17.84 0.70
CA GLY I 83 26.77 -17.81 -0.37
C GLY I 83 27.20 -17.20 -1.71
N PRO I 84 27.96 -17.91 -2.54
CA PRO I 84 28.21 -17.53 -3.93
C PRO I 84 26.95 -17.26 -4.77
N ARG I 85 27.10 -16.52 -5.86
CA ARG I 85 26.05 -16.23 -6.85
C ARG I 85 26.65 -15.93 -8.22
N LYS I 86 25.87 -15.96 -9.31
CA LYS I 86 26.36 -15.60 -10.64
C LYS I 86 26.84 -14.16 -10.70
N THR I 87 27.71 -13.87 -11.65
CA THR I 87 28.08 -12.49 -11.99
C THR I 87 26.84 -11.72 -12.49
N ASN I 88 26.64 -10.51 -11.97
CA ASN I 88 25.43 -9.72 -12.17
C ASN I 88 25.33 -9.14 -13.59
N GLY I 89 24.12 -8.77 -14.02
CA GLY I 89 23.87 -8.25 -15.37
C GLY I 89 23.87 -9.34 -16.45
N PRO I 90 23.77 -8.97 -17.74
CA PRO I 90 23.51 -9.89 -18.86
C PRO I 90 24.53 -10.99 -19.16
N VAL I 91 25.56 -11.18 -18.30
CA VAL I 91 26.57 -12.22 -18.53
C VAL I 91 26.01 -13.62 -18.24
N ALA I 92 26.06 -14.52 -19.27
CA ALA I 92 25.49 -15.86 -19.24
C ALA I 92 26.47 -16.95 -18.76
N THR I 93 26.92 -16.85 -17.50
CA THR I 93 27.75 -17.87 -16.84
C THR I 93 27.30 -18.12 -15.39
N GLY I 94 27.58 -19.31 -14.87
CA GLY I 94 27.03 -19.79 -13.60
C GLY I 94 27.95 -19.52 -12.40
N VAL I 95 27.82 -20.31 -11.34
CA VAL I 95 28.78 -20.33 -10.23
C VAL I 95 29.68 -21.53 -10.34
N VAL I 96 30.99 -21.35 -10.27
CA VAL I 96 31.96 -22.45 -10.20
C VAL I 96 33.13 -21.97 -9.38
N GLY I 97 33.49 -22.66 -8.30
CA GLY I 97 34.50 -22.16 -7.37
C GLY I 97 35.04 -23.16 -6.38
N VAL I 98 36.02 -22.73 -5.60
CA VAL I 98 36.72 -23.51 -4.59
C VAL I 98 36.80 -22.71 -3.29
N LEU I 99 36.80 -23.41 -2.18
CA LEU I 99 36.96 -22.93 -0.81
C LEU I 99 38.08 -23.75 -0.17
N ALA I 100 38.88 -23.18 0.70
CA ALA I 100 39.90 -23.93 1.42
C ALA I 100 40.18 -23.37 2.82
N TYR I 101 40.71 -24.21 3.69
CA TYR I 101 41.20 -23.86 5.03
C TYR I 101 42.43 -24.69 5.37
N TYR I 102 43.33 -24.19 6.21
CA TYR I 102 44.48 -24.92 6.73
C TYR I 102 44.19 -25.43 8.14
N ILE I 103 44.60 -26.66 8.43
CA ILE I 103 44.30 -27.36 9.68
C ILE I 103 45.62 -27.64 10.42
N PRO I 104 46.12 -26.70 11.23
CA PRO I 104 47.48 -26.77 11.78
C PRO I 104 47.71 -27.96 12.73
N SER I 105 46.67 -28.55 13.31
CA SER I 105 46.77 -29.73 14.17
C SER I 105 47.10 -31.03 13.42
N ILE I 106 46.96 -31.06 12.08
CA ILE I 106 47.21 -32.24 11.23
C ILE I 106 48.07 -31.93 9.99
N GLY I 107 48.49 -30.68 9.80
CA GLY I 107 49.48 -30.30 8.77
C GLY I 107 48.97 -30.35 7.33
N LYS I 108 47.66 -30.18 7.11
CA LYS I 108 46.99 -30.33 5.81
C LYS I 108 45.94 -29.25 5.57
N THR I 109 45.56 -29.05 4.31
CA THR I 109 44.50 -28.12 3.93
C THR I 109 43.28 -28.83 3.39
N LEU I 110 42.13 -28.64 4.06
CA LEU I 110 40.83 -29.02 3.53
C LEU I 110 40.49 -28.12 2.35
N ALA I 111 40.05 -28.68 1.22
CA ALA I 111 39.51 -27.95 0.09
C ALA I 111 38.12 -28.47 -0.26
N VAL I 112 37.21 -27.59 -0.66
CA VAL I 112 35.83 -27.89 -1.04
C VAL I 112 35.54 -27.22 -2.38
N MET I 113 34.83 -27.87 -3.29
CA MET I 113 34.55 -27.34 -4.62
C MET I 113 33.08 -27.57 -4.95
N TRP I 114 32.49 -26.67 -5.74
CA TRP I 114 31.13 -26.82 -6.25
C TRP I 114 31.01 -26.24 -7.65
N SER I 115 29.98 -26.65 -8.38
CA SER I 115 29.57 -26.06 -9.64
C SER I 115 28.05 -25.99 -9.73
N VAL I 116 27.52 -24.87 -10.23
CA VAL I 116 26.11 -24.59 -10.49
C VAL I 116 26.06 -23.86 -11.84
N PRO I 117 26.09 -24.57 -12.97
CA PRO I 117 26.31 -23.98 -14.29
C PRO I 117 25.12 -23.16 -14.79
N PHE I 118 25.35 -22.35 -15.84
CA PHE I 118 24.27 -21.60 -16.50
C PHE I 118 23.51 -22.47 -17.49
N ASP I 119 24.21 -23.15 -18.40
CA ASP I 119 23.60 -23.97 -19.45
C ASP I 119 23.45 -25.45 -19.07
N TYR I 120 22.29 -25.82 -18.54
CA TYR I 120 21.96 -27.18 -18.16
C TYR I 120 21.75 -28.16 -19.35
N ASN I 121 21.76 -27.70 -20.60
CA ASN I 121 21.72 -28.60 -21.75
C ASN I 121 23.02 -29.42 -21.92
N PHE I 122 24.15 -28.98 -21.30
CA PHE I 122 25.47 -29.63 -21.43
C PHE I 122 26.15 -29.95 -20.11
N TYR I 123 25.71 -29.37 -19.00
CA TYR I 123 26.36 -29.46 -17.69
C TYR I 123 25.35 -29.74 -16.56
N GLN I 124 25.83 -30.13 -15.39
CA GLN I 124 25.02 -30.40 -14.19
C GLN I 124 25.74 -29.91 -12.92
N ASN I 125 25.04 -29.84 -11.79
CA ASN I 125 25.65 -29.49 -10.51
C ASN I 125 26.60 -30.60 -10.03
N TRP I 126 27.76 -30.22 -9.49
CA TRP I 126 28.75 -31.12 -8.92
C TRP I 126 29.32 -30.53 -7.63
N TRP I 127 29.92 -31.36 -6.79
CA TRP I 127 30.72 -30.94 -5.65
C TRP I 127 31.82 -31.94 -5.34
N ASN I 128 32.79 -31.57 -4.52
CA ASN I 128 33.86 -32.46 -4.07
C ASN I 128 34.52 -31.89 -2.81
N ALA I 129 35.32 -32.68 -2.12
CA ALA I 129 36.25 -32.21 -1.10
C ALA I 129 37.50 -33.11 -1.01
N LYS I 130 38.63 -32.54 -0.58
CA LYS I 130 39.90 -33.25 -0.34
C LYS I 130 40.70 -32.61 0.80
N LEU I 131 41.67 -33.34 1.33
CA LEU I 131 42.57 -32.90 2.38
C LEU I 131 44.02 -33.00 1.86
N TYR I 132 44.52 -31.92 1.25
CA TYR I 132 45.84 -31.83 0.59
C TYR I 132 47.00 -31.62 1.57
N SER I 133 48.20 -32.04 1.17
CA SER I 133 49.44 -31.88 1.95
C SER I 133 49.88 -30.42 2.10
N GLY I 134 50.32 -30.04 3.31
CA GLY I 134 50.86 -28.70 3.59
C GLY I 134 49.81 -27.59 3.52
N ASN I 135 50.25 -26.36 3.30
CA ASN I 135 49.41 -25.18 3.16
C ASN I 135 49.42 -24.69 1.70
N GLN I 136 48.25 -24.68 1.06
CA GLN I 136 48.03 -24.31 -0.34
C GLN I 136 46.63 -23.70 -0.46
N ARG I 137 46.53 -22.38 -0.67
CA ARG I 137 45.23 -21.69 -0.83
C ARG I 137 44.56 -22.01 -2.16
N ALA I 138 43.23 -21.93 -2.18
CA ALA I 138 42.41 -22.30 -3.33
C ALA I 138 42.80 -21.56 -4.62
N ASP I 139 42.88 -22.27 -5.75
CA ASP I 139 43.31 -21.76 -7.05
C ASP I 139 42.81 -22.65 -8.20
N TYR I 140 43.20 -22.33 -9.44
CA TYR I 140 42.76 -23.08 -10.63
C TYR I 140 43.25 -24.53 -10.65
N ASP I 141 44.42 -24.83 -10.07
CA ASP I 141 44.88 -26.22 -9.95
C ASP I 141 44.00 -27.00 -8.96
N HIS I 142 43.59 -26.43 -7.83
CA HIS I 142 42.60 -27.09 -6.96
C HIS I 142 41.27 -27.30 -7.67
N TYR I 143 40.78 -26.34 -8.46
CA TYR I 143 39.57 -26.54 -9.25
C TYR I 143 39.70 -27.71 -10.21
N VAL I 144 40.73 -27.74 -11.06
CA VAL I 144 40.90 -28.80 -12.05
C VAL I 144 41.15 -30.16 -11.38
N ASP I 145 41.90 -30.22 -10.28
CA ASP I 145 42.06 -31.47 -9.55
C ASP I 145 40.76 -31.95 -8.89
N LEU I 146 39.95 -31.08 -8.29
CA LEU I 146 38.68 -31.49 -7.68
C LEU I 146 37.59 -31.80 -8.71
N TYR I 147 37.61 -31.21 -9.91
CA TYR I 147 36.55 -31.35 -10.91
C TYR I 147 36.85 -32.34 -12.03
N TYR I 148 38.12 -32.53 -12.42
CA TYR I 148 38.50 -33.45 -13.50
C TYR I 148 39.36 -34.63 -13.02
N ASN I 149 40.41 -34.41 -12.23
CA ASN I 149 41.37 -35.47 -11.92
C ASN I 149 40.93 -36.39 -10.75
N ALA I 150 40.26 -35.84 -9.73
CA ALA I 150 39.54 -36.61 -8.73
C ALA I 150 38.17 -37.08 -9.25
N ASN I 151 37.45 -37.88 -8.46
CA ASN I 151 36.10 -38.34 -8.79
C ASN I 151 35.06 -37.48 -8.04
N PRO I 152 34.45 -36.45 -8.68
CA PRO I 152 33.49 -35.58 -8.03
C PRO I 152 32.13 -36.26 -7.81
N PHE I 153 31.34 -35.73 -6.89
CA PHE I 153 29.97 -36.15 -6.67
C PHE I 153 29.01 -35.28 -7.49
N LYS I 154 27.99 -35.89 -8.08
CA LYS I 154 26.85 -35.18 -8.67
C LYS I 154 25.83 -34.79 -7.60
N ALA I 155 24.96 -33.84 -7.91
CA ALA I 155 23.99 -33.33 -6.94
C ALA I 155 22.74 -34.20 -6.84
N ASN I 156 22.83 -35.34 -6.16
CA ASN I 156 21.67 -36.16 -5.84
C ASN I 156 21.79 -36.82 -4.45
N GLY I 157 21.57 -36.04 -3.40
CA GLY I 157 21.50 -36.52 -2.03
C GLY I 157 22.84 -36.97 -1.45
N TRP I 158 22.81 -37.57 -0.26
CA TRP I 158 23.97 -37.71 0.61
C TRP I 158 25.02 -38.70 0.09
N HIS I 159 26.29 -38.30 0.14
CA HIS I 159 27.50 -39.09 -0.11
C HIS I 159 28.45 -38.97 1.08
N GLU I 160 29.25 -40.00 1.34
CA GLU I 160 30.22 -40.03 2.45
C GLU I 160 31.55 -40.65 2.01
N ARG I 161 32.68 -40.06 2.40
CA ARG I 161 34.03 -40.53 2.03
C ARG I 161 35.06 -40.17 3.10
N SER I 162 36.10 -41.01 3.24
CA SER I 162 37.27 -40.70 4.06
C SER I 162 38.11 -39.57 3.43
N LEU I 163 38.64 -38.65 4.23
CA LEU I 163 39.67 -37.69 3.83
C LEU I 163 41.09 -38.26 4.00
N GLY I 164 41.24 -39.38 4.71
CA GLY I 164 42.51 -39.80 5.31
C GLY I 164 42.83 -39.01 6.58
N SER I 165 44.00 -39.28 7.18
CA SER I 165 44.50 -38.58 8.38
C SER I 165 43.51 -38.54 9.56
N GLY I 166 42.67 -39.56 9.71
CA GLY I 166 41.70 -39.71 10.80
C GLY I 166 40.34 -39.01 10.59
N LEU I 167 40.13 -38.37 9.45
CA LEU I 167 38.94 -37.58 9.14
C LEU I 167 38.13 -38.17 7.98
N LYS I 168 36.83 -37.89 7.98
CA LYS I 168 35.91 -38.15 6.87
C LYS I 168 34.94 -36.99 6.70
N PHE I 169 34.16 -37.01 5.63
CA PHE I 169 33.04 -36.10 5.48
C PHE I 169 31.82 -36.83 4.94
N CYS I 170 30.65 -36.28 5.26
CA CYS I 170 29.37 -36.69 4.70
C CYS I 170 28.61 -35.43 4.31
N GLY I 171 28.03 -35.40 3.13
CA GLY I 171 27.42 -34.20 2.60
C GLY I 171 26.52 -34.44 1.41
N SER I 172 25.80 -33.41 0.98
CA SER I 172 24.84 -33.48 -0.12
C SER I 172 24.76 -32.14 -0.83
N MET I 173 24.24 -32.17 -2.06
CA MET I 173 23.95 -30.97 -2.84
C MET I 173 22.61 -31.07 -3.53
N SER I 174 21.83 -30.00 -3.51
CA SER I 174 20.59 -29.88 -4.27
C SER I 174 20.83 -29.81 -5.78
N SER I 175 19.97 -30.45 -6.58
CA SER I 175 20.02 -30.42 -8.05
C SER I 175 19.46 -29.15 -8.68
N SER I 176 18.93 -28.23 -7.88
CA SER I 176 18.32 -26.97 -8.32
C SER I 176 19.31 -25.99 -8.95
N GLY I 177 18.82 -25.03 -9.74
CA GLY I 177 19.60 -23.86 -10.19
C GLY I 177 19.93 -22.86 -9.08
N GLN I 178 19.21 -22.90 -7.96
CA GLN I 178 19.62 -22.21 -6.73
C GLN I 178 19.91 -23.28 -5.67
N ALA I 179 21.17 -23.66 -5.52
CA ALA I 179 21.51 -24.94 -4.89
C ALA I 179 21.93 -24.74 -3.44
N THR I 180 21.38 -25.52 -2.52
CA THR I 180 21.95 -25.62 -1.16
C THR I 180 22.96 -26.76 -1.15
N LEU I 181 24.11 -26.57 -0.51
CA LEU I 181 25.18 -27.56 -0.38
C LEU I 181 25.51 -27.68 1.11
N GLU I 182 25.58 -28.89 1.64
CA GLU I 182 25.86 -29.13 3.05
C GLU I 182 26.87 -30.26 3.21
N ILE I 183 27.89 -30.04 4.03
CA ILE I 183 28.93 -31.01 4.37
C ILE I 183 29.14 -30.97 5.88
N HIS I 184 29.23 -32.13 6.51
CA HIS I 184 29.72 -32.29 7.88
C HIS I 184 31.08 -32.96 7.81
N VAL I 185 32.11 -32.36 8.42
CA VAL I 185 33.47 -32.90 8.44
C VAL I 185 33.76 -33.38 9.85
N LEU I 186 34.09 -34.66 10.00
CA LEU I 186 34.05 -35.36 11.29
C LEU I 186 35.07 -36.50 11.40
N LYS I 187 35.36 -36.92 12.63
CA LYS I 187 36.28 -38.02 12.93
C LYS I 187 35.74 -39.35 12.36
N GLU I 188 36.62 -40.24 11.91
CA GLU I 188 36.21 -41.53 11.31
C GLU I 188 35.46 -42.48 12.26
N SER I 189 35.48 -42.24 13.57
CA SER I 189 34.75 -43.01 14.59
C SER I 189 33.35 -42.46 14.94
N GLU I 190 32.78 -41.54 14.16
CA GLU I 190 31.51 -40.85 14.49
C GLU I 190 30.49 -40.84 13.33
N THR I 191 29.22 -40.54 13.65
CA THR I 191 28.06 -40.68 12.74
C THR I 191 27.36 -39.35 12.47
N CYS I 192 26.96 -39.13 11.21
CA CYS I 192 26.51 -37.83 10.70
C CYS I 192 25.13 -37.37 11.19
N MET I 193 24.85 -36.07 11.08
CA MET I 193 23.59 -35.39 11.43
C MET I 193 22.97 -35.91 12.73
C23 A1H8M J . 30.09 14.14 -14.16
C22 A1H8M J . 30.99 14.46 -12.94
C21 A1H8M J . 30.37 13.96 -11.63
C7 A1H8M J . 28.25 13.71 -10.13
C5 A1H8M J . 34.67 12.54 -7.22
C01 A1H8M J . 26.93 14.47 -10.15
C02 A1H8M J . 25.96 13.77 -11.15
C03 A1H8M J . 24.77 13.64 -11.81
C6 A1H8M J . 29.06 14.00 -8.84
C1 A1H8M J . 31.71 12.56 -7.03
C2 A1H8M J . 32.58 13.46 -7.92
C3 A1H8M J . 34.52 14.82 -7.95
C4 A1H8M J . 33.58 14.18 -5.88
N21 A1H8M J . 28.93 14.13 -11.35
N2 A1H8M J . 33.84 13.74 -7.24
O01 A1H8M J . 26.32 14.49 -8.91
O21 A1H8M J . 31.07 13.44 -10.85
O2 A1H8M J . 28.39 13.41 -7.72
O1 A1H8M J . 28.54 13.31 -5.13
O3 A1H8M J . 30.76 13.40 -6.43
O4 A1H8M J . 29.20 11.37 -6.30
P A1H8M J . 29.21 12.86 -6.38
C24 A1H8M J . 30.86 14.28 -15.50
C25 A1H8M J . 30.01 13.81 -16.70
C26 A1H8M J . 28.69 13.09 -16.26
C22 A1H8M K . 36.19 6.28 -17.56
C21 A1H8M K . 37.34 5.46 -16.93
C7 A1H8M K . 39.28 4.32 -15.69
C5 A1H8M K . 44.14 0.97 -11.53
C01 A1H8M K . 40.63 3.88 -16.24
C02 A1H8M K . 40.77 4.39 -17.69
C03 A1H8M K . 40.61 4.27 -19.05
C04 A1H8M K . 40.16 3.53 -20.36
C05 A1H8M K . 39.00 2.57 -19.97
C6 A1H8M K . 38.82 3.24 -14.71
C1 A1H8M K . 40.47 0.88 -11.98
C2 A1H8M K . 41.78 0.62 -11.20
C3 A1H8M K . 42.72 2.78 -10.89
C4 A1H8M K . 42.62 1.88 -13.08
N21 A1H8M K . 38.28 4.35 -16.73
N2 A1H8M K . 42.81 1.56 -11.67
O01 A1H8M K . 41.65 4.41 -15.47
O21 A1H8M K . 37.01 4.73 -17.79
O2 A1H8M K . 38.79 3.79 -13.41
O1 A1H8M K . 37.81 3.38 -11.09
O3 A1H8M K . 40.04 2.18 -11.66
O4 A1H8M K . 37.80 1.53 -12.74
P A1H8M K . 38.56 2.70 -12.19
C06 A1H8M K . 38.88 1.34 -20.94
C07 A1H8M K . 38.39 0.05 -20.17
C23 A1H8M L . 43.46 -8.07 -19.99
C22 A1H8M L . 44.47 -8.25 -18.81
C21 A1H8M L . 44.52 -7.09 -17.78
C7 A1H8M L . 44.94 -4.65 -17.14
C5 A1H8M L . 47.96 -3.97 -9.01
C01 A1H8M L . 45.49 -3.41 -17.83
C02 A1H8M L . 44.53 -2.98 -18.97
C03 A1H8M L . 43.88 -2.04 -19.72
C04 A1H8M L . 42.92 -1.56 -20.86
C6 A1H8M L . 45.83 -5.10 -15.95
C1 A1H8M L . 47.31 -4.42 -11.48
C2 A1H8M L . 48.54 -5.18 -10.95
C3 A1H8M L . 50.05 -5.12 -9.02
C4 A1H8M L . 49.72 -3.21 -10.41
N21 A1H8M L . 44.88 -5.71 -18.15
N2 A1H8M L . 49.08 -4.39 -9.84
O01 A1H8M L . 45.56 -2.35 -16.93
O21 A1H8M L . 44.29 -7.34 -16.64
O2 A1H8M L . 46.56 -4.05 -15.33
O1 A1H8M L . 46.00 -2.13 -13.73
O3 A1H8M L . 47.59 -3.96 -12.78
O4 A1H8M L . 45.08 -4.33 -13.16
P A1H8M L . 46.28 -3.62 -13.74
C24 A1H8M L . 42.42 -9.23 -20.09
C25 A1H8M L . 41.37 -8.96 -21.20
C26 A1H8M L . 40.10 -9.85 -21.07
C23 A1H8M M . 35.25 14.13 -18.37
C22 A1H8M M . 34.48 14.04 -17.03
C21 A1H8M M . 35.06 12.97 -16.07
C7 A1H8M M . 34.77 11.25 -14.25
C5 A1H8M M . 41.03 10.21 -13.86
C01 A1H8M M . 34.80 9.93 -14.99
C02 A1H8M M . 33.86 9.97 -16.20
C03 A1H8M M . 33.25 9.46 -17.31
C04 A1H8M M . 32.29 9.51 -18.53
C05 A1H8M M . 31.95 8.06 -19.02
C6 A1H8M M . 33.92 11.13 -12.96
C1 A1H8M M . 38.20 9.96 -11.40
C2 A1H8M M . 39.22 10.67 -12.34
C3 A1H8M M . 38.79 9.61 -14.46
C4 A1H8M M . 39.94 8.39 -12.74
N21 A1H8M M . 34.19 12.26 -15.12
N2 A1H8M M . 39.75 9.72 -13.35
O01 A1H8M M . 36.10 9.70 -15.44
O21 A1H8M M . 36.21 12.72 -16.10
O2 A1H8M M . 34.30 9.92 -12.30
O1 A1H8M M . 35.58 11.16 -10.36
O3 A1H8M M . 36.98 9.78 -12.08
O4 A1H8M M . 35.44 8.72 -10.30
P A1H8M M . 35.57 9.91 -11.22
C23 A1H8M N . 43.12 8.48 -18.74
C22 A1H8M N . 43.42 7.02 -18.28
C21 A1H8M N . 43.38 6.87 -16.75
C7 A1H8M N . 44.87 4.76 -16.72
C5 A1H8M N . 52.53 6.39 -13.59
C6 A1H8M N . 45.86 4.20 -15.68
C1 A1H8M N . 49.10 6.35 -14.00
C2 A1H8M N . 50.43 5.91 -14.67
C3 A1H8M N . 51.87 4.11 -13.99
C4 A1H8M N . 50.78 5.45 -12.32
N21 A1H8M N . 44.07 5.77 -16.05
N2 A1H8M N . 51.40 5.46 -13.65
O21 A1H8M N . 42.77 7.67 -16.11
O2 A1H8M N . 45.44 4.70 -14.43
O1 A1H8M N . 46.25 7.13 -14.02
O3 A1H8M N . 48.08 5.45 -14.38
O4 A1H8M N . 46.65 5.50 -12.24
P A1H8M N . 46.59 5.70 -13.74
C23 A1H8M O . 15.50 30.80 -10.84
C22 A1H8M O . 15.87 31.54 -9.53
C21 A1H8M O . 15.58 30.68 -8.29
C7 A1H8M O . 13.97 29.06 -7.04
C5 A1H8M O . 19.33 32.04 -3.40
C01 A1H8M O . 12.48 28.81 -7.23
C02 A1H8M O . 12.27 27.72 -8.32
C03 A1H8M O . 11.50 26.91 -9.11
C6 A1H8M O . 14.27 29.71 -5.68
C1 A1H8M O . 17.03 30.17 -3.54
C2 A1H8M O . 17.22 31.46 -4.34
C3 A1H8M O . 17.85 33.75 -4.17
C4 A1H8M O . 17.33 32.53 -2.21
N21 A1H8M O . 14.33 29.90 -8.18
N2 A1H8M O . 17.94 32.45 -3.53
O01 A1H8M O . 11.86 28.37 -6.06
O21 A1H8M O . 16.37 30.68 -7.42
O2 A1H8M O . 14.02 28.77 -4.63
O1 A1H8M O . 13.93 28.64 -2.03
O3 A1H8M O . 15.71 30.19 -3.07
O4 A1H8M O . 15.79 27.63 -3.09
P A1H8M O . 14.86 28.80 -3.19
C24 A1H8M O . 16.14 31.47 -12.08
C25 A1H8M O . 15.91 30.64 -13.37
C26 A1H8M O . 15.30 29.24 -13.07
C22 A1H8M P . 25.50 28.78 -13.38
C21 A1H8M P . 26.84 28.84 -12.61
C7 A1H8M P . 28.93 29.11 -11.13
C5 A1H8M P . 34.37 29.36 -6.39
C01 A1H8M P . 30.29 29.66 -11.53
C02 A1H8M P . 30.23 30.23 -12.96
C03 A1H8M P . 30.32 30.13 -14.32
C04 A1H8M P . 30.56 29.34 -15.66
C05 A1H8M P . 30.25 27.84 -15.39
C6 A1H8M P . 29.16 27.93 -10.20
C1 A1H8M P . 31.66 26.99 -7.26
C2 A1H8M P . 32.75 27.57 -6.34
C3 A1H8M P . 32.07 29.82 -5.95
C4 A1H8M P . 32.78 29.18 -8.13
N21 A1H8M P . 28.25 28.57 -12.29
N2 A1H8M P . 32.99 28.98 -6.70
O01 A1H8M P . 30.67 30.66 -10.65
O21 A1H8M P . 27.13 28.13 -13.49
O2 A1H8M P . 28.66 28.26 -8.93
O1 A1H8M P . 27.95 27.18 -6.72
O3 A1H8M P . 30.47 27.70 -7.01
O4 A1H8M P . 29.27 25.85 -8.33
P A1H8M P . 29.06 27.21 -7.72
C06 A1H8M P . 31.04 26.87 -16.35
C07 A1H8M P . 31.40 25.52 -15.62
C23 A1H8M Q . 40.43 22.44 -14.73
C22 A1H8M Q . 41.18 22.87 -13.44
C21 A1H8M Q . 40.40 23.74 -12.42
C7 A1H8M Q . 39.11 25.86 -11.78
C5 A1H8M Q . 40.19 27.81 -3.36
C01 A1H8M Q . 38.80 27.20 -12.43
C02 A1H8M Q . 37.91 27.00 -13.67
C03 A1H8M Q . 36.89 27.35 -14.51
C04 A1H8M Q . 35.96 27.19 -15.76
C6 A1H8M Q . 39.95 26.00 -10.49
C1 A1H8M Q . 40.21 27.19 -5.88
C2 A1H8M Q . 41.58 27.35 -5.20
C3 A1H8M Q . 42.52 28.22 -3.12
C4 A1H8M Q . 41.18 29.58 -4.57
N21 A1H8M Q . 39.83 25.06 -12.77
N2 A1H8M Q . 41.39 28.24 -4.05
O01 A1H8M Q . 38.10 28.01 -11.54
O21 A1H8M Q . 40.26 23.33 -11.32
O2 A1H8M Q . 39.78 27.23 -9.81
O1 A1H8M Q . 37.99 28.26 -8.31
O3 A1H8M Q . 40.26 27.79 -7.15
O4 A1H8M Q . 38.60 25.94 -7.81
P A1H8M Q . 39.13 27.29 -8.26
C24 A1H8M Q . 40.37 20.90 -14.92
C25 A1H8M Q . 39.50 20.50 -16.15
C26 A1H8M Q . 39.08 19.00 -16.16
C23 A1H8M R . 19.89 34.32 -14.43
C22 A1H8M R . 19.20 33.67 -13.18
C21 A1H8M R . 20.24 33.15 -12.15
C7 A1H8M R . 20.92 31.53 -10.34
C5 A1H8M R . 26.34 34.67 -9.21
C01 A1H8M R . 21.86 30.57 -11.05
C02 A1H8M R . 21.23 30.08 -12.37
C03 A1H8M R . 21.21 29.36 -13.52
C04 A1H8M R . 20.55 28.88 -14.86
C05 A1H8M R . 21.27 27.57 -15.35
C6 A1H8M R . 20.23 30.82 -9.15
C1 A1H8M R . 24.09 32.54 -7.09
C2 A1H8M R . 24.52 33.78 -7.92
C3 A1H8M R . 25.07 32.81 -10.06
C4 A1H8M R . 26.55 32.50 -8.20
N21 A1H8M R . 19.93 31.99 -11.29
N2 A1H8M R . 25.62 33.43 -8.85
O01 A1H8M R . 23.05 31.25 -11.34
O21 A1H8M R . 21.28 33.70 -12.03
O2 A1H8M R . 21.22 30.10 -8.44
O1 A1H8M R . 21.23 31.74 -6.39
O3 A1H8M R . 23.34 31.67 -7.91
O4 A1H8M R . 22.66 29.75 -6.30
P A1H8M R . 22.10 30.81 -7.22
C23 A1H8M S . 29.52 34.94 -13.79
C22 A1H8M S . 30.64 33.98 -13.28
C21 A1H8M S . 30.55 33.75 -11.76
C7 A1H8M S . 33.04 33.04 -11.52
C5 A1H8M S . 37.56 38.97 -7.56
C6 A1H8M S . 34.04 33.18 -10.38
C1 A1H8M S . 35.00 36.79 -8.36
C2 A1H8M S . 36.36 37.34 -8.86
C3 A1H8M S . 38.54 36.81 -7.99
C4 A1H8M S . 36.69 37.05 -6.49
N21 A1H8M S . 31.71 33.29 -10.97
N2 A1H8M S . 37.29 37.54 -7.74
O21 A1H8M S . 29.52 33.94 -11.21
O2 A1H8M S . 33.28 33.23 -9.19
O1 A1H8M S . 32.32 35.60 -8.73
O3 A1H8M S . 34.83 35.47 -8.84
O4 A1H8M S . 33.49 34.48 -6.88
P A1H8M S . 33.45 34.68 -8.38
C23 A1H8M T . -6.60 34.25 -9.49
C22 A1H8M T . -6.91 34.97 -8.16
C21 A1H8M T . -6.72 34.04 -6.95
C7 A1H8M T . -7.04 31.70 -5.87
C5 A1H8M T . -5.18 37.17 -1.68
C01 A1H8M T . -8.00 30.58 -6.22
C02 A1H8M T . -7.36 29.67 -7.31
C03 A1H8M T . -7.36 28.61 -8.17
C6 A1H8M T . -7.36 32.32 -4.49
C1 A1H8M T . -5.75 34.29 -2.06
C2 A1H8M T . -6.34 35.45 -2.86
C3 A1H8M T . -7.34 37.60 -2.65
C4 A1H8M T . -7.16 36.22 -0.74
N21 A1H8M T . -7.17 32.65 -6.97
N2 A1H8M T . -6.50 36.61 -1.98
O01 A1H8M T . -8.31 29.78 -5.13
O21 A1H8M T . -6.19 34.49 -6.00
O2 A1H8M T . -7.05 31.37 -3.46
O1 A1H8M T . -7.29 31.05 -0.89
O3 A1H8M T . -6.81 33.44 -1.74
O4 A1H8M T . -5.13 31.50 -1.71
P A1H8M T . -6.57 31.82 -1.94
C24 A1H8M T . -6.41 35.24 -10.66
C25 A1H8M T . -5.93 34.53 -11.96
C26 A1H8M T . -5.53 33.05 -11.70
C22 A1H8M U . 2.59 39.16 -10.84
C21 A1H8M U . 3.51 40.00 -9.91
C7 A1H8M U . 4.80 41.45 -8.21
C5 A1H8M U . 8.35 44.79 -2.88
C01 A1H8M U . 5.53 42.75 -8.45
C02 A1H8M U . 5.26 43.23 -9.90
C03 A1H8M U . 5.54 43.30 -11.23
C04 A1H8M U . 6.35 42.93 -12.52
C05 A1H8M U . 7.05 41.55 -12.27
C6 A1H8M U . 5.63 40.63 -7.24
C1 A1H8M U . 7.85 41.31 -4.02
C2 A1H8M U . 8.23 42.38 -2.99
C3 A1H8M U . 6.24 43.67 -2.71
C4 A1H8M U . 7.40 43.76 -4.79
N21 A1H8M U . 4.73 40.67 -9.43
N2 A1H8M U . 7.56 43.64 -3.34
O01 A1H8M U . 5.09 43.72 -7.56
O21 A1H8M U . 4.29 39.69 -10.75
O2 A1H8M U . 4.91 40.48 -6.04
O1 A1H8M U . 4.83 39.07 -3.91
O3 A1H8M U . 6.46 41.08 -3.92
O4 A1H8M U . 6.85 38.97 -5.33
P A1H8M U . 5.77 39.85 -4.77
C06 A1H8M U . 8.35 41.36 -13.11
C07 A1H8M U . 9.41 40.51 -12.33
C23 A1H8M V . 18.20 43.77 -10.35
C22 A1H8M V . 18.38 44.51 -8.99
C21 A1H8M V . 17.12 44.62 -8.08
C7 A1H8M V . 14.73 45.40 -7.63
C5 A1H8M V . 13.48 47.08 0.82
C01 A1H8M V . 13.71 46.29 -8.33
C02 A1H8M V . 13.27 45.64 -9.66
C03 A1H8M V . 12.35 45.32 -10.62
C04 A1H8M V . 11.87 44.67 -11.97
C6 A1H8M V . 15.16 45.97 -6.25
C1 A1H8M V . 14.14 46.77 -1.67
C2 A1H8M V . 15.03 47.72 -0.84
C3 A1H8M V . 14.98 48.87 1.33
C4 A1H8M V . 13.24 49.16 -0.29
N21 A1H8M V . 15.89 45.30 -8.52
N2 A1H8M V . 14.20 48.22 0.27
O01 A1H8M V . 12.57 46.42 -7.54
O21 A1H8M V . 17.17 44.15 -7.00
O2 A1H8M V . 14.17 46.77 -5.62
O1 A1H8M V . 12.00 46.34 -4.36
O3 A1H8M V . 13.92 47.36 -2.93
O4 A1H8M V . 13.90 44.92 -3.75
P A1H8M V . 13.49 46.32 -4.16
C24 A1H8M V . 19.16 42.56 -10.52
C25 A1H8M V . 18.86 41.78 -11.84
C26 A1H8M V . 19.49 40.36 -11.87
C23 A1H8M W . -5.11 39.95 -12.61
C22 A1H8M W . -5.34 38.94 -11.44
C21 A1H8M W . -4.32 39.13 -10.29
C7 A1H8M W . -2.95 38.20 -8.38
C5 A1H8M W . -0.89 43.99 -6.69
C01 A1H8M W . -1.55 38.11 -8.96
C02 A1H8M W . -1.59 37.40 -10.34
C03 A1H8M W . -1.04 36.91 -11.48
C04 A1H8M W . -1.10 36.19 -12.88
C05 A1H8M W . 0.32 35.66 -13.26
C6 A1H8M W . -3.14 37.15 -7.28
C1 A1H8M W . -1.49 40.79 -4.81
C2 A1H8M W . -1.86 42.07 -5.60
C3 A1H8M W . -0.61 41.81 -7.65
C4 A1H8M W . 0.53 42.39 -5.62
N21 A1H8M W . -3.91 37.99 -9.45
N2 A1H8M W . -0.71 42.56 -6.39
O01 A1H8M W . -1.05 39.39 -9.13
O21 A1H8M W . -3.87 40.21 -10.06
O2 A1H8M W . -2.00 37.17 -6.44
O1 A1H8M W . -3.24 38.31 -4.43
O3 A1H8M W . -1.42 39.69 -5.70
O4 A1H8M W . -0.89 37.69 -4.15
P A1H8M W . -1.91 38.20 -5.14
C23 A1H8M X . 1.82 46.49 -10.88
C22 A1H8M X . 3.23 46.41 -10.23
C21 A1H8M X . 3.16 46.09 -8.72
C7 A1H8M X . 5.49 47.11 -8.19
C5 A1H8M X . 4.80 54.30 -3.85
C6 A1H8M X . 6.07 47.78 -6.94
C1 A1H8M X . 4.30 51.05 -4.89
C2 A1H8M X . 5.05 52.36 -5.24
C3 A1H8M X . 6.97 53.28 -4.12
C4 A1H8M X . 5.24 52.20 -2.84
N21 A1H8M X . 4.26 46.42 -7.80
N2 A1H8M X . 5.52 53.03 -4.02
O21 A1H8M X . 2.19 45.55 -8.30
O2 A1H8M X . 5.32 47.26 -5.85
O1 A1H8M X . 3.04 48.46 -5.55
O3 A1H8M X . 5.05 49.95 -5.36
O4 A1H8M X . 4.47 48.22 -3.56
P A1H8M X . 4.45 48.45 -5.05
C23 A1H8M Y . -25.84 22.85 -10.76
C22 A1H8M Y . -26.69 23.13 -9.48
C21 A1H8M Y . -26.07 22.47 -8.24
C7 A1H8M Y . -24.94 20.39 -7.17
C5 A1H8M Y . -27.40 25.54 -2.88
C01 A1H8M Y . -24.92 18.93 -7.60
C02 A1H8M Y . -23.75 18.70 -8.60
C03 A1H8M Y . -22.99 17.94 -9.43
C6 A1H8M Y . -25.71 20.58 -5.84
C1 A1H8M Y . -25.96 22.98 -3.27
C2 A1H8M Y . -27.08 23.54 -4.15
C3 A1H8M Y . -29.23 24.57 -4.10
C4 A1H8M Y . -28.39 23.49 -2.16
N21 A1H8M Y . -25.53 21.10 -8.29
N2 A1H8M Y . -28.03 24.29 -3.32
O01 A1H8M Y . -24.77 18.05 -6.54
O21 A1H8M Y . -26.04 23.09 -7.24
O2 A1H8M Y . -24.98 19.97 -4.77
O1 A1H8M Y . -25.21 19.42 -2.23
O3 A1H8M Y . -26.26 21.62 -3.06
O4 A1H8M Y . -23.76 21.20 -2.81
P A1H8M Y . -25.03 20.55 -3.21
C24 A1H8M Y . -26.22 23.81 -11.91
C25 A1H8M Y . -25.27 23.64 -13.13
C26 A1H8M Y . -24.06 22.73 -12.81
C22 A1H8M Z . -21.79 32.54 -11.11
C21 A1H8M Z . -21.71 33.72 -10.11
C7 A1H8M Z . -21.82 35.53 -8.29
C5 A1H8M Z . -21.74 40.04 -2.64
C01 A1H8M Z . -22.06 37.02 -8.47
C02 A1H8M Z . -22.43 37.32 -9.94
C03 A1H8M Z . -22.12 37.61 -11.24
C04 A1H8M Z . -21.14 37.92 -12.42
C05 A1H8M Z . -19.75 37.29 -12.07
C6 A1H8M Z . -20.75 35.37 -7.22
C1 A1H8M Z . -19.80 37.11 -3.77
C2 A1H8M Z . -20.30 38.12 -2.72
C3 A1H8M Z . -22.66 37.84 -2.70
C4 A1H8M Z . -21.63 38.76 -4.63
N21 A1H8M Z . -21.25 34.97 -9.49
N2 A1H8M Z . -21.58 38.68 -3.17
O01 A1H8M Z . -23.10 37.43 -7.64
O21 A1H8M Z . -20.84 34.01 -10.84
O2 A1H8M Z . -21.33 34.73 -6.10
O1 A1H8M Z . -20.70 33.46 -3.97
O3 A1H8M Z . -20.72 36.05 -3.83
O4 A1H8M Z . -18.95 34.74 -5.16
P A1H8M Z . -20.39 34.71 -4.74
C06 A1H8M Z . -18.55 38.01 -12.75
C07 A1H8M Z . -17.28 37.98 -11.83
C23 A1H8M AA . -12.81 45.93 -8.92
C22 A1H8M AA . -13.28 46.54 -7.55
C21 A1H8M AA . -14.40 45.78 -6.80
C7 A1H8M AA . -16.78 44.83 -6.64
C5 A1H8M AA . -19.63 44.83 1.59
C01 A1H8M AA . -18.05 44.92 -7.46
C02 A1H8M AA . -17.84 44.23 -8.83
C03 A1H8M AA . -18.25 43.46 -9.88
C04 A1H8M AA . -18.07 42.73 -11.26
C6 A1H8M AA . -16.93 45.46 -5.23
C1 A1H8M AA . -18.67 45.16 -0.81
C2 A1H8M AA . -18.69 46.41 0.11
C3 A1H8M AA . -19.67 47.13 2.23
C4 A1H8M AA . -21.02 46.35 0.42
N21 A1H8M AA . -15.73 45.55 -7.39
N2 A1H8M AA . -19.74 46.20 1.10
O01 A1H8M AA . -19.08 44.25 -6.81
O21 A1H8M AA . -14.17 45.38 -5.70
O2 A1H8M AA . -18.26 45.42 -4.72
O1 A1H8M AA . -19.79 43.64 -3.71
O3 A1H8M AA . -19.10 45.55 -2.10
O4 A1H8M AA . -17.49 43.71 -2.87
P A1H8M AA . -18.64 44.55 -3.35
C24 A1H8M AA . -11.29 45.61 -8.95
C25 A1H8M AA . -10.89 44.91 -10.28
C26 A1H8M AA . -9.51 44.21 -10.21
C23 A1H8M BA . -28.02 28.38 -13.77
C22 A1H8M BA . -27.68 27.39 -12.62
C21 A1H8M BA . -27.14 28.11 -11.36
C7 A1H8M BA . -25.69 28.15 -9.30
C5 A1H8M BA . -27.94 33.82 -7.48
C01 A1H8M BA . -24.49 28.99 -9.71
C02 A1H8M BA . -23.94 28.51 -11.07
C03 A1H8M BA . -23.08 28.54 -12.13
C04 A1H8M BA . -22.53 28.03 -13.52
C05 A1H8M BA . -21.08 28.55 -13.72
C6 A1H8M BA . -25.26 27.14 -8.20
C1 A1H8M BA . -26.55 30.85 -5.62
C2 A1H8M BA . -27.57 31.65 -6.48
C3 A1H8M BA . -26.24 32.36 -8.36
C4 A1H8M BA . -25.94 33.42 -6.23
N21 A1H8M BA . -26.17 27.44 -10.47
N2 A1H8M BA . -26.92 32.80 -7.14
O01 A1H8M BA . -24.90 30.31 -9.84
O21 A1H8M BA . -27.49 29.21 -11.10
O2 A1H8M BA . -24.49 27.82 -7.24
O1 A1H8M BA . -26.37 27.82 -5.40
O3 A1H8M BA . -25.72 30.10 -6.48
O4 A1H8M BA . -24.20 28.79 -4.85
P A1H8M BA . -25.20 28.61 -5.96
C23 A1H8M CA . -27.03 37.71 -11.37
C22 A1H8M CA . -25.97 38.52 -10.56
C21 A1H8M CA . -25.97 38.12 -9.06
C7 A1H8M CA . -24.88 40.35 -8.29
C5 A1H8M CA . -30.40 45.20 -4.16
C6 A1H8M CA . -24.99 41.15 -6.99
C1 A1H8M CA . -28.62 42.44 -5.20
C2 A1H8M CA . -28.84 43.95 -5.49
C3 A1H8M CA . -28.08 45.81 -4.17
C4 A1H8M CA . -28.84 43.81 -3.08
N21 A1H8M CA . -25.43 39.02 -8.02
N2 A1H8M CA . -29.03 44.70 -4.23
O21 A1H8M CA . -26.41 37.07 -8.75
O2 A1H8M CA . -25.34 40.22 -5.98
O1 A1H8M CA . -27.88 39.68 -5.96
O3 A1H8M CA . -27.30 42.09 -5.57
O4 A1H8M CA . -26.83 40.28 -3.81
P A1H8M CA . -26.83 40.54 -5.30
C23 A1H8M DA . -33.25 1.97 -14.03
C22 A1H8M DA . -34.19 1.58 -12.87
C21 A1H8M DA . -33.41 1.38 -11.55
C7 A1H8M DA . -31.34 0.43 -10.32
C5 A1H8M DA . -36.92 2.58 -6.43
C01 A1H8M DA . -30.35 -0.67 -10.73
C02 A1H8M DA . -29.22 -0.04 -11.58
C03 A1H8M DA . -28.07 -0.10 -12.31
C6 A1H8M DA . -32.18 0.00 -9.09
C1 A1H8M DA . -34.15 1.54 -6.61
C2 A1H8M DA . -35.28 1.32 -7.63
C3 A1H8M DA . -37.58 0.75 -7.84
C4 A1H8M DA . -36.46 0.34 -5.79
N21 A1H8M DA . -32.13 0.66 -11.52
N2 A1H8M DA . -36.56 1.26 -6.91
O01 A1H8M DA . -29.79 -1.31 -9.64
O21 A1H8M DA . -33.89 1.81 -10.56
O2 A1H8M DA . -31.34 -0.07 -7.94
O1 A1H8M DA . -31.43 -0.79 -5.44
O3 A1H8M DA . -33.55 0.29 -6.42
O4 A1H8M DA . -31.39 1.54 -5.87
P A1H8M DA . -31.91 0.24 -6.40
C24 A1H8M DA . -34.03 2.55 -15.24
C25 A1H8M DA . -33.07 3.08 -16.34
C26 A1H8M DA . -31.59 3.13 -15.86
C22 A1H8M EA . -36.25 12.04 -14.08
C21 A1H8M EA . -37.05 12.93 -13.09
C7 A1H8M EA . -38.45 14.17 -11.33
C5 A1H8M EA . -41.81 17.35 -5.79
C01 A1H8M EA . -39.57 15.18 -11.56
C02 A1H8M EA . -39.88 15.26 -13.07
C03 A1H8M EA . -39.72 15.76 -14.33
C04 A1H8M EA . -39.04 16.68 -15.39
C05 A1H8M EA . -37.60 17.04 -14.87
C6 A1H8M EA . -37.63 14.65 -10.13
C1 A1H8M EA . -38.35 16.38 -6.64
C2 A1H8M EA . -39.48 16.78 -5.67
C3 A1H8M EA . -41.11 15.06 -5.91
C4 A1H8M EA . -40.71 16.55 -7.72
N21 A1H8M EA . -37.54 14.16 -12.45
N2 A1H8M EA . -40.77 16.44 -6.27
O01 A1H8M EA . -40.71 14.78 -10.87
O21 A1H8M EA . -36.48 13.76 -13.72
O2 A1H8M EA . -37.78 13.72 -9.09
O1 A1H8M EA . -36.71 13.01 -6.88
O3 A1H8M EA . -38.39 14.98 -6.78
O4 A1H8M EA . -36.07 15.18 -7.87
P A1H8M EA . -37.20 14.22 -7.62
C06 A1H8M EA . -37.08 18.41 -15.42
C07 A1H8M EA . -36.17 19.14 -14.37
C23 A1H8M FA . -38.09 27.93 -11.09
C22 A1H8M FA . -38.97 28.02 -9.79
C21 A1H8M FA . -39.42 26.67 -9.16
C7 A1H8M FA . -40.65 24.44 -9.26
C5 A1H8M FA . -43.66 22.13 -1.42
C01 A1H8M FA . -41.61 23.74 -10.23
C02 A1H8M FA . -40.86 23.42 -11.55
C03 A1H8M FA . -40.58 22.63 -12.63
C04 A1H8M FA . -39.85 22.27 -13.97
C6 A1H8M FA . -41.31 24.74 -7.89
C1 A1H8M FA . -42.90 23.14 -3.69
C2 A1H8M FA . -43.78 24.03 -2.81
C3 A1H8M FA . -45.21 23.85 -0.82
C4 A1H8M FA . -45.58 22.50 -2.77
N21 A1H8M FA . -40.23 25.69 -9.90
N2 A1H8M FA . -44.57 23.15 -1.94
O01 A1H8M FA . -42.03 22.53 -9.69
O21 A1H8M FA . -39.10 26.45 -8.04
O2 A1H8M FA . -42.36 23.84 -7.54
O1 A1H8M FA . -42.50 21.43 -6.69
O3 A1H8M FA . -43.34 23.24 -5.03
O4 A1H8M FA . -40.85 22.89 -5.58
P A1H8M FA . -42.23 22.83 -6.20
C24 A1H8M FA . -36.71 28.64 -10.94
C25 A1H8M FA . -35.83 28.43 -12.21
C26 A1H8M FA . -34.33 28.76 -11.97
C23 A1H8M GA . -38.12 5.05 -17.37
C22 A1H8M GA . -37.34 4.43 -16.17
C21 A1H8M GA . -37.51 5.25 -14.86
C7 A1H8M GA . -36.63 6.08 -12.65
C5 A1H8M GA . -42.13 8.91 -11.20
C01 A1H8M GA . -36.21 7.51 -12.94
C02 A1H8M GA . -35.34 7.56 -14.21
C03 A1H8M GA . -34.60 8.19 -15.17
C04 A1H8M GA . -33.72 8.23 -16.47
C05 A1H8M GA . -32.91 9.56 -16.52
C6 A1H8M GA . -35.77 5.50 -11.50
C1 A1H8M GA . -39.37 7.40 -9.15
C2 A1H8M GA . -40.57 7.42 -10.13
C3 A1H8M GA . -39.81 8.92 -11.86
C4 A1H8M GA . -40.47 9.80 -9.72
N21 A1H8M GA . -36.43 5.29 -13.86
N2 A1H8M GA . -40.74 8.76 -10.73
O01 A1H8M GA . -37.34 8.27 -13.14
O21 A1H8M GA . -38.50 5.86 -14.67
O2 A1H8M GA . -35.71 6.46 -10.47
O1 A1H8M GA . -37.33 5.15 -8.86
O3 A1H8M GA . -38.17 7.38 -9.89
O4 A1H8M GA . -36.34 7.25 -8.07
P A1H8M GA . -36.88 6.53 -9.29
C23 A1H8M HA . -43.52 12.73 -15.02
C22 A1H8M HA . -43.29 13.97 -14.11
C21 A1H8M HA . -43.19 13.59 -12.61
C7 A1H8M HA . -43.85 15.95 -11.76
C5 A1H8M HA . -51.58 15.95 -8.37
C6 A1H8M HA . -44.58 16.42 -10.50
C1 A1H8M HA . -48.35 15.02 -9.16
C2 A1H8M HA . -49.45 16.06 -9.50
C3 A1H8M HA . -50.17 17.90 -8.12
C4 A1H8M HA . -49.60 15.80 -7.10
N21 A1H8M HA . -43.46 14.55 -11.54
N2 A1H8M HA . -50.20 16.44 -8.28
O21 A1H8M HA . -42.90 12.48 -12.34
O2 A1H8M HA . -44.35 15.42 -9.51
O1 A1H8M HA . -45.96 13.39 -9.77
O3 A1H8M HA . -47.08 15.60 -9.37
O4 A1H8M HA . -45.75 14.39 -7.54
P A1H8M HA . -45.76 14.68 -9.02
C23 A1H8M IA . -25.34 -18.65 -17.79
C22 A1H8M IA . -25.93 -19.62 -16.74
C21 A1H8M IA . -25.34 -19.37 -15.34
C7 A1H8M IA . -23.26 -18.85 -13.86
C5 A1H8M IA . -29.30 -20.96 -10.68
C01 A1H8M IA . -21.77 -19.06 -14.14
C02 A1H8M IA . -21.22 -17.80 -14.86
C03 A1H8M IA . -20.22 -17.08 -15.45
C6 A1H8M IA . -23.76 -19.80 -12.73
C1 A1H8M IA . -26.50 -20.00 -10.52
C2 A1H8M IA . -27.13 -20.82 -11.65
C3 A1H8M IA . -28.51 -22.71 -12.12
C4 A1H8M IA . -27.58 -22.44 -9.95
N21 A1H8M IA . -23.91 -19.11 -15.15
N2 A1H8M IA . -28.13 -21.73 -11.09
O01 A1H8M IA . -21.04 -19.26 -12.98
O21 A1H8M IA . -26.08 -19.39 -14.42
O2 A1H8M IA . -23.19 -19.39 -11.49
O1 A1H8M IA . -23.04 -20.15 -9.00
O3 A1H8M IA . -25.26 -20.60 -10.24
O4 A1H8M IA . -24.44 -18.31 -9.46
P A1H8M IA . -23.98 -19.60 -10.03
C24 A1H8M IA . -26.18 -18.63 -19.09
C25 A1H8M IA . -25.68 -17.55 -20.08
C26 A1H8M IA . -24.63 -16.60 -19.44
C22 A1H8M JA . -34.03 -12.77 -18.35
C21 A1H8M JA . -35.30 -12.64 -17.48
C7 A1H8M JA . -37.33 -12.68 -15.91
C5 A1H8M JA . -42.48 -12.69 -10.84
C01 A1H8M JA . -38.81 -12.59 -16.28
C02 A1H8M JA . -38.96 -12.64 -17.82
C03 A1H8M JA . -39.02 -12.07 -19.06
C04 A1H8M JA . -38.99 -10.86 -20.05
C05 A1H8M JA . -38.17 -9.71 -19.38
C6 A1H8M JA . -37.14 -11.87 -14.63
C1 A1H8M JA . -39.13 -11.19 -11.26
C2 A1H8M JA . -40.35 -11.65 -10.44
C3 A1H8M JA . -40.48 -13.99 -10.85
C4 A1H8M JA . -40.94 -12.48 -12.62
N21 A1H8M JA . -36.53 -12.04 -16.92
N2 A1H8M JA . -41.06 -12.70 -11.18
O01 A1H8M JA . -39.51 -13.66 -15.72
O21 A1H8M JA . -35.33 -11.61 -18.05
O2 A1H8M JA . -36.77 -12.74 -13.60
O1 A1H8M JA . -35.70 -12.74 -11.27
O3 A1H8M JA . -38.25 -12.29 -11.40
O4 A1H8M JA . -36.49 -10.61 -12.22
P A1H8M JA . -36.78 -12.07 -12.08
C06 A1H8M JA . -38.57 -8.28 -19.88
C07 A1H8M JA . -38.44 -7.21 -18.74
C23 A1H8M KA . -45.82 -1.84 -15.84
C22 A1H8M KA . -46.67 -2.40 -14.67
C21 A1H8M KA . -46.23 -3.76 -14.07
C7 A1H8M KA . -45.75 -6.27 -14.28
C5 A1H8M KA . -47.37 -10.42 -6.80
C01 A1H8M KA . -45.94 -7.35 -15.33
C02 A1H8M KA . -45.04 -7.04 -16.56
C03 A1H8M KA . -44.22 -7.41 -17.58
C04 A1H8M KA . -43.29 -7.16 -18.82
C6 A1H8M KA . -46.58 -6.53 -13.00
C1 A1H8M KA . -47.20 -9.02 -8.98
C2 A1H8M KA . -48.54 -8.95 -8.23
C3 A1H8M KA . -49.71 -10.11 -6.41
C4 A1H8M KA . -48.93 -11.26 -8.36
N21 A1H8M KA . -46.16 -4.99 -14.88
N2 A1H8M KA . -48.65 -10.17 -7.43
O01 A1H8M KA . -45.56 -8.57 -14.83
O21 A1H8M KA . -45.95 -3.80 -12.92
O2 A1H8M KA . -46.85 -7.91 -12.76
O1 A1H8M KA . -45.50 -9.91 -11.88
O3 A1H8M KA . -47.47 -9.13 -10.36
O4 A1H8M KA . -45.28 -7.81 -10.62
P A1H8M KA . -46.25 -8.69 -11.40
C24 A1H8M KA . -45.23 -0.42 -15.56
C25 A1H8M KA . -44.30 0.05 -16.71
C26 A1H8M KA . -43.38 1.25 -16.31
C23 A1H8M LA . -30.70 -19.15 -21.72
C22 A1H8M LA . -29.82 -19.21 -20.43
C21 A1H8M LA . -30.61 -18.75 -19.16
C7 A1H8M LA . -30.66 -17.70 -16.88
C5 A1H8M LA . -36.83 -19.08 -16.12
C01 A1H8M LA . -31.23 -16.31 -17.14
C02 A1H8M LA . -30.47 -15.64 -18.30
C03 A1H8M LA . -30.21 -14.63 -19.19
C04 A1H8M LA . -29.44 -13.97 -20.37
C05 A1H8M LA . -29.65 -12.42 -20.36
C6 A1H8M LA . -29.76 -17.68 -15.63
C1 A1H8M LA . -33.96 -18.63 -13.74
C2 A1H8M LA . -34.80 -19.31 -14.85
C3 A1H8M LA . -35.00 -17.57 -16.51
C4 A1H8M LA . -36.27 -17.43 -14.47
N21 A1H8M LA . -29.90 -18.11 -18.04
N2 A1H8M LA . -35.73 -18.34 -15.48
O01 A1H8M LA . -32.57 -16.42 -17.48
O21 A1H8M LA . -31.78 -18.93 -19.10
O2 A1H8M LA . -30.43 -16.95 -14.61
O1 A1H8M LA . -31.00 -19.08 -13.17
O3 A1H8M LA . -32.96 -17.83 -14.34
O4 A1H8M LA . -31.65 -16.89 -12.31
P A1H8M LA . -31.50 -17.71 -13.57
C23 A1H8M MA . -39.95 -16.76 -20.13
C22 A1H8M MA . -40.65 -15.72 -19.22
C21 A1H8M MA . -40.47 -16.05 -17.72
C7 A1H8M MA . -42.57 -14.69 -16.98
C5 A1H8M MA . -48.83 -19.78 -14.51
C6 A1H8M MA . -43.55 -14.86 -15.81
C1 A1H8M MA . -45.68 -18.42 -14.91
C2 A1H8M MA . -47.15 -18.29 -15.38
C3 A1H8M MA . -49.00 -17.41 -14.14
C4 A1H8M MA . -47.34 -18.72 -13.01
N21 A1H8M MA . -41.40 -15.53 -16.70
N2 A1H8M MA . -48.08 -18.54 -14.27
O21 A1H8M MA . -39.57 -16.73 -17.39
O2 A1H8M MA . -42.84 -15.55 -14.81
O1 A1H8M MA . -42.75 -18.12 -15.21
O3 A1H8M MA . -45.06 -17.15 -14.98
O4 A1H8M MA . -43.45 -17.35 -12.99
P A1H8M MA . -43.50 -17.05 -14.47
C23 A1H8M NA . -5.80 -29.35 -20.28
C22 A1H8M NA . -5.75 -30.54 -19.28
C21 A1H8M NA . -5.60 -30.06 -17.82
C7 A1H8M NA . -4.48 -28.43 -16.13
C5 A1H8M NA . -8.09 -34.07 -13.63
C01 A1H8M NA . -3.18 -27.63 -16.23
C02 A1H8M NA . -3.47 -26.27 -16.91
C03 A1H8M NA . -3.13 -25.05 -17.39
C6 A1H8M NA . -4.38 -29.55 -15.04
C1 A1H8M NA . -6.56 -31.57 -13.16
C2 A1H8M NA . -6.41 -32.53 -14.35
C3 A1H8M NA . -6.22 -34.83 -14.94
C4 A1H8M NA . -5.90 -34.17 -12.69
N21 A1H8M NA . -4.69 -28.96 -17.48
N2 A1H8M NA . -6.66 -33.90 -13.89
O01 A1H8M NA . -2.61 -27.40 -15.00
O21 A1H8M NA . -6.24 -30.60 -17.00
O2 A1H8M NA . -4.33 -28.95 -13.76
O1 A1H8M NA . -3.97 -29.59 -11.26
O3 A1H8M NA . -5.26 -31.27 -12.74
O4 A1H8M NA . -6.17 -29.02 -11.90
P A1H8M NA . -4.93 -29.69 -12.40
C24 A1H8M NA . -6.34 -29.79 -21.66
C25 A1H8M NA . -6.55 -28.58 -22.61
C26 A1H8M NA . -6.41 -27.22 -21.86
C22 A1H8M OA . -16.15 -30.27 -21.93
C21 A1H8M OA . -17.29 -31.02 -21.20
C7 A1H8M OA . -18.98 -32.43 -19.89
C5 A1H8M OA . -23.42 -36.01 -15.45
C01 A1H8M OA . -20.13 -33.28 -20.43
C02 A1H8M OA . -20.06 -33.31 -21.97
C03 A1H8M OA . -20.34 -32.84 -23.22
C04 A1H8M OA . -20.99 -31.82 -24.22
C05 A1H8M OA . -21.16 -30.46 -23.48
C6 A1H8M OA . -19.47 -31.76 -18.61
C1 A1H8M OA . -21.76 -32.70 -15.50
C2 A1H8M OA . -22.49 -33.88 -14.81
C3 A1H8M OA . -21.06 -35.74 -15.20
C4 A1H8M OA . -22.19 -34.77 -17.04
N21 A1H8M OA . -18.66 -31.37 -20.80
N2 A1H8M OA . -22.29 -35.09 -15.62
O01 A1H8M OA . -20.04 -34.57 -19.93
O21 A1H8M OA . -17.91 -30.21 -21.80
O2 A1H8M OA . -18.74 -32.26 -17.52
O1 A1H8M OA . -18.15 -31.74 -15.09
O3 A1H8M OA . -20.38 -32.99 -15.52
O4 A1H8M OA . -20.02 -30.53 -16.16
P A1H8M OA . -19.31 -31.85 -16.03
C06 A1H8M OA . -22.32 -29.58 -24.05
C07 A1H8M OA . -23.02 -28.74 -22.92
C23 A1H8M PA . -32.37 -29.43 -20.98
C22 A1H8M PA . -32.79 -30.47 -19.90
C21 A1H8M PA . -31.64 -31.28 -19.23
C7 A1H8M PA . -29.66 -32.89 -19.34
C5 A1H8M PA . -29.01 -37.58 -12.02
C01 A1H8M PA . -29.02 -33.79 -20.39
C02 A1H8M PA . -28.40 -32.91 -21.51
C03 A1H8M PA . -27.44 -32.61 -22.43
C04 A1H8M PA . -26.76 -31.76 -23.55
C6 A1H8M PA . -30.26 -33.71 -18.16
C1 A1H8M PA . -29.54 -36.26 -14.20
C2 A1H8M PA . -30.70 -37.10 -13.59
C3 A1H8M PA . -31.03 -38.84 -11.92
C4 A1H8M PA . -29.52 -39.13 -13.75
N21 A1H8M PA . -30.72 -32.13 -20.00
N2 A1H8M PA . -30.08 -38.17 -12.81
O01 A1H8M PA . -27.99 -34.52 -19.83
O21 A1H8M PA . -31.51 -31.21 -18.06
O2 A1H8M PA . -29.61 -34.96 -17.92
O1 A1H8M PA . -27.41 -35.70 -16.87
O3 A1H8M PA . -29.55 -36.44 -15.60
O4 A1H8M PA . -28.69 -34.01 -15.63
P A1H8M PA . -28.79 -35.25 -16.49
C24 A1H8M PA . -32.85 -27.97 -20.65
C25 A1H8M PA . -32.31 -26.96 -21.70
C26 A1H8M PA . -32.41 -25.48 -21.21
C23 A1H8M QA . -9.21 -32.89 -24.79
C22 A1H8M QA . -8.63 -32.46 -23.41
C21 A1H8M QA . -9.65 -32.68 -22.24
C7 A1H8M QA . -10.59 -32.04 -20.00
C5 A1H8M QA . -14.52 -37.04 -19.93
C01 A1H8M QA . -11.88 -31.31 -20.34
C02 A1H8M QA . -11.60 -30.24 -21.43
C03 A1H8M QA . -11.96 -29.24 -22.29
C04 A1H8M QA . -11.66 -28.17 -23.39
C05 A1H8M QA . -12.81 -27.11 -23.42
C6 A1H8M QA . -10.03 -31.53 -18.65
C1 A1H8M QA . -12.84 -35.03 -17.24
C2 A1H8M QA . -12.94 -36.02 -18.43
C3 A1H8M QA . -14.03 -34.70 -20.12
C4 A1H8M QA . -15.30 -35.52 -18.25
N21 A1H8M QA . -9.62 -31.81 -21.06
N2 A1H8M QA . -14.20 -35.82 -19.17
O01 A1H8M QA . -12.80 -32.22 -20.84
O21 A1H8M QA . -10.43 -33.56 -22.31
O2 A1H8M QA . -11.10 -31.45 -17.73
O1 A1H8M QA . -10.33 -33.54 -16.34
O3 A1H8M QA . -12.52 -33.74 -17.73
O4 A1H8M QA . -12.31 -32.30 -15.59
P A1H8M QA . -11.54 -32.77 -16.81
C23 A1H8M RA . -17.97 -37.00 -24.31
C22 A1H8M RA . -19.26 -36.68 -23.51
C21 A1H8M RA . -19.07 -36.91 -21.99
C7 A1H8M RA . -21.60 -37.23 -21.52
C5 A1H8M RA . -23.43 -45.27 -19.70
C6 A1H8M RA . -22.36 -38.05 -20.47
C1 A1H8M RA . -21.84 -42.20 -19.76
C2 A1H8M RA . -22.99 -43.00 -20.40
C3 A1H8M RA . -25.10 -43.56 -19.39
C4 A1H8M RA . -23.10 -43.60 -18.05
N21 A1H8M RA . -20.21 -37.16 -21.08
N2 A1H8M RA . -23.65 -43.86 -19.39
O21 A1H8M RA . -17.98 -36.89 -21.55
O2 A1H8M RA . -21.48 -38.20 -19.38
O1 A1H8M RA . -19.75 -40.10 -19.73
O3 A1H8M RA . -22.16 -40.83 -19.78
O4 A1H8M RA . -20.99 -40.08 -17.61
P A1H8M RA . -21.07 -39.79 -19.09
C23 A1H8M SA . 16.19 -25.12 -20.32
C22 A1H8M SA . 16.88 -26.07 -19.31
C21 A1H8M SA . 16.55 -25.69 -17.85
C7 A1H8M SA . 16.22 -23.83 -16.07
C5 A1H8M SA . 16.77 -30.61 -13.90
C01 A1H8M SA . 16.70 -22.38 -16.03
C02 A1H8M SA . 15.68 -21.47 -16.76
C03 A1H8M SA . 15.23 -20.27 -17.22
C6 A1H8M SA . 16.88 -24.69 -14.96
C1 A1H8M SA . 16.31 -27.74 -13.30
C2 A1H8M SA . 17.16 -28.31 -14.45
C3 A1H8M SA . 18.80 -29.95 -14.98
C4 A1H8M SA . 18.42 -29.37 -12.72
N21 A1H8M SA . 16.52 -24.28 -17.42
N2 A1H8M SA . 17.79 -29.56 -14.01
O01 A1H8M SA . 16.87 -21.91 -14.74
O21 A1H8M SA . 16.31 -26.56 -17.10
O2 A1H8M SA . 16.41 -24.27 -13.68
O1 A1H8M SA . 16.85 -24.69 -11.15
O3 A1H8M SA . 17.06 -26.71 -12.74
O4 A1H8M SA . 14.86 -25.61 -12.05
P A1H8M SA . 16.29 -25.31 -12.39
C24 A1H8M SA . 16.19 -25.72 -21.75
C25 A1H8M SA . 15.35 -24.85 -22.74
C26 A1H8M SA . 14.53 -23.76 -21.99
C22 A1H8M TA . 9.00 -32.27 -23.14
C21 A1H8M TA . 8.54 -33.62 -22.53
C7 A1H8M TA . 8.01 -35.86 -21.40
C5 A1H8M TA . 6.42 -41.69 -17.44
C01 A1H8M TA . 7.72 -37.20 -22.05
C02 A1H8M TA . 7.95 -37.09 -23.58
C03 A1H8M TA . 7.55 -36.83 -24.86
C04 A1H8M TA . 6.51 -36.39 -25.94
C05 A1H8M TA . 5.44 -35.49 -25.25
C6 A1H8M TA . 7.08 -35.72 -20.20
C1 A1H8M TA . 5.61 -38.09 -17.36
C2 A1H8M TA . 5.73 -39.49 -16.74
C3 A1H8M TA . 8.05 -40.01 -16.93
C4 A1H8M TA . 6.74 -39.87 -18.90
N21 A1H8M TA . 7.67 -34.78 -22.29
N2 A1H8M TA . 6.73 -40.26 -17.49
O01 A1H8M TA . 8.55 -38.18 -21.53
O21 A1H8M TA . 7.61 -33.35 -23.22
O2 A1H8M TA . 7.85 -35.71 -19.03
O1 A1H8M TA . 7.72 -35.09 -16.55
O3 A1H8M TA . 6.85 -37.43 -17.21
O4 A1H8M TA . 5.63 -35.27 -17.85
P A1H8M TA . 6.99 -35.84 -17.62
C06 A1H8M TA . 4.05 -35.52 -25.97
C07 A1H8M TA . 2.87 -35.38 -24.94
C23 A1H8M UA . -4.06 -41.93 -24.07
C22 A1H8M UA . -3.82 -43.06 -23.03
C21 A1H8M UA . -2.49 -43.00 -22.23
C7 A1H8M UA . 0.05 -43.00 -22.08
C5 A1H8M UA . 2.81 -46.65 -14.65
C01 A1H8M UA . 1.22 -43.21 -23.03
C02 A1H8M UA . 1.25 -42.07 -24.09
C03 A1H8M UA . 1.90 -41.18 -24.89
C04 A1H8M UA . 1.97 -40.04 -25.95
C6 A1H8M UA . 0.00 -44.08 -20.96
C1 A1H8M UA . 1.78 -45.83 -16.91
C2 A1H8M UA . 1.36 -47.25 -16.42
C3 A1H8M UA . 2.05 -48.91 -14.77
C4 A1H8M UA . 3.57 -48.06 -16.40
N21 A1H8M UA . -1.17 -43.04 -22.87
N2 A1H8M UA . 2.43 -47.73 -15.55
O01 A1H8M UA . 2.43 -43.17 -22.34
O21 A1H8M UA . -2.56 -42.94 -21.05
O2 A1H8M UA . 1.27 -44.64 -20.62
O1 A1H8M UA . 3.33 -43.88 -19.32
O3 A1H8M UA . 2.03 -45.89 -18.29
O4 A1H8M UA . 1.16 -43.47 -18.26
P A1H8M UA . 1.94 -44.45 -19.11
C24 A1H8M UA . -5.38 -41.13 -23.83
C25 A1H8M UA . -5.51 -39.94 -24.82
C26 A1H8M UA . -6.57 -38.89 -24.37
C23 A1H8M VA . 16.27 -29.73 -25.14
C22 A1H8M VA . 16.30 -29.12 -23.70
C21 A1H8M VA . 15.55 -30.00 -22.66
C7 A1H8M VA . 14.19 -30.25 -20.55
C5 A1H8M VA . 14.36 -36.60 -20.85
C01 A1H8M VA . 12.78 -30.47 -21.05
C02 A1H8M VA . 12.41 -29.40 -22.11
C03 A1H8M VA . 11.60 -28.81 -23.03
C04 A1H8M VA . 11.26 -27.72 -24.10
C05 A1H8M VA . 9.70 -27.63 -24.29
C6 A1H8M VA . 14.17 -29.58 -19.16
C1 A1H8M VA . 14.10 -34.14 -18.02
C2 A1H8M VA . 14.77 -34.90 -19.20
C3 A1H8M VA . 13.27 -34.47 -21.02
C4 A1H8M VA . 12.62 -36.01 -19.30
N21 A1H8M VA . 14.89 -29.39 -21.50
N2 A1H8M VA . 13.76 -35.49 -20.09
O01 A1H8M VA . 12.70 -31.73 -21.64
O21 A1H8M VA . 15.51 -31.18 -22.81
O2 A1H8M VA . 13.20 -30.25 -18.37
O1 A1H8M VA . 14.99 -31.46 -16.86
O3 A1H8M VA . 13.58 -32.91 -18.50
O4 A1H8M VA . 12.62 -31.80 -16.37
P A1H8M VA . 13.61 -31.59 -17.48
C23 A1H8M WA . 12.11 -38.47 -25.60
C22 A1H8M WA . 10.85 -39.10 -24.96
C21 A1H8M WA . 10.99 -39.24 -23.43
C7 A1H8M WA . 9.20 -41.13 -23.25
C5 A1H8M WA . 12.73 -48.59 -21.51
C6 A1H8M WA . 9.04 -42.30 -22.27
C1 A1H8M WA . 12.01 -45.22 -21.44
C2 A1H8M WA . 11.69 -46.52 -22.19
C3 A1H8M WA . 10.34 -48.36 -21.42
C4 A1H8M WA . 11.75 -47.20 -19.87
N21 A1H8M WA . 10.19 -40.21 -22.65
N2 A1H8M WA . 11.62 -47.67 -21.25
O21 A1H8M WA . 11.77 -38.56 -22.86
O2 A1H8M WA . 9.69 -41.91 -21.08
O1 A1H8M WA . 12.26 -42.28 -21.20
O3 A1H8M WA . 10.89 -44.36 -21.52
O4 A1H8M WA . 11.10 -43.17 -19.24
P A1H8M WA . 10.99 -42.92 -20.73
C23 A1H8M XA . 30.36 -7.95 -17.91
C22 A1H8M XA . 31.39 -8.30 -16.81
C21 A1H8M XA . 30.75 -8.31 -15.41
C7 A1H8M XA . 29.15 -7.19 -13.70
C5 A1H8M XA . 33.67 -12.21 -11.38
C01 A1H8M XA . 28.61 -5.76 -13.63
C02 A1H8M XA . 27.31 -5.66 -14.48
C03 A1H8M XA . 26.25 -5.00 -15.02
C6 A1H8M XA . 30.09 -7.49 -12.52
C1 A1H8M XA . 31.42 -10.32 -10.89
C2 A1H8M XA . 32.55 -10.16 -11.92
C3 A1H8M XA . 34.90 -10.34 -12.22
C4 A1H8M XA . 34.01 -10.28 -10.03
N21 A1H8M XA . 29.80 -7.27 -15.00
N2 A1H8M XA . 33.78 -10.75 -11.38
O01 A1H8M XA . 28.30 -5.37 -12.34
O21 A1H8M XA . 31.05 -9.17 -14.67
O2 A1H8M XA . 29.35 -7.54 -11.30
O1 A1H8M XA . 29.69 -7.75 -8.73
O3 A1H8M XA . 31.30 -9.07 -10.25
O4 A1H8M XA . 28.84 -9.65 -9.84
P A1H8M XA . 29.78 -8.51 -10.02
C24 A1H8M XA . 30.89 -8.32 -19.32
C25 A1H8M XA . 29.80 -8.12 -20.40
C26 A1H8M XA . 28.39 -7.85 -19.79
C22 A1H8M YA . 29.68 -17.83 -21.42
C21 A1H8M YA . 30.12 -19.21 -20.84
C7 A1H8M YA . 31.02 -21.35 -19.74
C5 A1H8M YA . 33.12 -27.09 -15.89
C01 A1H8M YA . 31.71 -22.53 -20.40
C02 A1H8M YA . 31.97 -22.21 -21.89
C03 A1H8M YA . 31.63 -22.17 -23.21
C04 A1H8M YA . 30.67 -22.43 -24.42
C05 A1H8M YA . 29.20 -22.45 -23.86
C6 A1H8M YA . 30.10 -21.91 -18.66
C1 A1H8M YA . 30.19 -24.83 -15.97
C2 A1H8M YA . 31.12 -25.87 -15.32
C3 A1H8M YA . 33.25 -24.80 -15.23
C4 A1H8M YA . 32.34 -25.40 -17.34
N21 A1H8M YA . 30.16 -20.68 -20.68
N2 A1H8M YA . 32.45 -25.79 -15.94
O01 A1H8M YA . 32.92 -22.79 -19.77
O21 A1H8M YA . 29.30 -19.55 -21.63
O2 A1H8M YA . 30.57 -21.48 -17.40
O1 A1H8M YA . 29.82 -21.22 -14.97
O3 A1H8M YA . 30.72 -23.55 -15.69
O4 A1H8M YA . 28.47 -22.61 -16.50
P A1H8M YA . 29.86 -22.21 -16.10
C06 A1H8M YA . 28.23 -23.31 -24.74
C07 A1H8M YA . 27.13 -24.00 -23.85
C23 A1H8M ZA . 25.89 -33.51 -23.68
C22 A1H8M ZA . 26.69 -34.30 -22.60
C21 A1H8M ZA . 27.59 -33.45 -21.65
C7 A1H8M ZA . 29.53 -31.84 -21.21
C5 A1H8M ZA . 33.21 -33.38 -13.46
C01 A1H8M ZA . 30.65 -31.23 -22.02
C02 A1H8M ZA . 30.06 -30.26 -23.08
C03 A1H8M ZA . 30.06 -29.12 -23.82
C04 A1H8M ZA . 29.50 -28.11 -24.88
C6 A1H8M ZA . 30.06 -32.78 -20.09
C1 A1H8M ZA . 32.13 -33.26 -15.83
C2 A1H8M ZA . 32.65 -34.65 -15.37
C3 A1H8M ZA . 34.08 -35.59 -13.62
C4 A1H8M ZA . 34.87 -33.88 -15.08
N21 A1H8M ZA . 28.69 -32.61 -22.13
N2 A1H8M ZA . 33.71 -34.40 -14.38
O01 A1H8M ZA . 31.48 -30.47 -21.20
O21 A1H8M ZA . 27.38 -33.52 -20.49
O2 A1H8M ZA . 31.36 -32.44 -19.60
O1 A1H8M ZA . 32.32 -30.64 -18.08
O3 A1H8M ZA . 32.49 -33.07 -17.18
O4 A1H8M ZA . 30.29 -31.75 -17.29
P A1H8M ZA . 31.59 -31.95 -18.02
C24 A1H8M ZA . 24.36 -33.73 -23.61
C25 A1H8M ZA . 23.59 -32.84 -24.63
C26 A1H8M ZA . 22.07 -32.72 -24.32
C23 A1H8M AB . 33.83 -11.17 -22.60
C22 A1H8M AB . 33.33 -10.77 -21.19
C21 A1H8M AB . 33.21 -11.98 -20.22
C7 A1H8M AB . 32.11 -13.15 -18.28
C5 A1H8M AB . 36.30 -17.94 -18.45
C01 A1H8M AB . 31.22 -14.18 -18.94
C02 A1H8M AB . 30.38 -13.53 -20.05
C03 A1H8M AB . 29.46 -13.53 -21.07
C04 A1H8M AB . 28.61 -12.85 -22.19
C05 A1H8M AB . 27.38 -13.74 -22.55
C6 A1H8M AB . 31.53 -12.74 -16.91
C1 A1H8M AB . 34.25 -16.37 -15.71
C2 A1H8M AB . 35.37 -16.45 -16.79
C3 A1H8M AB . 34.13 -16.97 -18.79
C4 A1H8M AB . 34.45 -18.67 -17.12
N21 A1H8M AB . 32.19 -11.99 -19.15
N2 A1H8M AB . 35.05 -17.51 -17.78
O01 A1H8M AB . 32.02 -15.18 -19.50
O21 A1H8M AB . 33.93 -12.90 -20.35
O2 A1H8M AB . 31.14 -13.91 -16.23
O1 A1H8M AB . 33.12 -13.81 -14.50
O3 A1H8M AB . 33.13 -15.73 -16.27
O4 A1H8M AB . 31.47 -15.60 -14.28
P A1H8M AB . 32.23 -14.75 -15.28
C23 A1H8M BB . 36.24 -20.51 -23.39
C22 A1H8M BB . 35.61 -21.85 -22.90
C21 A1H8M BB . 35.66 -21.96 -21.36
C7 A1H8M BB . 35.46 -24.55 -21.35
C5 A1H8M BB . 42.73 -28.19 -19.10
C6 A1H8M BB . 35.99 -25.62 -20.38
C1 A1H8M BB . 40.02 -26.04 -19.16
C2 A1H8M BB . 40.69 -27.21 -19.93
C3 A1H8M BB . 40.74 -29.53 -19.29
C4 A1H8M BB . 40.94 -27.83 -17.60
N21 A1H8M BB . 35.58 -23.26 -20.66
N2 A1H8M BB . 41.27 -28.20 -18.98
O21 A1H8M BB . 35.76 -20.97 -20.71
O2 A1H8M BB . 36.12 -24.98 -19.13
O1 A1H8M BB . 38.34 -23.62 -18.95
O3 A1H8M BB . 38.64 -26.08 -19.39
O4 A1H8M BB . 37.82 -25.18 -17.12
P A1H8M BB . 37.72 -24.95 -18.61
#